data_2MZZ
#
_entry.id   2MZZ
#
loop_
_entity.id
_entity.type
_entity.pdbx_description
1 polymer 'Apolipoprotein B mRNA-editing enzyme, catalytic polypeptide-like 3G variant'
2 non-polymer 'ZINC ION'
#
_entity_poly.entity_id   1
_entity_poly.type   'polypeptide(L)'
_entity_poly.pdbx_seq_one_letter_code
;MDPDTFSYNFNNRPILSRRNTVWLCYEVKTKGPSRPPLDAKIFRGQVYSEDKYHPEMRFLSLVSKWKLHRDQEYEVTWYI
SWSPCTKCARDMATFLQENTHVTLTIFVARLYYAWDPDYQEALRSLAQAGATIKIMNYDEFQHCWSKFVYSQGAPFQPWD
GLDEHSQALSGRLGEILRHS
;
_entity_poly.pdbx_strand_id   A
#
# COMPACT_ATOMS: atom_id res chain seq x y z
N MET A 1 -7.79 -20.36 6.39
CA MET A 1 -6.43 -20.96 6.57
C MET A 1 -5.55 -20.66 5.35
N ASP A 2 -4.24 -20.61 5.55
CA ASP A 2 -3.27 -20.33 4.44
C ASP A 2 -3.54 -18.95 3.81
N PRO A 3 -2.62 -18.53 2.95
CA PRO A 3 -2.74 -17.20 2.28
C PRO A 3 -3.84 -17.25 1.21
N ASP A 4 -4.84 -16.40 1.33
CA ASP A 4 -5.95 -16.37 0.33
C ASP A 4 -5.73 -15.20 -0.63
N THR A 5 -5.84 -14.01 -0.11
CA THR A 5 -5.65 -12.79 -0.98
C THR A 5 -4.16 -12.47 -1.14
N PHE A 6 -3.34 -12.83 -0.18
CA PHE A 6 -1.87 -12.55 -0.29
C PHE A 6 -1.26 -13.45 -1.38
N SER A 7 -1.55 -14.73 -1.35
CA SER A 7 -1.01 -15.64 -2.41
C SER A 7 -1.63 -15.26 -3.77
N TYR A 8 -2.69 -14.47 -3.76
CA TYR A 8 -3.35 -14.05 -5.02
C TYR A 8 -2.51 -12.99 -5.75
N ASN A 9 -2.08 -11.96 -5.05
CA ASN A 9 -1.29 -10.87 -5.71
C ASN A 9 0.01 -10.56 -4.93
N PHE A 10 -0.06 -10.51 -3.63
CA PHE A 10 1.18 -10.18 -2.82
C PHE A 10 2.34 -11.13 -3.15
N ASN A 11 2.08 -12.30 -3.67
CA ASN A 11 3.19 -13.25 -4.01
C ASN A 11 4.15 -12.61 -5.02
N ASN A 12 5.40 -13.02 -4.99
CA ASN A 12 6.41 -12.44 -5.92
C ASN A 12 6.92 -13.49 -6.92
N ARG A 13 6.83 -14.76 -6.58
CA ARG A 13 7.30 -15.82 -7.52
C ARG A 13 6.17 -16.83 -7.81
N PRO A 14 5.16 -16.37 -8.54
CA PRO A 14 4.01 -17.25 -8.90
C PRO A 14 4.42 -18.28 -9.97
N ILE A 15 3.54 -19.20 -10.27
CA ILE A 15 3.84 -20.25 -11.28
C ILE A 15 4.43 -19.63 -12.56
N LEU A 16 3.75 -18.69 -13.15
CA LEU A 16 4.27 -18.04 -14.39
C LEU A 16 3.65 -16.63 -14.55
N SER A 17 3.69 -15.83 -13.52
CA SER A 17 3.12 -14.44 -13.57
C SER A 17 1.66 -14.47 -14.05
N ARG A 18 1.20 -13.41 -14.70
CA ARG A 18 -0.21 -13.36 -15.20
C ARG A 18 -1.21 -13.53 -14.03
N ARG A 19 -1.00 -12.83 -12.95
CA ARG A 19 -1.93 -12.96 -11.78
C ARG A 19 -1.87 -11.69 -10.92
N ASN A 20 -2.51 -10.63 -11.35
CA ASN A 20 -2.49 -9.35 -10.57
C ASN A 20 -3.80 -8.57 -10.79
N THR A 21 -4.92 -9.25 -10.81
CA THR A 21 -6.23 -8.55 -11.02
C THR A 21 -6.79 -8.08 -9.66
N VAL A 22 -6.11 -7.15 -9.03
CA VAL A 22 -6.59 -6.64 -7.70
C VAL A 22 -6.36 -5.12 -7.60
N TRP A 23 -7.02 -4.46 -6.68
CA TRP A 23 -6.84 -2.99 -6.53
C TRP A 23 -5.68 -2.72 -5.55
N LEU A 24 -5.95 -2.63 -4.26
CA LEU A 24 -4.84 -2.39 -3.29
C LEU A 24 -5.31 -2.67 -1.86
N CYS A 25 -4.50 -3.36 -1.08
CA CYS A 25 -4.88 -3.65 0.33
C CYS A 25 -4.36 -2.53 1.22
N TYR A 26 -5.19 -1.98 2.08
CA TYR A 26 -4.71 -0.87 2.95
C TYR A 26 -5.06 -1.14 4.42
N GLU A 27 -4.25 -0.61 5.30
CA GLU A 27 -4.51 -0.78 6.77
C GLU A 27 -4.59 0.61 7.40
N VAL A 28 -5.63 0.86 8.14
CA VAL A 28 -5.80 2.21 8.76
C VAL A 28 -5.44 2.11 10.25
N LYS A 29 -4.31 2.68 10.62
CA LYS A 29 -3.87 2.64 12.05
C LYS A 29 -3.52 4.05 12.53
N THR A 30 -2.89 4.18 13.67
CA THR A 30 -2.50 5.53 14.15
C THR A 30 -1.06 5.84 13.77
N LYS A 31 -0.64 7.06 13.96
CA LYS A 31 0.75 7.49 13.61
C LYS A 31 1.81 6.42 13.96
N GLY A 32 2.26 6.37 15.19
CA GLY A 32 3.28 5.34 15.57
C GLY A 32 3.58 5.42 17.07
N PRO A 33 2.58 5.10 17.87
CA PRO A 33 2.74 5.13 19.35
C PRO A 33 3.45 3.85 19.83
N SER A 34 3.51 3.64 21.13
CA SER A 34 4.18 2.41 21.67
C SER A 34 3.28 1.19 21.49
N ARG A 35 3.77 0.01 21.82
CA ARG A 35 2.95 -1.23 21.66
C ARG A 35 1.75 -1.20 22.63
N PRO A 36 0.56 -1.17 22.08
CA PRO A 36 -0.66 -1.14 22.91
C PRO A 36 -0.99 -2.54 23.46
N PRO A 37 -1.46 -2.59 24.68
CA PRO A 37 -1.82 -3.88 25.31
C PRO A 37 -3.10 -4.47 24.68
N LEU A 38 -4.00 -3.62 24.24
CA LEU A 38 -5.26 -4.12 23.61
C LEU A 38 -5.04 -4.40 22.11
N ASP A 39 -6.10 -4.57 21.36
CA ASP A 39 -5.96 -4.84 19.89
C ASP A 39 -5.82 -3.54 19.08
N ALA A 40 -5.91 -2.38 19.74
CA ALA A 40 -5.79 -1.08 19.00
C ALA A 40 -6.88 -0.94 17.93
N LYS A 41 -6.74 0.02 17.05
CA LYS A 41 -7.76 0.21 15.98
C LYS A 41 -7.12 0.00 14.59
N ILE A 42 -6.78 -1.22 14.27
CA ILE A 42 -6.15 -1.51 12.95
C ILE A 42 -7.22 -2.02 11.97
N PHE A 43 -7.58 -1.22 10.99
CA PHE A 43 -8.62 -1.68 10.02
C PHE A 43 -7.96 -2.02 8.68
N ARG A 44 -7.99 -3.28 8.31
CA ARG A 44 -7.37 -3.69 7.00
C ARG A 44 -8.48 -4.03 5.99
N GLY A 45 -8.44 -3.41 4.84
CA GLY A 45 -9.49 -3.69 3.81
C GLY A 45 -8.90 -3.55 2.41
N GLN A 46 -9.76 -3.36 1.43
CA GLN A 46 -9.29 -3.22 0.01
C GLN A 46 -10.28 -2.34 -0.76
N VAL A 47 -10.23 -2.36 -2.08
CA VAL A 47 -11.17 -1.53 -2.89
C VAL A 47 -12.28 -2.42 -3.48
N TYR A 48 -11.90 -3.57 -4.01
CA TYR A 48 -12.90 -4.52 -4.61
C TYR A 48 -13.73 -3.83 -5.71
N SER A 49 -14.79 -4.47 -6.15
CA SER A 49 -15.65 -3.86 -7.22
C SER A 49 -16.88 -3.21 -6.59
N GLU A 50 -16.73 -2.58 -5.45
CA GLU A 50 -17.88 -1.91 -4.77
C GLU A 50 -17.84 -0.40 -5.03
N ASP A 51 -16.70 0.21 -4.81
CA ASP A 51 -16.56 1.68 -5.05
C ASP A 51 -15.79 1.94 -6.35
N LYS A 52 -16.35 2.73 -7.24
CA LYS A 52 -15.64 3.03 -8.51
C LYS A 52 -14.32 3.75 -8.25
N TYR A 53 -14.27 4.60 -7.25
CA TYR A 53 -13.01 5.33 -6.92
C TYR A 53 -12.12 4.46 -6.03
N HIS A 54 -10.82 4.65 -6.13
CA HIS A 54 -9.89 3.88 -5.24
C HIS A 54 -10.02 4.48 -3.83
N PRO A 55 -9.14 4.13 -2.92
CA PRO A 55 -9.25 4.69 -1.54
C PRO A 55 -8.78 6.17 -1.48
N GLU A 56 -8.95 6.93 -2.54
CA GLU A 56 -8.52 8.38 -2.51
C GLU A 56 -9.45 9.19 -1.61
N MET A 57 -10.69 9.33 -2.00
CA MET A 57 -11.66 10.12 -1.19
C MET A 57 -12.67 9.21 -0.47
N ARG A 58 -13.18 8.18 -1.11
CA ARG A 58 -14.17 7.28 -0.43
C ARG A 58 -13.55 6.61 0.81
N PHE A 59 -12.24 6.52 0.89
CA PHE A 59 -11.59 5.91 2.09
C PHE A 59 -11.82 6.80 3.32
N LEU A 60 -11.93 8.10 3.11
CA LEU A 60 -12.16 9.04 4.25
C LEU A 60 -13.46 8.72 4.98
N SER A 61 -14.45 8.22 4.28
CA SER A 61 -15.75 7.88 4.93
C SER A 61 -15.52 6.86 6.06
N LEU A 62 -14.53 6.02 5.93
CA LEU A 62 -14.22 5.04 7.03
C LEU A 62 -13.61 5.81 8.18
N VAL A 63 -12.75 6.74 7.84
CA VAL A 63 -12.12 7.60 8.89
C VAL A 63 -13.22 8.39 9.59
N SER A 64 -14.25 8.79 8.85
CA SER A 64 -15.38 9.53 9.47
C SER A 64 -16.32 8.54 10.18
N LYS A 65 -16.43 7.34 9.66
CA LYS A 65 -17.31 6.30 10.28
C LYS A 65 -16.77 5.87 11.65
N TRP A 66 -15.47 5.76 11.79
CA TRP A 66 -14.90 5.35 13.10
C TRP A 66 -14.66 6.59 13.97
N LYS A 67 -15.73 7.22 14.42
CA LYS A 67 -15.59 8.45 15.26
C LYS A 67 -15.60 8.10 16.75
N LEU A 68 -15.78 9.08 17.61
CA LEU A 68 -15.80 8.84 19.09
C LEU A 68 -14.47 8.20 19.55
N HIS A 69 -13.38 8.47 18.86
CA HIS A 69 -12.07 7.88 19.25
C HIS A 69 -10.92 8.67 18.59
N ARG A 70 -11.01 9.98 18.60
CA ARG A 70 -9.93 10.80 17.98
C ARG A 70 -8.70 10.87 18.90
N ASP A 71 -7.53 10.60 18.39
CA ASP A 71 -6.30 10.65 19.22
C ASP A 71 -5.43 11.84 18.82
N GLN A 72 -4.84 11.79 17.65
CA GLN A 72 -3.98 12.92 17.18
C GLN A 72 -3.64 12.75 15.69
N GLU A 73 -2.90 11.71 15.35
CA GLU A 73 -2.54 11.47 13.92
C GLU A 73 -2.81 10.02 13.53
N TYR A 74 -3.12 9.78 12.28
CA TYR A 74 -3.42 8.38 11.82
C TYR A 74 -2.48 7.97 10.68
N GLU A 75 -2.05 6.74 10.66
CA GLU A 75 -1.14 6.27 9.57
C GLU A 75 -1.86 5.25 8.68
N VAL A 76 -1.73 5.37 7.38
CA VAL A 76 -2.41 4.40 6.47
C VAL A 76 -1.41 3.76 5.50
N THR A 77 -1.29 2.45 5.50
CA THR A 77 -0.35 1.78 4.54
C THR A 77 -1.16 1.33 3.32
N TRP A 78 -0.66 1.58 2.14
CA TRP A 78 -1.40 1.19 0.91
C TRP A 78 -0.57 0.22 0.05
N TYR A 79 -0.98 -1.03 -0.01
CA TYR A 79 -0.24 -2.04 -0.83
C TYR A 79 -0.85 -2.08 -2.24
N ILE A 80 -0.24 -1.41 -3.18
CA ILE A 80 -0.80 -1.42 -4.57
C ILE A 80 0.14 -2.17 -5.53
N SER A 81 -0.39 -2.67 -6.63
CA SER A 81 0.47 -3.43 -7.59
C SER A 81 0.09 -3.09 -9.05
N TRP A 82 -1.07 -3.50 -9.50
CA TRP A 82 -1.50 -3.21 -10.90
C TRP A 82 -2.95 -2.71 -10.95
N SER A 83 -3.12 -1.42 -11.09
CA SER A 83 -4.50 -0.83 -11.14
C SER A 83 -4.42 0.66 -11.54
N PRO A 84 -5.54 1.37 -11.48
CA PRO A 84 -5.55 2.81 -11.83
C PRO A 84 -5.05 3.68 -10.65
N CYS A 85 -4.16 3.14 -9.84
CA CYS A 85 -3.62 3.92 -8.69
C CYS A 85 -2.62 5.01 -9.15
N THR A 86 -2.43 5.18 -10.45
CA THR A 86 -1.51 6.25 -10.95
C THR A 86 -2.20 7.60 -10.78
N LYS A 87 -3.29 7.81 -11.48
CA LYS A 87 -4.06 9.07 -11.29
C LYS A 87 -4.54 9.09 -9.83
N CYS A 88 -4.82 7.93 -9.29
CA CYS A 88 -5.22 7.84 -7.86
C CYS A 88 -4.09 8.43 -7.02
N ALA A 89 -2.87 8.12 -7.36
CA ALA A 89 -1.68 8.66 -6.62
C ALA A 89 -1.74 10.20 -6.61
N ARG A 90 -2.21 10.80 -7.69
CA ARG A 90 -2.32 12.29 -7.69
C ARG A 90 -3.43 12.68 -6.71
N ASP A 91 -4.53 11.97 -6.76
CA ASP A 91 -5.65 12.23 -5.79
C ASP A 91 -5.20 11.83 -4.38
N MET A 92 -4.21 10.98 -4.27
CA MET A 92 -3.69 10.56 -2.92
C MET A 92 -3.12 11.79 -2.22
N ALA A 93 -2.30 12.54 -2.92
CA ALA A 93 -1.73 13.78 -2.32
C ALA A 93 -2.89 14.70 -1.91
N THR A 94 -4.03 14.59 -2.57
CA THR A 94 -5.20 15.44 -2.20
C THR A 94 -5.80 14.95 -0.87
N PHE A 95 -5.87 13.65 -0.64
CA PHE A 95 -6.42 13.17 0.67
C PHE A 95 -5.40 13.47 1.77
N LEU A 96 -4.14 13.30 1.46
CA LEU A 96 -3.06 13.56 2.46
C LEU A 96 -2.93 15.06 2.73
N GLN A 97 -3.11 15.90 1.73
CA GLN A 97 -3.00 17.38 1.95
C GLN A 97 -4.26 17.91 2.65
N GLU A 98 -5.38 17.26 2.49
CA GLU A 98 -6.63 17.75 3.17
C GLU A 98 -6.68 17.25 4.63
N ASN A 99 -6.01 16.16 4.93
CA ASN A 99 -6.01 15.64 6.33
C ASN A 99 -4.81 16.22 7.11
N THR A 100 -3.64 16.17 6.50
CA THR A 100 -2.36 16.70 7.13
C THR A 100 -1.94 15.87 8.35
N HIS A 101 -2.82 15.63 9.29
CA HIS A 101 -2.45 14.81 10.49
C HIS A 101 -2.42 13.31 10.15
N VAL A 102 -2.51 12.95 8.88
CA VAL A 102 -2.48 11.50 8.51
C VAL A 102 -1.18 11.18 7.76
N THR A 103 -0.66 9.99 7.92
CA THR A 103 0.57 9.61 7.18
C THR A 103 0.18 8.61 6.09
N LEU A 104 0.87 8.64 4.98
CA LEU A 104 0.53 7.75 3.85
C LEU A 104 1.70 6.83 3.51
N THR A 105 1.47 5.55 3.38
CA THR A 105 2.58 4.63 3.02
C THR A 105 2.19 3.90 1.72
N ILE A 106 2.37 4.53 0.59
CA ILE A 106 1.99 3.89 -0.71
C ILE A 106 3.06 2.90 -1.19
N PHE A 107 2.63 1.74 -1.64
CA PHE A 107 3.59 0.71 -2.15
C PHE A 107 3.29 0.43 -3.62
N VAL A 108 4.32 0.21 -4.42
CA VAL A 108 4.08 -0.05 -5.87
C VAL A 108 4.75 -1.37 -6.29
N ALA A 109 4.13 -2.09 -7.20
CA ALA A 109 4.72 -3.38 -7.69
C ALA A 109 5.02 -3.28 -9.19
N ARG A 110 4.03 -2.90 -9.98
CA ARG A 110 4.20 -2.74 -11.45
C ARG A 110 4.56 -4.07 -12.14
N LEU A 111 5.80 -4.52 -12.02
CA LEU A 111 6.22 -5.80 -12.68
C LEU A 111 6.09 -5.70 -14.22
N TYR A 112 5.94 -4.51 -14.74
CA TYR A 112 5.81 -4.32 -16.22
C TYR A 112 6.18 -2.87 -16.57
N TYR A 113 7.42 -2.62 -16.91
CA TYR A 113 7.83 -1.22 -17.24
C TYR A 113 7.45 -0.86 -18.69
N ALA A 114 6.96 0.34 -18.88
CA ALA A 114 6.58 0.79 -20.26
C ALA A 114 7.07 2.23 -20.46
N TRP A 115 6.49 3.18 -19.77
CA TRP A 115 6.92 4.61 -19.90
C TRP A 115 6.18 5.49 -18.87
N ASP A 116 6.72 5.60 -17.69
CA ASP A 116 6.06 6.44 -16.63
C ASP A 116 7.10 7.27 -15.86
N PRO A 117 7.82 8.11 -16.57
CA PRO A 117 8.85 8.96 -15.92
C PRO A 117 8.19 10.04 -15.06
N ASP A 118 7.10 10.61 -15.52
CA ASP A 118 6.40 11.67 -14.71
C ASP A 118 5.63 11.03 -13.55
N TYR A 119 5.18 9.81 -13.71
CA TYR A 119 4.44 9.12 -12.61
C TYR A 119 5.29 9.07 -11.35
N GLN A 120 6.48 8.54 -11.47
CA GLN A 120 7.39 8.45 -10.28
C GLN A 120 7.62 9.84 -9.68
N GLU A 121 7.80 10.85 -10.51
CA GLU A 121 8.01 12.24 -9.97
C GLU A 121 6.73 12.73 -9.29
N ALA A 122 5.58 12.43 -9.85
CA ALA A 122 4.31 12.86 -9.21
C ALA A 122 4.18 12.16 -7.85
N LEU A 123 4.70 10.96 -7.74
CA LEU A 123 4.66 10.25 -6.43
C LEU A 123 5.59 10.99 -5.47
N ARG A 124 6.66 11.59 -5.97
CA ARG A 124 7.56 12.37 -5.08
C ARG A 124 6.77 13.54 -4.50
N SER A 125 5.94 14.16 -5.33
CA SER A 125 5.10 15.30 -4.83
C SER A 125 4.06 14.78 -3.83
N LEU A 126 3.48 13.62 -4.11
CA LEU A 126 2.49 13.04 -3.16
C LEU A 126 3.25 12.69 -1.87
N ALA A 127 4.51 12.35 -1.98
CA ALA A 127 5.34 12.05 -0.77
C ALA A 127 5.67 13.36 -0.02
N GLN A 128 5.78 14.46 -0.73
CA GLN A 128 6.07 15.77 -0.06
C GLN A 128 4.88 16.16 0.82
N ALA A 129 3.69 15.75 0.42
CA ALA A 129 2.47 16.07 1.24
C ALA A 129 2.55 15.34 2.59
N GLY A 130 3.34 14.30 2.67
CA GLY A 130 3.49 13.53 3.94
C GLY A 130 3.22 12.04 3.68
N ALA A 131 3.66 11.53 2.55
CA ALA A 131 3.43 10.09 2.24
C ALA A 131 4.75 9.37 1.95
N THR A 132 4.72 8.06 1.89
CA THR A 132 5.96 7.28 1.61
C THR A 132 5.71 6.38 0.39
N ILE A 133 6.50 6.52 -0.65
CA ILE A 133 6.29 5.67 -1.85
C ILE A 133 7.50 4.73 -2.03
N LYS A 134 7.29 3.46 -1.85
CA LYS A 134 8.40 2.48 -2.02
C LYS A 134 7.89 1.17 -2.62
N ILE A 135 8.70 0.50 -3.39
CA ILE A 135 8.26 -0.79 -4.01
C ILE A 135 7.94 -1.81 -2.92
N MET A 136 7.05 -2.74 -3.20
CA MET A 136 6.68 -3.78 -2.18
C MET A 136 7.95 -4.40 -1.57
N ASN A 137 7.98 -4.55 -0.27
CA ASN A 137 9.19 -5.14 0.39
C ASN A 137 8.83 -6.43 1.10
N TYR A 138 9.81 -7.29 1.32
CA TYR A 138 9.52 -8.56 2.05
C TYR A 138 8.83 -8.21 3.38
N ASP A 139 9.17 -7.06 3.94
CA ASP A 139 8.53 -6.62 5.20
C ASP A 139 7.06 -6.27 4.95
N GLU A 140 6.70 -5.83 3.76
CA GLU A 140 5.26 -5.52 3.51
C GLU A 140 4.48 -6.83 3.43
N PHE A 141 5.06 -7.86 2.84
CA PHE A 141 4.35 -9.18 2.77
C PHE A 141 4.37 -9.82 4.15
N GLN A 142 5.52 -9.85 4.78
CA GLN A 142 5.58 -10.44 6.17
C GLN A 142 4.53 -9.75 7.06
N HIS A 143 4.26 -8.48 6.81
CA HIS A 143 3.23 -7.75 7.61
C HIS A 143 1.85 -8.13 7.08
N CYS A 144 1.61 -7.91 5.80
CA CYS A 144 0.29 -8.25 5.19
C CYS A 144 -0.02 -9.73 5.42
N TRP A 145 0.98 -10.55 5.55
CA TRP A 145 0.76 -12.00 5.81
C TRP A 145 0.06 -12.14 7.17
N SER A 146 0.52 -11.43 8.17
CA SER A 146 -0.13 -11.51 9.51
C SER A 146 -1.46 -10.72 9.49
N LYS A 147 -1.58 -9.73 8.65
CA LYS A 147 -2.84 -8.91 8.58
C LYS A 147 -3.92 -9.58 7.73
N PHE A 148 -3.56 -10.12 6.59
CA PHE A 148 -4.58 -10.74 5.69
C PHE A 148 -4.47 -12.28 5.62
N VAL A 149 -3.30 -12.87 5.78
CA VAL A 149 -3.21 -14.37 5.71
C VAL A 149 -3.54 -14.96 7.08
N TYR A 150 -3.85 -16.23 7.12
CA TYR A 150 -4.17 -16.90 8.41
C TYR A 150 -2.96 -17.72 8.86
N SER A 151 -2.75 -18.87 8.24
CA SER A 151 -1.58 -19.76 8.58
C SER A 151 -1.38 -19.85 10.11
N GLN A 152 -2.45 -19.84 10.88
CA GLN A 152 -2.35 -19.94 12.38
C GLN A 152 -1.44 -18.82 12.96
N GLY A 153 -1.20 -17.77 12.22
CA GLY A 153 -0.34 -16.66 12.74
C GLY A 153 1.13 -17.11 12.71
N ALA A 154 1.55 -17.74 11.64
CA ALA A 154 2.97 -18.21 11.55
C ALA A 154 3.87 -17.10 10.99
N PRO A 155 5.11 -17.10 11.43
CA PRO A 155 6.09 -16.09 10.94
C PRO A 155 6.50 -16.42 9.50
N PHE A 156 5.77 -15.91 8.55
CA PHE A 156 6.07 -16.19 7.12
C PHE A 156 7.39 -15.51 6.69
N GLN A 157 8.33 -16.29 6.22
CA GLN A 157 9.65 -15.74 5.79
C GLN A 157 9.73 -15.65 4.26
N PRO A 158 10.87 -15.23 3.76
CA PRO A 158 11.06 -15.11 2.28
C PRO A 158 11.13 -16.50 1.64
N TRP A 159 10.67 -16.63 0.42
CA TRP A 159 10.69 -17.95 -0.27
C TRP A 159 11.76 -18.01 -1.37
N ASP A 160 11.38 -18.01 -2.64
CA ASP A 160 12.39 -18.10 -3.74
C ASP A 160 13.03 -16.73 -4.05
N GLY A 161 13.40 -15.98 -3.04
CA GLY A 161 14.03 -14.66 -3.27
C GLY A 161 13.00 -13.53 -3.23
N LEU A 162 12.03 -13.60 -2.35
CA LEU A 162 11.01 -12.50 -2.26
C LEU A 162 11.70 -11.18 -1.94
N ASP A 163 12.53 -11.13 -0.93
CA ASP A 163 13.25 -9.87 -0.60
C ASP A 163 14.16 -9.51 -1.77
N GLU A 164 14.65 -10.50 -2.47
CA GLU A 164 15.50 -10.24 -3.66
C GLU A 164 14.63 -9.61 -4.76
N HIS A 165 13.37 -10.01 -4.84
CA HIS A 165 12.47 -9.41 -5.86
C HIS A 165 11.99 -8.04 -5.39
N SER A 166 11.84 -7.84 -4.10
CA SER A 166 11.38 -6.51 -3.59
C SER A 166 12.45 -5.47 -3.88
N GLN A 167 13.70 -5.80 -3.66
CA GLN A 167 14.80 -4.83 -3.96
C GLN A 167 15.04 -4.77 -5.47
N ALA A 168 14.73 -5.83 -6.20
CA ALA A 168 14.92 -5.78 -7.69
C ALA A 168 13.88 -4.83 -8.28
N LEU A 169 12.69 -4.81 -7.71
CA LEU A 169 11.64 -3.88 -8.21
C LEU A 169 11.94 -2.46 -7.71
N SER A 170 12.50 -2.34 -6.51
CA SER A 170 12.84 -0.99 -5.99
C SER A 170 13.88 -0.34 -6.90
N GLY A 171 14.77 -1.12 -7.47
CA GLY A 171 15.77 -0.55 -8.41
C GLY A 171 15.03 -0.08 -9.66
N ARG A 172 13.97 -0.77 -10.04
CA ARG A 172 13.18 -0.36 -11.23
C ARG A 172 12.33 0.88 -10.89
N LEU A 173 12.02 1.09 -9.63
CA LEU A 173 11.21 2.28 -9.25
C LEU A 173 12.05 3.55 -9.43
N GLY A 174 13.31 3.48 -9.07
CA GLY A 174 14.19 4.68 -9.24
C GLY A 174 14.54 4.86 -10.71
N GLU A 175 14.63 3.78 -11.45
CA GLU A 175 14.94 3.89 -12.90
C GLU A 175 13.72 4.38 -13.67
N ILE A 176 12.53 4.21 -13.12
CA ILE A 176 11.31 4.72 -13.81
C ILE A 176 11.47 6.24 -13.96
N LEU A 177 11.93 6.90 -12.92
CA LEU A 177 12.14 8.36 -12.96
C LEU A 177 13.55 8.69 -13.52
N ARG A 178 14.50 7.76 -13.47
CA ARG A 178 15.87 8.06 -13.99
C ARG A 178 16.00 7.59 -15.43
N HIS A 179 15.89 6.31 -15.67
CA HIS A 179 16.01 5.76 -17.06
C HIS A 179 14.65 5.82 -17.75
N SER A 180 14.39 6.86 -18.50
CA SER A 180 13.08 6.99 -19.21
C SER A 180 13.19 6.47 -20.65
N MET A 1 -2.23 -22.43 7.20
CA MET A 1 -1.09 -22.11 6.27
C MET A 1 -1.58 -22.04 4.81
N ASP A 2 -2.73 -21.45 4.58
CA ASP A 2 -3.27 -21.34 3.20
C ASP A 2 -3.56 -19.87 2.85
N PRO A 3 -2.64 -19.24 2.18
CA PRO A 3 -2.81 -17.82 1.78
C PRO A 3 -3.80 -17.69 0.63
N ASP A 4 -4.84 -16.90 0.80
CA ASP A 4 -5.84 -16.73 -0.28
C ASP A 4 -5.68 -15.37 -0.95
N THR A 5 -5.90 -14.33 -0.21
CA THR A 5 -5.77 -12.94 -0.76
C THR A 5 -4.29 -12.54 -0.89
N PHE A 6 -3.47 -12.92 0.06
CA PHE A 6 -2.03 -12.56 -0.01
C PHE A 6 -1.34 -13.31 -1.16
N SER A 7 -1.58 -14.59 -1.30
CA SER A 7 -0.96 -15.35 -2.44
C SER A 7 -1.51 -14.83 -3.79
N TYR A 8 -2.67 -14.23 -3.76
CA TYR A 8 -3.28 -13.70 -5.02
C TYR A 8 -2.68 -12.33 -5.40
N ASN A 9 -2.65 -11.40 -4.48
CA ASN A 9 -2.12 -10.04 -4.80
C ASN A 9 -0.75 -9.76 -4.16
N PHE A 10 -0.57 -10.14 -2.91
CA PHE A 10 0.75 -9.87 -2.23
C PHE A 10 1.86 -10.81 -2.73
N ASN A 11 1.54 -11.79 -3.55
CA ASN A 11 2.61 -12.72 -4.06
C ASN A 11 3.60 -11.97 -4.96
N ASN A 12 4.83 -12.43 -5.01
CA ASN A 12 5.86 -11.77 -5.87
C ASN A 12 6.23 -12.69 -7.03
N ARG A 13 6.67 -13.88 -6.74
CA ARG A 13 7.05 -14.85 -7.80
C ARG A 13 5.81 -15.56 -8.34
N PRO A 14 5.50 -15.31 -9.60
CA PRO A 14 4.31 -15.92 -10.24
C PRO A 14 4.53 -17.42 -10.50
N ILE A 15 3.81 -18.26 -9.81
CA ILE A 15 3.96 -19.74 -9.99
C ILE A 15 3.83 -20.11 -11.47
N LEU A 16 2.74 -19.73 -12.10
CA LEU A 16 2.55 -20.06 -13.55
C LEU A 16 1.99 -18.86 -14.32
N SER A 17 2.17 -17.65 -13.81
CA SER A 17 1.65 -16.42 -14.50
C SER A 17 0.15 -16.56 -14.79
N ARG A 18 -0.68 -16.29 -13.81
CA ARG A 18 -2.16 -16.41 -14.01
C ARG A 18 -2.71 -15.19 -14.74
N ARG A 19 -2.98 -14.11 -14.04
CA ARG A 19 -3.52 -12.88 -14.70
C ARG A 19 -3.25 -11.63 -13.84
N ASN A 20 -3.66 -10.47 -14.31
CA ASN A 20 -3.45 -9.22 -13.53
C ASN A 20 -4.79 -8.66 -13.04
N THR A 21 -4.83 -8.18 -11.81
CA THR A 21 -6.10 -7.61 -11.25
C THR A 21 -5.93 -6.11 -10.98
N VAL A 22 -7.01 -5.43 -10.64
CA VAL A 22 -6.92 -3.96 -10.37
C VAL A 22 -7.56 -3.61 -9.01
N TRP A 23 -6.78 -3.66 -7.96
CA TRP A 23 -7.32 -3.32 -6.59
C TRP A 23 -6.19 -3.36 -5.54
N LEU A 24 -6.08 -2.34 -4.72
CA LEU A 24 -5.00 -2.30 -3.69
C LEU A 24 -5.55 -2.62 -2.28
N CYS A 25 -4.74 -3.20 -1.45
CA CYS A 25 -5.16 -3.53 -0.05
C CYS A 25 -4.56 -2.47 0.88
N TYR A 26 -5.28 -2.02 1.87
CA TYR A 26 -4.70 -0.97 2.77
C TYR A 26 -4.84 -1.33 4.24
N GLU A 27 -4.01 -0.77 5.08
CA GLU A 27 -4.08 -1.05 6.54
C GLU A 27 -4.25 0.26 7.29
N VAL A 28 -5.40 0.47 7.91
CA VAL A 28 -5.63 1.74 8.66
C VAL A 28 -5.05 1.60 10.07
N LYS A 29 -3.95 2.25 10.34
CA LYS A 29 -3.32 2.15 11.68
C LYS A 29 -3.09 3.55 12.28
N THR A 30 -2.42 3.62 13.40
CA THR A 30 -2.14 4.94 14.04
C THR A 30 -0.73 5.39 13.69
N LYS A 31 -0.44 6.67 13.82
CA LYS A 31 0.94 7.17 13.51
C LYS A 31 2.00 6.43 14.35
N GLY A 32 1.64 6.01 15.55
CA GLY A 32 2.62 5.28 16.41
C GLY A 32 2.25 3.79 16.46
N PRO A 33 3.25 2.95 16.64
CA PRO A 33 3.02 1.49 16.72
C PRO A 33 2.37 1.11 18.05
N SER A 34 1.67 0.00 18.09
CA SER A 34 1.00 -0.44 19.35
C SER A 34 1.88 -1.44 20.11
N ARG A 35 1.35 -2.02 21.16
CA ARG A 35 2.14 -3.03 21.96
C ARG A 35 2.33 -4.32 21.15
N PRO A 36 3.29 -5.12 21.58
CA PRO A 36 3.58 -6.41 20.89
C PRO A 36 2.42 -7.44 21.00
N PRO A 37 1.77 -7.57 22.15
CA PRO A 37 0.64 -8.54 22.26
C PRO A 37 -0.59 -8.04 21.49
N LEU A 38 -1.31 -7.07 22.02
CA LEU A 38 -2.52 -6.54 21.30
C LEU A 38 -2.15 -5.23 20.59
N ASP A 39 -3.10 -4.59 19.96
CA ASP A 39 -2.81 -3.31 19.24
C ASP A 39 -3.70 -2.18 19.79
N ALA A 40 -4.87 -1.99 19.22
CA ALA A 40 -5.79 -0.91 19.70
C ALA A 40 -7.06 -0.86 18.82
N LYS A 41 -7.04 -0.07 17.77
CA LYS A 41 -8.22 0.03 16.86
C LYS A 41 -7.74 0.00 15.40
N ILE A 42 -6.87 -0.92 15.08
CA ILE A 42 -6.33 -1.02 13.68
C ILE A 42 -7.24 -1.93 12.84
N PHE A 43 -7.41 -1.59 11.58
CA PHE A 43 -8.28 -2.41 10.68
C PHE A 43 -7.60 -2.62 9.31
N ARG A 44 -8.08 -3.56 8.53
CA ARG A 44 -7.47 -3.80 7.19
C ARG A 44 -8.34 -3.21 6.08
N GLY A 45 -7.90 -3.30 4.86
CA GLY A 45 -8.68 -2.72 3.74
C GLY A 45 -8.47 -3.52 2.46
N GLN A 46 -9.50 -3.62 1.66
CA GLN A 46 -9.39 -4.37 0.37
C GLN A 46 -10.41 -3.80 -0.63
N VAL A 47 -9.97 -3.35 -1.77
CA VAL A 47 -10.92 -2.79 -2.79
C VAL A 47 -11.10 -3.78 -3.95
N TYR A 48 -11.81 -3.38 -4.98
CA TYR A 48 -12.03 -4.31 -6.13
C TYR A 48 -11.86 -3.56 -7.47
N SER A 49 -12.29 -4.15 -8.56
CA SER A 49 -12.15 -3.49 -9.89
C SER A 49 -13.48 -2.82 -10.32
N GLU A 50 -14.58 -3.17 -9.70
CA GLU A 50 -15.89 -2.55 -10.09
C GLU A 50 -16.28 -1.46 -9.07
N ASP A 51 -15.36 -0.58 -8.76
CA ASP A 51 -15.65 0.52 -7.80
C ASP A 51 -15.78 1.87 -8.52
N LYS A 52 -16.48 2.80 -7.94
CA LYS A 52 -16.62 4.14 -8.58
C LYS A 52 -15.30 4.92 -8.45
N TYR A 53 -14.91 5.24 -7.24
CA TYR A 53 -13.62 5.96 -7.03
C TYR A 53 -12.61 5.04 -6.38
N HIS A 54 -11.33 5.29 -6.57
CA HIS A 54 -10.30 4.43 -5.92
C HIS A 54 -10.28 4.76 -4.41
N PRO A 55 -9.46 4.08 -3.65
CA PRO A 55 -9.37 4.36 -2.20
C PRO A 55 -8.84 5.79 -1.95
N GLU A 56 -8.45 6.50 -2.98
CA GLU A 56 -7.96 7.90 -2.81
C GLU A 56 -8.96 8.71 -1.99
N MET A 57 -10.17 8.83 -2.46
CA MET A 57 -11.20 9.62 -1.70
C MET A 57 -12.26 8.71 -1.03
N ARG A 58 -12.53 7.53 -1.57
CA ARG A 58 -13.57 6.63 -0.94
C ARG A 58 -13.10 6.07 0.41
N PHE A 59 -11.83 5.76 0.56
CA PHE A 59 -11.33 5.22 1.87
C PHE A 59 -11.40 6.32 2.94
N LEU A 60 -11.66 7.54 2.55
CA LEU A 60 -11.74 8.68 3.52
C LEU A 60 -13.07 8.67 4.27
N SER A 61 -14.15 8.49 3.55
CA SER A 61 -15.50 8.50 4.21
C SER A 61 -15.59 7.50 5.36
N LEU A 62 -15.02 6.32 5.23
CA LEU A 62 -15.09 5.37 6.38
C LEU A 62 -14.31 5.95 7.57
N VAL A 63 -13.31 6.76 7.31
CA VAL A 63 -12.55 7.40 8.44
C VAL A 63 -13.53 8.29 9.22
N SER A 64 -14.43 8.95 8.52
CA SER A 64 -15.43 9.81 9.21
C SER A 64 -16.55 8.93 9.81
N LYS A 65 -16.88 7.84 9.14
CA LYS A 65 -17.95 6.92 9.62
C LYS A 65 -17.43 5.90 10.65
N TRP A 66 -16.14 5.89 10.95
CA TRP A 66 -15.61 4.90 11.94
C TRP A 66 -15.74 5.46 13.36
N LYS A 67 -14.86 6.36 13.74
CA LYS A 67 -14.93 6.95 15.12
C LYS A 67 -14.11 8.25 15.18
N LEU A 68 -14.13 8.92 16.30
CA LEU A 68 -13.34 10.20 16.44
C LEU A 68 -11.86 9.88 16.64
N HIS A 69 -11.55 9.02 17.58
CA HIS A 69 -10.11 8.66 17.86
C HIS A 69 -9.27 9.91 18.11
N ARG A 70 -9.62 10.69 19.11
CA ARG A 70 -8.85 11.93 19.41
C ARG A 70 -7.56 11.59 20.16
N ASP A 71 -6.59 11.05 19.47
CA ASP A 71 -5.29 10.69 20.12
C ASP A 71 -4.19 11.63 19.61
N GLN A 72 -3.81 11.49 18.36
CA GLN A 72 -2.74 12.38 17.79
C GLN A 72 -2.78 12.31 16.25
N GLU A 73 -2.15 11.31 15.66
CA GLU A 73 -2.15 11.20 14.17
C GLU A 73 -2.48 9.76 13.74
N TYR A 74 -2.80 9.56 12.48
CA TYR A 74 -3.12 8.18 11.97
C TYR A 74 -2.15 7.81 10.84
N GLU A 75 -1.97 6.53 10.62
CA GLU A 75 -1.04 6.08 9.53
C GLU A 75 -1.76 5.09 8.61
N VAL A 76 -1.65 5.27 7.31
CA VAL A 76 -2.35 4.33 6.38
C VAL A 76 -1.37 3.72 5.38
N THR A 77 -1.28 2.41 5.35
CA THR A 77 -0.37 1.74 4.37
C THR A 77 -1.21 1.33 3.15
N TRP A 78 -0.76 1.65 1.97
CA TRP A 78 -1.55 1.31 0.73
C TRP A 78 -0.74 0.38 -0.18
N TYR A 79 -1.11 -0.87 -0.26
CA TYR A 79 -0.38 -1.83 -1.14
C TYR A 79 -1.04 -1.86 -2.52
N ILE A 80 -0.43 -1.25 -3.50
CA ILE A 80 -1.02 -1.23 -4.87
C ILE A 80 -0.20 -2.12 -5.81
N SER A 81 -0.86 -2.80 -6.74
CA SER A 81 -0.12 -3.69 -7.69
C SER A 81 -0.20 -3.13 -9.12
N TRP A 82 -1.27 -3.41 -9.83
CA TRP A 82 -1.39 -2.91 -11.24
C TRP A 82 -2.81 -2.37 -11.48
N SER A 83 -2.95 -1.08 -11.63
CA SER A 83 -4.28 -0.47 -11.88
C SER A 83 -4.12 1.01 -12.28
N PRO A 84 -5.22 1.75 -12.36
CA PRO A 84 -5.14 3.19 -12.73
C PRO A 84 -4.69 4.05 -11.52
N CYS A 85 -3.90 3.50 -10.63
CA CYS A 85 -3.41 4.30 -9.46
C CYS A 85 -2.40 5.36 -9.90
N THR A 86 -2.11 5.49 -11.20
CA THR A 86 -1.14 6.54 -11.65
C THR A 86 -1.77 7.92 -11.42
N LYS A 87 -2.84 8.20 -12.13
CA LYS A 87 -3.54 9.51 -11.93
C LYS A 87 -4.17 9.48 -10.54
N CYS A 88 -4.63 8.32 -10.11
CA CYS A 88 -5.20 8.19 -8.75
C CYS A 88 -4.15 8.63 -7.73
N ALA A 89 -2.94 8.16 -7.92
CA ALA A 89 -1.81 8.53 -7.01
C ALA A 89 -1.63 10.06 -6.97
N ARG A 90 -1.82 10.74 -8.09
CA ARG A 90 -1.69 12.24 -8.05
C ARG A 90 -2.80 12.79 -7.17
N ASP A 91 -3.98 12.24 -7.31
CA ASP A 91 -5.12 12.66 -6.46
C ASP A 91 -4.86 12.24 -5.00
N MET A 92 -4.11 11.16 -4.81
CA MET A 92 -3.77 10.70 -3.43
C MET A 92 -3.09 11.83 -2.66
N ALA A 93 -2.11 12.47 -3.27
CA ALA A 93 -1.44 13.62 -2.57
C ALA A 93 -2.50 14.64 -2.17
N THR A 94 -3.56 14.75 -2.93
CA THR A 94 -4.64 15.71 -2.59
C THR A 94 -5.33 15.28 -1.27
N PHE A 95 -5.59 13.99 -1.07
CA PHE A 95 -6.23 13.59 0.23
C PHE A 95 -5.26 13.85 1.38
N LEU A 96 -4.00 13.50 1.19
CA LEU A 96 -2.99 13.71 2.27
C LEU A 96 -2.78 15.22 2.54
N GLN A 97 -2.78 16.04 1.52
CA GLN A 97 -2.60 17.51 1.74
C GLN A 97 -3.88 18.15 2.27
N GLU A 98 -5.03 17.63 1.91
CA GLU A 98 -6.31 18.22 2.41
C GLU A 98 -6.70 17.64 3.78
N ASN A 99 -6.26 16.43 4.09
CA ASN A 99 -6.62 15.83 5.41
C ASN A 99 -5.56 16.15 6.46
N THR A 100 -4.29 16.07 6.08
CA THR A 100 -3.15 16.35 7.03
C THR A 100 -3.29 15.50 8.31
N HIS A 101 -2.27 15.50 9.16
CA HIS A 101 -2.30 14.68 10.42
C HIS A 101 -2.26 13.16 10.11
N VAL A 102 -2.39 12.77 8.85
CA VAL A 102 -2.36 11.33 8.49
C VAL A 102 -1.09 11.01 7.70
N THR A 103 -0.53 9.84 7.88
CA THR A 103 0.69 9.47 7.12
C THR A 103 0.30 8.46 6.04
N LEU A 104 0.94 8.51 4.92
CA LEU A 104 0.59 7.60 3.81
C LEU A 104 1.76 6.68 3.47
N THR A 105 1.50 5.41 3.31
CA THR A 105 2.60 4.47 2.92
C THR A 105 2.21 3.78 1.61
N ILE A 106 2.32 4.48 0.51
CA ILE A 106 1.92 3.89 -0.81
C ILE A 106 2.98 2.88 -1.29
N PHE A 107 2.55 1.70 -1.65
CA PHE A 107 3.49 0.64 -2.10
C PHE A 107 3.20 0.25 -3.56
N VAL A 108 4.24 -0.04 -4.32
CA VAL A 108 4.04 -0.43 -5.74
C VAL A 108 4.51 -1.89 -5.94
N ALA A 109 3.68 -2.71 -6.53
CA ALA A 109 4.06 -4.14 -6.75
C ALA A 109 4.28 -4.41 -8.24
N ARG A 110 3.32 -4.13 -9.07
CA ARG A 110 3.48 -4.37 -10.54
C ARG A 110 3.65 -3.04 -11.29
N LEU A 111 4.87 -2.70 -11.62
CA LEU A 111 5.12 -1.41 -12.35
C LEU A 111 5.41 -1.70 -13.83
N TYR A 112 4.44 -2.20 -14.55
CA TYR A 112 4.64 -2.51 -16.02
C TYR A 112 4.91 -1.21 -16.80
N TYR A 113 4.38 -0.11 -16.35
CA TYR A 113 4.59 1.20 -17.07
C TYR A 113 6.10 1.51 -17.17
N ALA A 114 6.61 1.63 -18.38
CA ALA A 114 8.07 1.93 -18.56
C ALA A 114 8.28 3.27 -19.28
N TRP A 115 7.28 4.12 -19.30
CA TRP A 115 7.43 5.44 -19.98
C TRP A 115 6.57 6.50 -19.26
N ASP A 116 6.72 6.58 -17.95
CA ASP A 116 5.93 7.56 -17.15
C ASP A 116 6.82 8.24 -16.10
N PRO A 117 7.67 9.14 -16.58
CA PRO A 117 8.59 9.87 -15.67
C PRO A 117 7.81 10.87 -14.79
N ASP A 118 6.66 11.32 -15.24
CA ASP A 118 5.85 12.29 -14.43
C ASP A 118 5.13 11.57 -13.27
N TYR A 119 5.00 10.26 -13.33
CA TYR A 119 4.31 9.52 -12.24
C TYR A 119 5.22 9.45 -11.01
N GLN A 120 6.41 8.94 -11.18
CA GLN A 120 7.37 8.82 -10.03
C GLN A 120 7.55 10.18 -9.35
N GLU A 121 7.83 11.22 -10.10
CA GLU A 121 8.00 12.57 -9.47
C GLU A 121 6.70 13.03 -8.79
N ALA A 122 5.56 12.66 -9.35
CA ALA A 122 4.27 13.04 -8.68
C ALA A 122 4.18 12.30 -7.35
N LEU A 123 4.62 11.06 -7.32
CA LEU A 123 4.61 10.30 -6.04
C LEU A 123 5.54 11.02 -5.04
N ARG A 124 6.58 11.68 -5.54
CA ARG A 124 7.46 12.45 -4.61
C ARG A 124 6.63 13.57 -3.99
N SER A 125 5.68 14.12 -4.73
CA SER A 125 4.80 15.18 -4.17
C SER A 125 3.97 14.60 -3.02
N LEU A 126 3.52 13.37 -3.14
CA LEU A 126 2.75 12.74 -2.01
C LEU A 126 3.69 12.66 -0.81
N ALA A 127 4.93 12.33 -1.08
CA ALA A 127 5.96 12.23 0.00
C ALA A 127 6.24 13.62 0.58
N GLN A 128 6.12 14.65 -0.23
CA GLN A 128 6.36 16.04 0.29
C GLN A 128 5.23 16.43 1.27
N ALA A 129 4.06 15.88 1.07
CA ALA A 129 2.91 16.18 1.98
C ALA A 129 3.07 15.37 3.27
N GLY A 130 3.45 14.12 3.14
CA GLY A 130 3.64 13.25 4.34
C GLY A 130 3.33 11.79 3.96
N ALA A 131 3.80 11.35 2.81
CA ALA A 131 3.53 9.94 2.38
C ALA A 131 4.83 9.20 2.08
N THR A 132 4.74 7.91 1.88
CA THR A 132 5.95 7.09 1.59
C THR A 132 5.69 6.25 0.34
N ILE A 133 6.34 6.53 -0.75
CA ILE A 133 6.13 5.74 -1.98
C ILE A 133 7.32 4.83 -2.23
N LYS A 134 7.14 3.54 -2.07
CA LYS A 134 8.26 2.58 -2.27
C LYS A 134 7.74 1.25 -2.83
N ILE A 135 8.59 0.48 -3.47
CA ILE A 135 8.13 -0.83 -4.01
C ILE A 135 7.80 -1.77 -2.82
N MET A 136 6.90 -2.70 -3.02
CA MET A 136 6.53 -3.64 -1.91
C MET A 136 7.80 -4.28 -1.32
N ASN A 137 7.83 -4.49 -0.03
CA ASN A 137 9.04 -5.11 0.60
C ASN A 137 8.67 -6.39 1.32
N TYR A 138 9.62 -7.29 1.50
CA TYR A 138 9.32 -8.54 2.23
C TYR A 138 8.71 -8.17 3.59
N ASP A 139 9.13 -7.04 4.14
CA ASP A 139 8.58 -6.58 5.43
C ASP A 139 7.11 -6.20 5.27
N GLU A 140 6.69 -5.75 4.10
CA GLU A 140 5.24 -5.41 3.93
C GLU A 140 4.43 -6.70 3.90
N PHE A 141 4.95 -7.74 3.31
CA PHE A 141 4.20 -9.05 3.29
C PHE A 141 4.34 -9.72 4.64
N GLN A 142 5.53 -9.74 5.20
CA GLN A 142 5.71 -10.37 6.55
C GLN A 142 4.75 -9.70 7.55
N HIS A 143 4.49 -8.42 7.40
CA HIS A 143 3.53 -7.74 8.33
C HIS A 143 2.09 -8.02 7.90
N CYS A 144 1.80 -7.91 6.63
CA CYS A 144 0.42 -8.18 6.14
C CYS A 144 0.06 -9.64 6.39
N TRP A 145 0.98 -10.54 6.16
CA TRP A 145 0.68 -11.97 6.42
C TRP A 145 0.23 -12.14 7.88
N SER A 146 0.81 -11.38 8.78
CA SER A 146 0.40 -11.46 10.22
C SER A 146 -1.05 -10.94 10.38
N LYS A 147 -1.39 -9.83 9.75
CA LYS A 147 -2.77 -9.27 9.91
C LYS A 147 -3.72 -9.80 8.82
N PHE A 148 -3.41 -9.53 7.57
CA PHE A 148 -4.29 -9.97 6.43
C PHE A 148 -4.41 -11.50 6.36
N VAL A 149 -3.33 -12.24 6.46
CA VAL A 149 -3.44 -13.73 6.38
C VAL A 149 -3.76 -14.33 7.75
N TYR A 150 -3.08 -13.85 8.78
CA TYR A 150 -3.29 -14.38 10.17
C TYR A 150 -2.76 -15.81 10.29
N SER A 151 -3.40 -16.77 9.64
CA SER A 151 -2.95 -18.20 9.67
C SER A 151 -2.62 -18.63 11.12
N GLN A 152 -3.51 -18.33 12.05
CA GLN A 152 -3.29 -18.70 13.49
C GLN A 152 -1.94 -18.17 14.02
N GLY A 153 -1.45 -17.09 13.45
CA GLY A 153 -0.14 -16.52 13.92
C GLY A 153 1.01 -17.32 13.30
N ALA A 154 1.01 -17.51 12.01
CA ALA A 154 2.12 -18.28 11.36
C ALA A 154 3.29 -17.35 11.03
N PRO A 155 4.48 -17.79 11.38
CA PRO A 155 5.70 -16.98 11.10
C PRO A 155 6.04 -17.05 9.60
N PHE A 156 5.35 -16.27 8.80
CA PHE A 156 5.59 -16.29 7.32
C PHE A 156 6.97 -15.68 6.98
N GLN A 157 7.75 -16.40 6.21
CA GLN A 157 9.11 -15.92 5.81
C GLN A 157 9.16 -15.70 4.28
N PRO A 158 10.32 -15.29 3.78
CA PRO A 158 10.47 -15.06 2.32
C PRO A 158 10.57 -16.40 1.58
N TRP A 159 10.13 -16.44 0.34
CA TRP A 159 10.18 -17.73 -0.43
C TRP A 159 11.34 -17.77 -1.44
N ASP A 160 11.08 -17.67 -2.72
CA ASP A 160 12.19 -17.74 -3.74
C ASP A 160 12.90 -16.38 -3.92
N GLY A 161 13.11 -15.64 -2.85
CA GLY A 161 13.81 -14.33 -2.98
C GLY A 161 12.80 -13.18 -3.04
N LEU A 162 11.74 -13.24 -2.28
CA LEU A 162 10.73 -12.12 -2.29
C LEU A 162 11.41 -10.80 -1.93
N ASP A 163 12.17 -10.78 -0.85
CA ASP A 163 12.89 -9.51 -0.48
C ASP A 163 13.88 -9.17 -1.58
N GLU A 164 14.41 -10.18 -2.22
CA GLU A 164 15.36 -9.93 -3.35
C GLU A 164 14.58 -9.29 -4.52
N HIS A 165 13.32 -9.65 -4.67
CA HIS A 165 12.51 -9.05 -5.77
C HIS A 165 12.05 -7.65 -5.36
N SER A 166 11.83 -7.43 -4.08
CA SER A 166 11.40 -6.08 -3.63
C SER A 166 12.49 -5.06 -3.95
N GLN A 167 13.73 -5.39 -3.69
CA GLN A 167 14.84 -4.44 -4.01
C GLN A 167 15.09 -4.43 -5.52
N ALA A 168 14.83 -5.52 -6.21
CA ALA A 168 15.02 -5.53 -7.68
C ALA A 168 13.97 -4.64 -8.34
N LEU A 169 12.77 -4.64 -7.79
CA LEU A 169 11.70 -3.76 -8.35
C LEU A 169 11.93 -2.33 -7.87
N SER A 170 12.45 -2.15 -6.67
CA SER A 170 12.73 -0.78 -6.17
C SER A 170 13.73 -0.09 -7.11
N GLY A 171 14.66 -0.84 -7.68
CA GLY A 171 15.61 -0.23 -8.63
C GLY A 171 14.85 0.18 -9.89
N ARG A 172 13.82 -0.57 -10.24
CA ARG A 172 13.01 -0.22 -11.44
C ARG A 172 12.10 0.98 -11.12
N LEU A 173 11.79 1.21 -9.86
CA LEU A 173 10.94 2.36 -9.50
C LEU A 173 11.72 3.66 -9.72
N GLY A 174 12.99 3.66 -9.37
CA GLY A 174 13.82 4.88 -9.57
C GLY A 174 14.15 5.03 -11.06
N GLU A 175 14.22 3.94 -11.79
CA GLU A 175 14.53 4.03 -13.24
C GLU A 175 13.30 4.51 -14.01
N ILE A 176 12.11 4.33 -13.46
CA ILE A 176 10.90 4.84 -14.16
C ILE A 176 11.03 6.37 -14.29
N LEU A 177 11.58 7.01 -13.28
CA LEU A 177 11.78 8.48 -13.33
C LEU A 177 13.08 8.82 -14.09
N ARG A 178 14.05 7.91 -14.12
CA ARG A 178 15.31 8.21 -14.87
C ARG A 178 15.04 8.09 -16.38
N HIS A 179 14.44 7.01 -16.78
CA HIS A 179 14.12 6.81 -18.23
C HIS A 179 12.70 7.32 -18.52
N SER A 180 12.58 8.36 -19.32
CA SER A 180 11.23 8.92 -19.64
C SER A 180 10.62 8.18 -20.85
N MET A 1 -0.93 -22.55 6.86
CA MET A 1 -2.00 -22.20 5.86
C MET A 1 -1.37 -21.92 4.49
N ASP A 2 -2.20 -21.81 3.46
CA ASP A 2 -1.65 -21.54 2.09
C ASP A 2 -1.97 -20.10 1.65
N PRO A 3 -1.11 -19.57 0.80
CA PRO A 3 -1.28 -18.19 0.29
C PRO A 3 -2.42 -18.13 -0.74
N ASP A 4 -3.53 -17.53 -0.37
CA ASP A 4 -4.69 -17.44 -1.32
C ASP A 4 -4.76 -16.02 -1.89
N THR A 5 -5.07 -15.07 -1.06
CA THR A 5 -5.18 -13.65 -1.52
C THR A 5 -3.80 -12.99 -1.57
N PHE A 6 -2.87 -13.44 -0.74
CA PHE A 6 -1.50 -12.82 -0.75
C PHE A 6 -0.76 -13.24 -2.03
N SER A 7 -0.74 -14.52 -2.35
CA SER A 7 -0.06 -14.95 -3.61
C SER A 7 -0.78 -14.35 -4.83
N TYR A 8 -2.00 -13.90 -4.65
CA TYR A 8 -2.79 -13.29 -5.76
C TYR A 8 -2.23 -11.91 -6.14
N ASN A 9 -2.00 -11.06 -5.18
CA ASN A 9 -1.48 -9.69 -5.49
C ASN A 9 -0.14 -9.39 -4.81
N PHE A 10 0.02 -9.79 -3.57
CA PHE A 10 1.31 -9.51 -2.85
C PHE A 10 2.50 -10.30 -3.42
N ASN A 11 2.25 -11.27 -4.27
CA ASN A 11 3.38 -12.06 -4.86
C ASN A 11 4.37 -11.15 -5.60
N ASN A 12 5.62 -11.53 -5.65
CA ASN A 12 6.65 -10.71 -6.35
C ASN A 12 7.16 -11.41 -7.61
N ARG A 13 7.08 -12.72 -7.65
CA ARG A 13 7.56 -13.47 -8.86
C ARG A 13 6.43 -14.35 -9.44
N PRO A 14 5.49 -13.71 -10.10
CA PRO A 14 4.36 -14.44 -10.70
C PRO A 14 4.81 -15.21 -11.95
N ILE A 15 5.28 -16.42 -11.76
CA ILE A 15 5.76 -17.25 -12.90
C ILE A 15 4.64 -17.49 -13.93
N LEU A 16 3.41 -17.65 -13.48
CA LEU A 16 2.28 -17.89 -14.43
C LEU A 16 1.65 -16.56 -14.87
N SER A 17 2.39 -15.75 -15.60
CA SER A 17 1.88 -14.43 -16.10
C SER A 17 1.44 -13.52 -14.92
N ARG A 18 1.02 -12.31 -15.21
CA ARG A 18 0.57 -11.37 -14.14
C ARG A 18 -0.25 -10.21 -14.73
N ARG A 19 -1.22 -10.53 -15.57
CA ARG A 19 -2.07 -9.45 -16.18
C ARG A 19 -3.53 -9.63 -15.74
N ASN A 20 -3.94 -8.93 -14.71
CA ASN A 20 -5.36 -9.04 -14.23
C ASN A 20 -5.71 -7.86 -13.32
N THR A 21 -6.99 -7.64 -13.09
CA THR A 21 -7.41 -6.51 -12.20
C THR A 21 -6.86 -6.72 -10.78
N VAL A 22 -6.46 -5.66 -10.12
CA VAL A 22 -5.90 -5.81 -8.74
C VAL A 22 -6.44 -4.72 -7.79
N TRP A 23 -6.59 -5.07 -6.54
CA TRP A 23 -7.09 -4.08 -5.53
C TRP A 23 -5.96 -3.77 -4.53
N LEU A 24 -6.16 -2.82 -3.66
CA LEU A 24 -5.09 -2.48 -2.68
C LEU A 24 -5.55 -2.77 -1.24
N CYS A 25 -4.70 -3.36 -0.45
CA CYS A 25 -5.05 -3.67 0.97
C CYS A 25 -4.52 -2.54 1.86
N TYR A 26 -5.36 -1.90 2.62
CA TYR A 26 -4.87 -0.77 3.48
C TYR A 26 -5.08 -1.05 4.97
N GLU A 27 -4.22 -0.49 5.78
CA GLU A 27 -4.32 -0.68 7.26
C GLU A 27 -4.42 0.70 7.92
N VAL A 28 -5.53 1.00 8.54
CA VAL A 28 -5.69 2.34 9.20
C VAL A 28 -5.22 2.27 10.64
N LYS A 29 -4.10 2.87 10.94
CA LYS A 29 -3.56 2.85 12.34
C LYS A 29 -3.15 4.27 12.76
N THR A 30 -2.47 4.40 13.87
CA THR A 30 -2.03 5.75 14.34
C THR A 30 -0.52 5.90 14.13
N LYS A 31 -0.05 7.12 13.96
CA LYS A 31 1.42 7.32 13.76
C LYS A 31 2.14 7.53 15.10
N GLY A 32 1.44 8.05 16.10
CA GLY A 32 2.08 8.28 17.43
C GLY A 32 1.58 7.22 18.44
N PRO A 33 2.36 6.20 18.63
CA PRO A 33 1.98 5.11 19.57
C PRO A 33 2.14 5.57 21.03
N SER A 34 1.56 4.84 21.96
CA SER A 34 1.67 5.21 23.40
C SER A 34 2.88 4.52 24.04
N ARG A 35 2.99 4.57 25.35
CA ARG A 35 4.15 3.91 26.05
C ARG A 35 4.09 2.38 25.87
N PRO A 36 2.98 1.78 26.26
CA PRO A 36 2.83 0.31 26.13
C PRO A 36 2.59 -0.08 24.65
N PRO A 37 2.65 -1.36 24.38
CA PRO A 37 2.43 -1.87 22.99
C PRO A 37 0.96 -1.70 22.60
N LEU A 38 0.70 -1.47 21.32
CA LEU A 38 -0.71 -1.29 20.87
C LEU A 38 -1.38 -2.65 20.65
N ASP A 39 -2.62 -2.63 20.21
CA ASP A 39 -3.36 -3.90 19.96
C ASP A 39 -4.56 -3.64 19.04
N ALA A 40 -5.39 -2.67 19.37
CA ALA A 40 -6.57 -2.36 18.53
C ALA A 40 -6.31 -1.09 17.70
N LYS A 41 -7.35 -0.37 17.34
CA LYS A 41 -7.21 0.88 16.51
C LYS A 41 -6.54 0.59 15.15
N ILE A 42 -6.52 -0.66 14.75
CA ILE A 42 -5.90 -1.02 13.43
C ILE A 42 -6.94 -1.72 12.55
N PHE A 43 -7.47 -1.03 11.57
CA PHE A 43 -8.50 -1.64 10.68
C PHE A 43 -7.89 -1.98 9.31
N ARG A 44 -8.07 -3.20 8.86
CA ARG A 44 -7.51 -3.60 7.53
C ARG A 44 -8.66 -3.75 6.54
N GLY A 45 -8.57 -3.11 5.40
CA GLY A 45 -9.66 -3.20 4.38
C GLY A 45 -9.08 -3.43 2.98
N GLN A 46 -9.93 -3.38 1.98
CA GLN A 46 -9.48 -3.59 0.57
C GLN A 46 -10.39 -2.82 -0.39
N VAL A 47 -10.27 -3.05 -1.68
CA VAL A 47 -11.16 -2.36 -2.66
C VAL A 47 -12.18 -3.35 -3.23
N TYR A 48 -13.38 -3.35 -2.70
CA TYR A 48 -14.43 -4.29 -3.21
C TYR A 48 -15.00 -3.78 -4.54
N SER A 49 -15.50 -2.58 -4.57
CA SER A 49 -16.07 -2.02 -5.84
C SER A 49 -15.17 -0.91 -6.38
N GLU A 50 -14.64 -1.08 -7.56
CA GLU A 50 -13.75 -0.03 -8.16
C GLU A 50 -14.45 0.64 -9.35
N ASP A 51 -15.75 0.82 -9.27
CA ASP A 51 -16.50 1.47 -10.39
C ASP A 51 -16.93 2.89 -9.98
N LYS A 52 -17.39 3.07 -8.76
CA LYS A 52 -17.82 4.43 -8.31
C LYS A 52 -16.62 5.39 -8.25
N TYR A 53 -15.68 5.12 -7.37
CA TYR A 53 -14.48 6.00 -7.25
C TYR A 53 -13.24 5.31 -7.84
N HIS A 54 -12.51 6.00 -8.68
CA HIS A 54 -11.28 5.38 -9.27
C HIS A 54 -10.19 5.28 -8.18
N PRO A 55 -9.84 6.39 -7.58
CA PRO A 55 -8.82 6.39 -6.50
C PRO A 55 -9.43 5.86 -5.20
N GLU A 56 -8.63 5.64 -4.19
CA GLU A 56 -9.18 5.11 -2.90
C GLU A 56 -9.74 6.26 -2.03
N MET A 57 -10.56 7.13 -2.61
CA MET A 57 -11.17 8.24 -1.81
C MET A 57 -12.31 7.67 -0.95
N ARG A 58 -12.77 6.46 -1.23
CA ARG A 58 -13.86 5.84 -0.40
C ARG A 58 -13.32 5.68 1.03
N PHE A 59 -12.04 5.42 1.13
CA PHE A 59 -11.38 5.29 2.46
C PHE A 59 -11.52 6.61 3.25
N LEU A 60 -11.80 7.69 2.57
CA LEU A 60 -11.91 9.02 3.26
C LEU A 60 -13.19 9.08 4.09
N SER A 61 -14.29 8.66 3.51
CA SER A 61 -15.59 8.71 4.23
C SER A 61 -15.54 7.98 5.57
N LEU A 62 -14.94 6.81 5.65
CA LEU A 62 -14.88 6.13 6.97
C LEU A 62 -14.03 6.97 7.94
N VAL A 63 -13.06 7.71 7.43
CA VAL A 63 -12.24 8.58 8.33
C VAL A 63 -13.16 9.64 8.93
N SER A 64 -14.12 10.12 8.16
CA SER A 64 -15.09 11.12 8.70
C SER A 64 -16.14 10.42 9.57
N LYS A 65 -16.52 9.21 9.19
CA LYS A 65 -17.54 8.44 9.95
C LYS A 65 -16.92 7.68 11.15
N TRP A 66 -15.62 7.74 11.33
CA TRP A 66 -14.99 7.00 12.47
C TRP A 66 -15.00 7.87 13.74
N LYS A 67 -14.77 7.26 14.88
CA LYS A 67 -14.77 8.04 16.16
C LYS A 67 -13.82 7.40 17.18
N LEU A 68 -12.60 7.13 16.78
CA LEU A 68 -11.61 6.51 17.71
C LEU A 68 -10.88 7.60 18.54
N HIS A 69 -10.09 7.20 19.50
CA HIS A 69 -9.35 8.19 20.34
C HIS A 69 -8.13 8.73 19.56
N ARG A 70 -8.26 9.88 18.96
CA ARG A 70 -7.11 10.46 18.18
C ARG A 70 -6.08 11.09 19.14
N ASP A 71 -4.89 10.54 19.17
CA ASP A 71 -3.84 11.10 20.09
C ASP A 71 -3.14 12.28 19.39
N GLN A 72 -2.51 12.05 18.27
CA GLN A 72 -1.82 13.15 17.53
C GLN A 72 -2.19 13.08 16.05
N GLU A 73 -1.64 12.13 15.33
CA GLU A 73 -1.95 11.99 13.87
C GLU A 73 -2.26 10.52 13.56
N TYR A 74 -2.74 10.23 12.38
CA TYR A 74 -3.06 8.82 12.01
C TYR A 74 -2.13 8.37 10.88
N GLU A 75 -1.88 7.08 10.78
CA GLU A 75 -0.98 6.55 9.71
C GLU A 75 -1.73 5.50 8.89
N VAL A 76 -1.66 5.58 7.59
CA VAL A 76 -2.38 4.57 6.74
C VAL A 76 -1.43 3.90 5.77
N THR A 77 -1.36 2.59 5.80
CA THR A 77 -0.49 1.87 4.84
C THR A 77 -1.35 1.41 3.66
N TRP A 78 -0.89 1.62 2.46
CA TRP A 78 -1.70 1.23 1.26
C TRP A 78 -0.90 0.22 0.43
N TYR A 79 -1.31 -1.03 0.43
CA TYR A 79 -0.57 -2.07 -0.34
C TYR A 79 -1.18 -2.20 -1.75
N ILE A 80 -0.58 -1.58 -2.73
CA ILE A 80 -1.11 -1.67 -4.12
C ILE A 80 -0.15 -2.51 -4.99
N SER A 81 -0.64 -3.06 -6.09
CA SER A 81 0.24 -3.89 -6.97
C SER A 81 0.64 -3.11 -8.23
N TRP A 82 -0.31 -2.51 -8.91
CA TRP A 82 0.03 -1.73 -10.15
C TRP A 82 -0.04 -0.23 -9.86
N SER A 83 0.25 0.59 -10.85
CA SER A 83 0.19 2.07 -10.63
C SER A 83 -1.27 2.53 -10.49
N PRO A 84 -1.48 3.49 -9.61
CA PRO A 84 -2.86 4.01 -9.36
C PRO A 84 -3.29 4.98 -10.48
N CYS A 85 -3.34 4.50 -11.71
CA CYS A 85 -3.75 5.37 -12.87
C CYS A 85 -2.97 6.71 -12.85
N THR A 86 -3.18 7.54 -13.83
CA THR A 86 -2.47 8.85 -13.83
C THR A 86 -3.18 9.77 -12.84
N LYS A 87 -4.49 9.81 -12.91
CA LYS A 87 -5.29 10.67 -12.00
C LYS A 87 -5.48 10.05 -10.62
N CYS A 88 -5.41 8.75 -10.48
CA CYS A 88 -5.57 8.15 -9.14
C CYS A 88 -4.26 8.38 -8.38
N ALA A 89 -3.15 8.44 -9.10
CA ALA A 89 -1.85 8.72 -8.44
C ALA A 89 -1.85 10.18 -7.95
N ARG A 90 -2.40 11.11 -8.72
CA ARG A 90 -2.46 12.52 -8.23
C ARG A 90 -3.51 12.61 -7.13
N ASP A 91 -4.62 11.91 -7.32
CA ASP A 91 -5.70 11.91 -6.29
C ASP A 91 -5.17 11.43 -4.93
N MET A 92 -4.15 10.58 -4.93
CA MET A 92 -3.57 10.12 -3.63
C MET A 92 -3.08 11.33 -2.86
N ALA A 93 -2.29 12.17 -3.50
CA ALA A 93 -1.82 13.41 -2.83
C ALA A 93 -3.04 14.23 -2.38
N THR A 94 -4.14 14.11 -3.10
CA THR A 94 -5.38 14.85 -2.72
C THR A 94 -5.91 14.32 -1.37
N PHE A 95 -5.88 13.01 -1.14
CA PHE A 95 -6.37 12.51 0.19
C PHE A 95 -5.41 12.98 1.28
N LEU A 96 -4.12 12.91 1.01
CA LEU A 96 -3.10 13.34 2.02
C LEU A 96 -3.17 14.87 2.22
N GLN A 97 -3.43 15.60 1.18
CA GLN A 97 -3.52 17.10 1.30
C GLN A 97 -4.81 17.51 2.03
N GLU A 98 -5.88 16.77 1.85
CA GLU A 98 -7.16 17.13 2.53
C GLU A 98 -7.15 16.68 4.01
N ASN A 99 -6.34 15.72 4.36
CA ASN A 99 -6.28 15.26 5.78
C ASN A 99 -5.17 15.99 6.53
N THR A 100 -3.98 16.06 5.94
CA THR A 100 -2.79 16.75 6.57
C THR A 100 -2.30 16.04 7.84
N HIS A 101 -3.14 15.80 8.81
CA HIS A 101 -2.68 15.09 10.04
C HIS A 101 -2.56 13.57 9.78
N VAL A 102 -2.61 13.14 8.54
CA VAL A 102 -2.49 11.68 8.25
C VAL A 102 -1.17 11.37 7.53
N THR A 103 -0.61 10.22 7.79
CA THR A 103 0.65 9.82 7.07
C THR A 103 0.26 8.75 6.05
N LEU A 104 0.93 8.72 4.94
CA LEU A 104 0.56 7.74 3.88
C LEU A 104 1.72 6.80 3.56
N THR A 105 1.47 5.53 3.50
CA THR A 105 2.55 4.57 3.13
C THR A 105 2.11 3.79 1.87
N ILE A 106 2.23 4.41 0.72
CA ILE A 106 1.79 3.72 -0.54
C ILE A 106 2.81 2.68 -0.99
N PHE A 107 2.35 1.48 -1.25
CA PHE A 107 3.25 0.39 -1.71
C PHE A 107 2.86 -0.02 -3.14
N VAL A 108 3.81 -0.34 -3.97
CA VAL A 108 3.46 -0.74 -5.38
C VAL A 108 4.37 -1.89 -5.85
N ALA A 109 3.92 -2.62 -6.84
CA ALA A 109 4.73 -3.76 -7.38
C ALA A 109 5.12 -3.53 -8.86
N ARG A 110 4.50 -2.56 -9.51
CA ARG A 110 4.84 -2.28 -10.94
C ARG A 110 6.34 -2.04 -11.12
N LEU A 111 6.98 -2.84 -11.92
CA LEU A 111 8.45 -2.67 -12.17
C LEU A 111 8.72 -2.34 -13.64
N TYR A 112 7.80 -1.66 -14.29
CA TYR A 112 8.00 -1.30 -15.73
C TYR A 112 8.42 0.17 -15.86
N TYR A 113 9.10 0.50 -16.94
CA TYR A 113 9.54 1.92 -17.13
C TYR A 113 8.44 2.74 -17.81
N ALA A 114 8.33 4.00 -17.47
CA ALA A 114 7.28 4.87 -18.08
C ALA A 114 7.93 6.11 -18.71
N TRP A 115 7.29 6.69 -19.69
CA TRP A 115 7.86 7.91 -20.36
C TRP A 115 7.32 9.19 -19.68
N ASP A 116 7.60 10.34 -20.25
CA ASP A 116 7.13 11.64 -19.68
C ASP A 116 7.65 11.83 -18.24
N PRO A 117 8.71 12.60 -18.11
CA PRO A 117 9.29 12.86 -16.77
C PRO A 117 8.41 13.84 -15.99
N ASP A 118 7.28 13.36 -15.52
CA ASP A 118 6.34 14.24 -14.74
C ASP A 118 5.49 13.39 -13.79
N TYR A 119 4.97 12.28 -14.26
CA TYR A 119 4.13 11.40 -13.40
C TYR A 119 4.98 10.82 -12.26
N GLN A 120 6.08 10.21 -12.60
CA GLN A 120 6.97 9.61 -11.55
C GLN A 120 7.36 10.67 -10.51
N GLU A 121 7.92 11.78 -10.95
CA GLU A 121 8.30 12.86 -9.99
C GLU A 121 7.07 13.41 -9.27
N ALA A 122 5.92 13.45 -9.92
CA ALA A 122 4.69 13.96 -9.24
C ALA A 122 4.35 13.02 -8.07
N LEU A 123 4.58 11.74 -8.24
CA LEU A 123 4.34 10.80 -7.11
C LEU A 123 5.34 11.09 -6.01
N ARG A 124 6.54 11.51 -6.35
CA ARG A 124 7.54 11.88 -5.31
C ARG A 124 7.01 13.11 -4.57
N SER A 125 6.37 14.02 -5.28
CA SER A 125 5.78 15.23 -4.63
C SER A 125 4.65 14.81 -3.69
N LEU A 126 3.92 13.77 -4.04
CA LEU A 126 2.83 13.28 -3.14
C LEU A 126 3.50 12.75 -1.85
N ALA A 127 4.68 12.18 -1.98
CA ALA A 127 5.42 11.68 -0.79
C ALA A 127 5.93 12.88 0.03
N GLN A 128 6.23 13.98 -0.62
CA GLN A 128 6.73 15.20 0.12
C GLN A 128 5.60 15.79 0.96
N ALA A 129 4.38 15.61 0.52
CA ALA A 129 3.20 16.14 1.30
C ALA A 129 3.10 15.40 2.65
N GLY A 130 3.55 14.17 2.68
CA GLY A 130 3.49 13.36 3.94
C GLY A 130 3.18 11.90 3.61
N ALA A 131 3.67 11.39 2.51
CA ALA A 131 3.40 9.97 2.14
C ALA A 131 4.71 9.22 1.85
N THR A 132 4.64 7.92 1.77
CA THR A 132 5.86 7.10 1.49
C THR A 132 5.57 6.14 0.34
N ILE A 133 6.30 6.23 -0.74
CA ILE A 133 6.06 5.32 -1.88
C ILE A 133 7.25 4.36 -2.05
N LYS A 134 7.03 3.09 -1.82
CA LYS A 134 8.14 2.10 -1.96
C LYS A 134 7.59 0.75 -2.45
N ILE A 135 8.41 -0.04 -3.08
CA ILE A 135 7.92 -1.37 -3.58
C ILE A 135 7.65 -2.29 -2.38
N MET A 136 6.55 -3.01 -2.40
CA MET A 136 6.23 -3.94 -1.27
C MET A 136 7.45 -4.82 -0.95
N ASN A 137 7.81 -4.90 0.30
CA ASN A 137 9.01 -5.72 0.70
C ASN A 137 8.64 -6.93 1.54
N TYR A 138 9.57 -7.82 1.77
CA TYR A 138 9.30 -9.02 2.61
C TYR A 138 8.69 -8.57 3.94
N ASP A 139 9.05 -7.39 4.38
CA ASP A 139 8.48 -6.87 5.65
C ASP A 139 7.00 -6.51 5.45
N GLU A 140 6.61 -6.10 4.27
CA GLU A 140 5.17 -5.80 4.04
C GLU A 140 4.41 -7.11 3.88
N PHE A 141 4.99 -8.09 3.22
CA PHE A 141 4.31 -9.41 3.04
C PHE A 141 4.26 -10.12 4.38
N GLN A 142 5.38 -10.23 5.07
CA GLN A 142 5.37 -10.91 6.41
C GLN A 142 4.30 -10.28 7.30
N HIS A 143 4.04 -8.99 7.14
CA HIS A 143 2.99 -8.32 7.94
C HIS A 143 1.61 -8.62 7.35
N CYS A 144 1.42 -8.34 6.06
CA CYS A 144 0.11 -8.63 5.42
C CYS A 144 -0.21 -10.12 5.52
N TRP A 145 0.79 -10.96 5.63
CA TRP A 145 0.55 -12.41 5.76
C TRP A 145 -0.18 -12.67 7.09
N SER A 146 0.29 -12.10 8.16
CA SER A 146 -0.39 -12.30 9.47
C SER A 146 -1.68 -11.46 9.57
N LYS A 147 -1.82 -10.41 8.77
CA LYS A 147 -3.04 -9.56 8.85
C LYS A 147 -4.14 -10.01 7.86
N PHE A 148 -3.77 -10.35 6.65
CA PHE A 148 -4.80 -10.73 5.62
C PHE A 148 -4.86 -12.24 5.35
N VAL A 149 -4.01 -13.06 5.91
CA VAL A 149 -4.09 -14.54 5.62
C VAL A 149 -4.72 -15.30 6.80
N TYR A 150 -5.20 -16.50 6.53
CA TYR A 150 -5.83 -17.33 7.60
C TYR A 150 -4.85 -17.65 8.73
N SER A 151 -3.63 -18.03 8.40
CA SER A 151 -2.62 -18.37 9.44
C SER A 151 -2.57 -17.29 10.54
N GLN A 152 -2.48 -16.05 10.15
CA GLN A 152 -2.45 -14.92 11.14
C GLN A 152 -1.37 -15.14 12.22
N GLY A 153 -0.14 -14.83 11.91
CA GLY A 153 0.96 -14.99 12.90
C GLY A 153 1.87 -16.17 12.53
N ALA A 154 1.87 -16.59 11.29
CA ALA A 154 2.76 -17.72 10.88
C ALA A 154 4.13 -17.19 10.45
N PRO A 155 5.14 -18.02 10.57
CA PRO A 155 6.51 -17.62 10.17
C PRO A 155 6.66 -17.67 8.65
N PHE A 156 5.88 -16.91 7.92
CA PHE A 156 5.98 -16.92 6.43
C PHE A 156 7.30 -16.27 5.98
N GLN A 157 8.16 -17.06 5.35
CA GLN A 157 9.48 -16.54 4.88
C GLN A 157 9.46 -16.29 3.36
N PRO A 158 10.55 -15.74 2.85
CA PRO A 158 10.63 -15.46 1.38
C PRO A 158 10.83 -16.77 0.60
N TRP A 159 10.39 -16.79 -0.64
CA TRP A 159 10.54 -18.04 -1.47
C TRP A 159 11.73 -17.91 -2.45
N ASP A 160 11.49 -17.76 -3.73
CA ASP A 160 12.62 -17.65 -4.71
C ASP A 160 13.19 -16.22 -4.73
N GLY A 161 13.62 -15.73 -3.60
CA GLY A 161 14.22 -14.36 -3.54
C GLY A 161 13.13 -13.28 -3.62
N LEU A 162 12.02 -13.46 -2.93
CA LEU A 162 10.93 -12.42 -2.96
C LEU A 162 11.48 -11.05 -2.54
N ASP A 163 12.13 -10.98 -1.40
CA ASP A 163 12.70 -9.67 -0.96
C ASP A 163 13.76 -9.23 -1.95
N GLU A 164 14.44 -10.19 -2.55
CA GLU A 164 15.47 -9.86 -3.57
C GLU A 164 14.75 -9.29 -4.80
N HIS A 165 13.57 -9.79 -5.12
CA HIS A 165 12.83 -9.24 -6.29
C HIS A 165 12.14 -7.93 -5.91
N SER A 166 11.69 -7.80 -4.69
CA SER A 166 11.02 -6.53 -4.27
C SER A 166 12.05 -5.40 -4.26
N GLN A 167 13.23 -5.67 -3.78
CA GLN A 167 14.28 -4.61 -3.77
C GLN A 167 14.85 -4.43 -5.18
N ALA A 168 14.76 -5.44 -6.02
CA ALA A 168 15.29 -5.28 -7.41
C ALA A 168 14.33 -4.38 -8.19
N LEU A 169 13.04 -4.53 -7.97
CA LEU A 169 12.06 -3.67 -8.66
C LEU A 169 12.02 -2.30 -7.96
N SER A 170 12.29 -2.24 -6.67
CA SER A 170 12.30 -0.92 -5.96
C SER A 170 13.42 -0.06 -6.54
N GLY A 171 14.54 -0.66 -6.89
CA GLY A 171 15.64 0.13 -7.52
C GLY A 171 15.18 0.58 -8.91
N ARG A 172 14.34 -0.21 -9.54
CA ARG A 172 13.81 0.17 -10.89
C ARG A 172 12.75 1.27 -10.74
N LEU A 173 12.04 1.32 -9.62
CA LEU A 173 11.02 2.37 -9.43
C LEU A 173 11.71 3.74 -9.32
N GLY A 174 12.81 3.80 -8.63
CA GLY A 174 13.55 5.10 -8.49
C GLY A 174 14.29 5.39 -9.79
N GLU A 175 14.74 4.37 -10.48
CA GLU A 175 15.46 4.60 -11.78
C GLU A 175 14.47 5.03 -12.86
N ILE A 176 13.21 4.69 -12.71
CA ILE A 176 12.22 5.14 -13.73
C ILE A 176 12.23 6.67 -13.76
N LEU A 177 12.26 7.29 -12.61
CA LEU A 177 12.31 8.78 -12.54
C LEU A 177 13.79 9.26 -12.61
N ARG A 178 14.75 8.40 -12.31
CA ARG A 178 16.19 8.82 -12.39
C ARG A 178 16.82 8.30 -13.68
N HIS A 179 16.01 8.05 -14.68
CA HIS A 179 16.55 7.54 -15.98
C HIS A 179 17.19 8.68 -16.78
N SER A 180 16.52 9.80 -16.89
CA SER A 180 17.10 10.95 -17.65
C SER A 180 17.70 11.99 -16.68
N MET A 1 0.56 -22.56 7.62
CA MET A 1 0.48 -21.41 6.66
C MET A 1 -0.85 -21.46 5.89
N ASP A 2 -1.46 -20.32 5.69
CA ASP A 2 -2.77 -20.29 4.95
C ASP A 2 -2.83 -19.05 4.04
N PRO A 3 -1.99 -19.06 3.02
CA PRO A 3 -1.95 -17.93 2.05
C PRO A 3 -3.18 -17.95 1.13
N ASP A 4 -4.17 -17.15 1.42
CA ASP A 4 -5.40 -17.12 0.57
C ASP A 4 -5.46 -15.82 -0.21
N THR A 5 -5.66 -14.72 0.48
CA THR A 5 -5.73 -13.39 -0.20
C THR A 5 -4.32 -12.85 -0.46
N PHE A 6 -3.37 -13.19 0.38
CA PHE A 6 -1.97 -12.70 0.17
C PHE A 6 -1.36 -13.41 -1.05
N SER A 7 -1.51 -14.71 -1.14
CA SER A 7 -0.98 -15.44 -2.34
C SER A 7 -1.73 -14.96 -3.60
N TYR A 8 -2.89 -14.38 -3.42
CA TYR A 8 -3.70 -13.87 -4.58
C TYR A 8 -2.99 -12.70 -5.27
N ASN A 9 -2.58 -11.71 -4.53
CA ASN A 9 -1.92 -10.52 -5.16
C ASN A 9 -0.56 -10.20 -4.52
N PHE A 10 -0.44 -10.33 -3.22
CA PHE A 10 0.87 -10.02 -2.55
C PHE A 10 1.99 -10.97 -3.03
N ASN A 11 1.66 -12.07 -3.66
CA ASN A 11 2.71 -13.02 -4.14
C ASN A 11 3.65 -12.33 -5.14
N ASN A 12 4.88 -12.77 -5.19
CA ASN A 12 5.87 -12.15 -6.15
C ASN A 12 6.26 -13.18 -7.22
N ARG A 13 6.55 -14.40 -6.83
CA ARG A 13 6.93 -15.46 -7.81
C ARG A 13 5.83 -16.52 -7.87
N PRO A 14 4.81 -16.26 -8.67
CA PRO A 14 3.67 -17.21 -8.80
C PRO A 14 4.06 -18.40 -9.68
N ILE A 15 3.91 -19.61 -9.18
CA ILE A 15 4.25 -20.82 -9.98
C ILE A 15 3.46 -20.83 -11.28
N LEU A 16 2.16 -20.70 -11.21
CA LEU A 16 1.31 -20.70 -12.44
C LEU A 16 0.39 -19.47 -12.43
N SER A 17 0.62 -18.53 -13.31
CA SER A 17 -0.25 -17.31 -13.36
C SER A 17 -1.57 -17.62 -14.07
N ARG A 18 -2.68 -17.47 -13.39
CA ARG A 18 -4.00 -17.75 -14.02
C ARG A 18 -4.97 -16.59 -13.75
N ARG A 19 -4.77 -15.48 -14.43
CA ARG A 19 -5.65 -14.28 -14.26
C ARG A 19 -5.56 -13.71 -12.83
N ASN A 20 -6.08 -12.52 -12.63
CA ASN A 20 -6.04 -11.89 -11.26
C ASN A 20 -7.11 -10.80 -11.15
N THR A 21 -7.16 -10.10 -10.04
CA THR A 21 -8.19 -9.03 -9.86
C THR A 21 -7.52 -7.68 -9.57
N VAL A 22 -8.17 -6.60 -9.93
CA VAL A 22 -7.58 -5.23 -9.69
C VAL A 22 -8.10 -4.64 -8.37
N TRP A 23 -7.24 -4.49 -7.39
CA TRP A 23 -7.66 -3.91 -6.07
C TRP A 23 -6.44 -3.74 -5.15
N LEU A 24 -6.52 -2.83 -4.20
CA LEU A 24 -5.38 -2.62 -3.26
C LEU A 24 -5.80 -2.94 -1.82
N CYS A 25 -4.84 -3.22 -0.97
CA CYS A 25 -5.15 -3.52 0.46
C CYS A 25 -4.55 -2.41 1.32
N TYR A 26 -5.32 -1.82 2.20
CA TYR A 26 -4.76 -0.71 3.04
C TYR A 26 -4.92 -1.01 4.52
N GLU A 27 -4.07 -0.42 5.32
CA GLU A 27 -4.14 -0.63 6.80
C GLU A 27 -4.28 0.72 7.49
N VAL A 28 -5.45 1.00 8.01
CA VAL A 28 -5.67 2.31 8.69
C VAL A 28 -5.22 2.21 10.15
N LYS A 29 -4.05 2.71 10.45
CA LYS A 29 -3.50 2.64 11.83
C LYS A 29 -3.38 4.05 12.42
N THR A 30 -3.06 4.14 13.69
CA THR A 30 -2.88 5.48 14.33
C THR A 30 -1.39 5.73 14.57
N LYS A 31 -0.97 6.96 14.47
CA LYS A 31 0.48 7.28 14.69
C LYS A 31 0.92 6.89 16.11
N GLY A 32 0.71 7.75 17.08
CA GLY A 32 1.12 7.41 18.47
C GLY A 32 2.52 7.95 18.76
N PRO A 33 2.62 9.25 18.89
CA PRO A 33 3.94 9.90 19.18
C PRO A 33 4.36 9.62 20.63
N SER A 34 3.40 9.49 21.53
CA SER A 34 3.73 9.21 22.96
C SER A 34 3.84 7.69 23.19
N ARG A 35 3.36 7.19 24.31
CA ARG A 35 3.44 5.72 24.58
C ARG A 35 2.58 4.92 23.58
N PRO A 36 2.83 3.63 23.53
CA PRO A 36 2.08 2.75 22.59
C PRO A 36 0.62 2.57 23.05
N PRO A 37 -0.24 2.25 22.10
CA PRO A 37 -1.68 2.04 22.41
C PRO A 37 -1.91 0.69 23.10
N LEU A 38 -3.12 0.17 23.06
CA LEU A 38 -3.41 -1.15 23.71
C LEU A 38 -2.81 -2.30 22.88
N ASP A 39 -3.37 -3.48 22.99
CA ASP A 39 -2.84 -4.66 22.22
C ASP A 39 -2.76 -4.35 20.72
N ALA A 40 -3.85 -3.95 20.11
CA ALA A 40 -3.83 -3.64 18.65
C ALA A 40 -4.96 -2.67 18.28
N LYS A 41 -4.70 -1.78 17.36
CA LYS A 41 -5.74 -0.79 16.93
C LYS A 41 -5.57 -0.45 15.44
N ILE A 42 -5.38 -1.45 14.60
CA ILE A 42 -5.20 -1.20 13.14
C ILE A 42 -6.34 -1.84 12.35
N PHE A 43 -6.86 -1.16 11.37
CA PHE A 43 -7.98 -1.74 10.55
C PHE A 43 -7.48 -2.05 9.13
N ARG A 44 -7.68 -3.27 8.68
CA ARG A 44 -7.22 -3.64 7.30
C ARG A 44 -8.43 -3.69 6.36
N GLY A 45 -8.36 -3.03 5.24
CA GLY A 45 -9.51 -3.04 4.28
C GLY A 45 -9.01 -3.29 2.86
N GLN A 46 -9.88 -3.15 1.89
CA GLN A 46 -9.49 -3.38 0.46
C GLN A 46 -10.33 -2.50 -0.47
N VAL A 47 -9.97 -2.45 -1.73
CA VAL A 47 -10.76 -1.61 -2.70
C VAL A 47 -11.34 -2.52 -3.80
N TYR A 48 -12.45 -3.16 -3.52
CA TYR A 48 -13.09 -4.07 -4.54
C TYR A 48 -14.47 -4.55 -4.06
N SER A 49 -14.57 -4.97 -2.82
CA SER A 49 -15.88 -5.47 -2.28
C SER A 49 -16.99 -4.42 -2.46
N GLU A 50 -16.89 -3.30 -1.78
CA GLU A 50 -17.94 -2.24 -1.93
C GLU A 50 -17.33 -0.94 -2.47
N ASP A 51 -16.09 -0.65 -2.17
CA ASP A 51 -15.45 0.59 -2.67
C ASP A 51 -14.42 0.26 -3.76
N LYS A 52 -14.80 0.39 -5.00
CA LYS A 52 -13.85 0.09 -6.12
C LYS A 52 -13.09 1.36 -6.53
N TYR A 53 -12.80 2.22 -5.59
CA TYR A 53 -12.07 3.49 -5.90
C TYR A 53 -10.60 3.37 -5.45
N HIS A 54 -9.68 3.46 -6.38
CA HIS A 54 -8.23 3.35 -6.00
C HIS A 54 -7.75 4.62 -5.27
N PRO A 55 -8.22 5.80 -5.67
CA PRO A 55 -7.79 7.04 -4.96
C PRO A 55 -8.40 7.07 -3.55
N GLU A 56 -7.77 7.75 -2.62
CA GLU A 56 -8.30 7.77 -1.21
C GLU A 56 -9.38 8.85 -1.03
N MET A 57 -10.50 8.70 -1.70
CA MET A 57 -11.61 9.68 -1.55
C MET A 57 -12.76 9.02 -0.78
N ARG A 58 -13.07 7.78 -1.12
CA ARG A 58 -14.17 7.04 -0.40
C ARG A 58 -13.66 6.52 0.94
N PHE A 59 -12.38 6.22 1.03
CA PHE A 59 -11.78 5.72 2.30
C PHE A 59 -12.04 6.71 3.45
N LEU A 60 -12.22 7.98 3.14
CA LEU A 60 -12.49 8.99 4.22
C LEU A 60 -13.83 8.76 4.91
N SER A 61 -14.81 8.23 4.21
CA SER A 61 -16.14 8.00 4.84
C SER A 61 -16.02 7.15 6.10
N LEU A 62 -15.32 6.05 6.06
CA LEU A 62 -15.18 5.25 7.32
C LEU A 62 -14.36 6.05 8.34
N VAL A 63 -13.48 6.93 7.87
CA VAL A 63 -12.70 7.78 8.83
C VAL A 63 -13.70 8.71 9.54
N SER A 64 -14.73 9.15 8.83
CA SER A 64 -15.75 10.03 9.47
C SER A 64 -16.74 9.21 10.30
N LYS A 65 -16.87 7.92 10.01
CA LYS A 65 -17.83 7.06 10.77
C LYS A 65 -17.12 6.21 11.86
N TRP A 66 -15.81 6.30 11.97
CA TRP A 66 -15.09 5.48 13.01
C TRP A 66 -15.08 6.23 14.34
N LYS A 67 -14.43 7.38 14.39
CA LYS A 67 -14.38 8.17 15.67
C LYS A 67 -14.44 9.66 15.37
N LEU A 68 -14.90 10.45 16.32
CA LEU A 68 -14.98 11.93 16.09
C LEU A 68 -13.93 12.67 16.96
N HIS A 69 -12.97 11.96 17.50
CA HIS A 69 -11.92 12.63 18.33
C HIS A 69 -10.63 12.79 17.54
N ARG A 70 -10.58 13.76 16.65
CA ARG A 70 -9.35 13.98 15.82
C ARG A 70 -8.28 14.72 16.65
N ASP A 71 -7.71 14.06 17.64
CA ASP A 71 -6.66 14.70 18.48
C ASP A 71 -5.27 14.18 18.09
N GLN A 72 -5.09 12.88 18.04
CA GLN A 72 -3.76 12.31 17.67
C GLN A 72 -3.61 12.26 16.14
N GLU A 73 -2.59 11.60 15.66
CA GLU A 73 -2.37 11.52 14.18
C GLU A 73 -2.79 10.14 13.67
N TYR A 74 -2.81 9.96 12.36
CA TYR A 74 -3.20 8.63 11.79
C TYR A 74 -2.21 8.20 10.71
N GLU A 75 -2.00 6.91 10.56
CA GLU A 75 -1.05 6.40 9.53
C GLU A 75 -1.74 5.35 8.67
N VAL A 76 -1.67 5.47 7.36
CA VAL A 76 -2.33 4.47 6.48
C VAL A 76 -1.33 3.84 5.51
N THR A 77 -1.38 2.54 5.35
CA THR A 77 -0.45 1.86 4.40
C THR A 77 -1.26 1.46 3.17
N TRP A 78 -0.72 1.67 2.00
CA TRP A 78 -1.48 1.33 0.76
C TRP A 78 -0.71 0.34 -0.12
N TYR A 79 -1.13 -0.91 -0.11
CA TYR A 79 -0.45 -1.94 -0.93
C TYR A 79 -1.18 -2.06 -2.29
N ILE A 80 -0.56 -1.60 -3.34
CA ILE A 80 -1.23 -1.67 -4.68
C ILE A 80 -0.53 -2.71 -5.58
N SER A 81 -1.29 -3.39 -6.40
CA SER A 81 -0.70 -4.42 -7.32
C SER A 81 -0.62 -3.88 -8.76
N TRP A 82 -1.75 -3.62 -9.38
CA TRP A 82 -1.73 -3.08 -10.78
C TRP A 82 -3.03 -2.30 -11.07
N SER A 83 -2.90 -1.08 -11.53
CA SER A 83 -4.10 -0.23 -11.85
C SER A 83 -3.64 1.12 -12.41
N PRO A 84 -4.59 1.99 -12.73
CA PRO A 84 -4.24 3.34 -13.25
C PRO A 84 -3.77 4.24 -12.09
N CYS A 85 -2.74 3.80 -11.39
CA CYS A 85 -2.22 4.58 -10.24
C CYS A 85 -1.52 5.89 -10.66
N THR A 86 -1.53 6.25 -11.93
CA THR A 86 -0.89 7.54 -12.34
C THR A 86 -1.75 8.69 -11.79
N LYS A 87 -2.87 8.95 -12.41
CA LYS A 87 -3.78 10.03 -11.88
C LYS A 87 -4.33 9.58 -10.52
N CYS A 88 -4.53 8.29 -10.36
CA CYS A 88 -5.02 7.75 -9.04
C CYS A 88 -4.06 8.21 -7.94
N ALA A 89 -2.78 8.06 -8.19
CA ALA A 89 -1.74 8.51 -7.19
C ALA A 89 -1.91 10.01 -6.92
N ARG A 90 -2.20 10.79 -7.93
CA ARG A 90 -2.38 12.28 -7.71
C ARG A 90 -3.65 12.50 -6.89
N ASP A 91 -4.68 11.75 -7.19
CA ASP A 91 -5.97 11.89 -6.44
C ASP A 91 -5.80 11.42 -4.98
N MET A 92 -5.03 10.38 -4.75
CA MET A 92 -4.80 9.90 -3.38
C MET A 92 -3.88 10.92 -2.71
N ALA A 93 -2.90 11.40 -3.43
CA ALA A 93 -2.01 12.46 -2.87
C ALA A 93 -2.87 13.65 -2.44
N THR A 94 -3.97 13.87 -3.14
CA THR A 94 -4.89 14.98 -2.78
C THR A 94 -5.51 14.70 -1.41
N PHE A 95 -5.92 13.47 -1.14
CA PHE A 95 -6.50 13.18 0.22
C PHE A 95 -5.43 13.47 1.28
N LEU A 96 -4.20 13.07 1.02
CA LEU A 96 -3.10 13.30 2.00
C LEU A 96 -2.85 14.80 2.19
N GLN A 97 -2.82 15.56 1.13
CA GLN A 97 -2.57 17.04 1.26
C GLN A 97 -3.82 17.76 1.80
N GLU A 98 -4.99 17.17 1.67
CA GLU A 98 -6.23 17.84 2.18
C GLU A 98 -6.62 17.33 3.58
N ASN A 99 -6.25 16.11 3.92
CA ASN A 99 -6.61 15.58 5.27
C ASN A 99 -5.65 16.13 6.33
N THR A 100 -4.36 16.14 6.03
CA THR A 100 -3.31 16.65 6.98
C THR A 100 -3.29 15.81 8.28
N HIS A 101 -2.18 15.85 8.99
CA HIS A 101 -2.03 15.06 10.26
C HIS A 101 -2.08 13.54 10.00
N VAL A 102 -2.22 13.12 8.76
CA VAL A 102 -2.25 11.65 8.44
C VAL A 102 -1.00 11.27 7.63
N THR A 103 -0.50 10.07 7.81
CA THR A 103 0.70 9.64 7.02
C THR A 103 0.25 8.63 5.97
N LEU A 104 0.90 8.63 4.85
CA LEU A 104 0.50 7.70 3.76
C LEU A 104 1.66 6.80 3.35
N THR A 105 1.45 5.52 3.25
CA THR A 105 2.56 4.61 2.83
C THR A 105 2.14 3.86 1.56
N ILE A 106 2.22 4.50 0.43
CA ILE A 106 1.82 3.84 -0.86
C ILE A 106 2.89 2.84 -1.32
N PHE A 107 2.46 1.69 -1.79
CA PHE A 107 3.42 0.64 -2.25
C PHE A 107 3.15 0.28 -3.72
N VAL A 108 4.18 0.17 -4.52
CA VAL A 108 3.99 -0.19 -5.96
C VAL A 108 4.46 -1.63 -6.21
N ALA A 109 3.71 -2.39 -6.97
CA ALA A 109 4.10 -3.81 -7.26
C ALA A 109 4.43 -3.99 -8.75
N ARG A 110 3.53 -3.62 -9.63
CA ARG A 110 3.79 -3.79 -11.10
C ARG A 110 4.88 -2.80 -11.55
N LEU A 111 6.00 -3.32 -11.99
CA LEU A 111 7.11 -2.43 -12.46
C LEU A 111 7.89 -3.11 -13.58
N TYR A 112 7.60 -2.77 -14.81
CA TYR A 112 8.33 -3.40 -15.97
C TYR A 112 8.56 -2.37 -17.09
N TYR A 113 7.61 -1.50 -17.34
CA TYR A 113 7.79 -0.47 -18.41
C TYR A 113 7.19 0.86 -17.96
N ALA A 114 7.99 1.90 -17.92
CA ALA A 114 7.47 3.24 -17.51
C ALA A 114 6.86 3.97 -18.70
N TRP A 115 5.77 4.65 -18.49
CA TRP A 115 5.11 5.40 -19.62
C TRP A 115 5.49 6.88 -19.57
N ASP A 116 5.43 7.48 -18.40
CA ASP A 116 5.80 8.93 -18.28
C ASP A 116 6.72 9.14 -17.06
N PRO A 117 7.71 9.99 -17.24
CA PRO A 117 8.67 10.29 -16.15
C PRO A 117 8.05 11.20 -15.07
N ASP A 118 6.87 11.75 -15.32
CA ASP A 118 6.21 12.63 -14.31
C ASP A 118 5.56 11.80 -13.20
N TYR A 119 5.38 10.52 -13.40
CA TYR A 119 4.74 9.68 -12.35
C TYR A 119 5.67 9.53 -11.14
N GLN A 120 6.87 9.08 -11.37
CA GLN A 120 7.85 8.90 -10.25
C GLN A 120 7.97 10.21 -9.44
N GLU A 121 8.29 11.30 -10.10
CA GLU A 121 8.42 12.60 -9.38
C GLU A 121 7.09 13.00 -8.72
N ALA A 122 5.97 12.68 -9.33
CA ALA A 122 4.66 13.02 -8.69
C ALA A 122 4.54 12.26 -7.37
N LEU A 123 4.97 11.01 -7.35
CA LEU A 123 4.93 10.24 -6.08
C LEU A 123 5.87 10.92 -5.06
N ARG A 124 6.93 11.55 -5.53
CA ARG A 124 7.82 12.28 -4.59
C ARG A 124 7.02 13.46 -4.01
N SER A 125 6.10 14.01 -4.78
CA SER A 125 5.25 15.13 -4.28
C SER A 125 4.37 14.63 -3.13
N LEU A 126 3.89 13.41 -3.21
CA LEU A 126 3.08 12.85 -2.07
C LEU A 126 3.97 12.82 -0.83
N ALA A 127 5.22 12.44 -1.05
CA ALA A 127 6.20 12.39 0.08
C ALA A 127 6.44 13.80 0.62
N GLN A 128 6.32 14.80 -0.22
CA GLN A 128 6.50 16.21 0.25
C GLN A 128 5.34 16.59 1.18
N ALA A 129 4.16 16.05 0.92
CA ALA A 129 2.98 16.34 1.80
C ALA A 129 3.06 15.50 3.07
N GLY A 130 3.41 14.24 2.94
CA GLY A 130 3.51 13.35 4.13
C GLY A 130 3.17 11.90 3.72
N ALA A 131 3.68 11.46 2.59
CA ALA A 131 3.39 10.07 2.12
C ALA A 131 4.68 9.30 1.84
N THR A 132 4.59 8.02 1.62
CA THR A 132 5.80 7.20 1.35
C THR A 132 5.54 6.26 0.18
N ILE A 133 6.19 6.48 -0.93
CA ILE A 133 5.98 5.59 -2.11
C ILE A 133 7.21 4.70 -2.31
N LYS A 134 7.06 3.43 -2.08
CA LYS A 134 8.22 2.49 -2.25
C LYS A 134 7.74 1.15 -2.82
N ILE A 135 8.58 0.48 -3.57
CA ILE A 135 8.19 -0.84 -4.15
C ILE A 135 7.90 -1.83 -3.00
N MET A 136 6.96 -2.72 -3.20
CA MET A 136 6.62 -3.71 -2.12
C MET A 136 7.89 -4.42 -1.66
N ASN A 137 8.02 -4.64 -0.37
CA ASN A 137 9.23 -5.31 0.17
C ASN A 137 8.85 -6.56 0.96
N TYR A 138 9.78 -7.46 1.16
CA TYR A 138 9.47 -8.69 1.96
C TYR A 138 8.88 -8.25 3.30
N ASP A 139 9.29 -7.10 3.79
CA ASP A 139 8.74 -6.58 5.07
C ASP A 139 7.27 -6.19 4.89
N GLU A 140 6.86 -5.79 3.71
CA GLU A 140 5.42 -5.43 3.53
C GLU A 140 4.60 -6.72 3.52
N PHE A 141 5.10 -7.77 2.91
CA PHE A 141 4.35 -9.07 2.90
C PHE A 141 4.41 -9.70 4.28
N GLN A 142 5.59 -9.76 4.86
CA GLN A 142 5.71 -10.35 6.24
C GLN A 142 4.76 -9.61 7.19
N HIS A 143 4.53 -8.33 6.96
CA HIS A 143 3.59 -7.56 7.84
C HIS A 143 2.15 -7.85 7.41
N CYS A 144 1.85 -7.70 6.14
CA CYS A 144 0.46 -8.00 5.64
C CYS A 144 0.10 -9.45 5.93
N TRP A 145 1.07 -10.31 5.97
CA TRP A 145 0.78 -11.74 6.26
C TRP A 145 0.17 -11.85 7.67
N SER A 146 0.72 -11.14 8.63
CA SER A 146 0.15 -11.18 10.00
C SER A 146 -1.14 -10.34 10.10
N LYS A 147 -1.34 -9.40 9.20
CA LYS A 147 -2.56 -8.54 9.25
C LYS A 147 -3.70 -9.08 8.39
N PHE A 148 -3.46 -9.26 7.11
CA PHE A 148 -4.55 -9.74 6.19
C PHE A 148 -4.76 -11.27 6.24
N VAL A 149 -3.77 -12.05 6.63
CA VAL A 149 -3.98 -13.55 6.66
C VAL A 149 -4.59 -13.96 8.02
N TYR A 150 -5.13 -15.16 8.09
CA TYR A 150 -5.73 -15.64 9.38
C TYR A 150 -4.63 -16.09 10.36
N SER A 151 -3.46 -16.43 9.87
CA SER A 151 -2.35 -16.86 10.79
C SER A 151 -2.12 -15.80 11.88
N GLN A 152 -2.04 -14.55 11.48
CA GLN A 152 -1.85 -13.43 12.46
C GLN A 152 -0.65 -13.68 13.39
N GLY A 153 0.52 -13.28 12.97
CA GLY A 153 1.73 -13.47 13.83
C GLY A 153 2.48 -14.76 13.47
N ALA A 154 2.33 -15.25 12.26
CA ALA A 154 3.05 -16.50 11.87
C ALA A 154 4.43 -16.14 11.32
N PRO A 155 5.36 -17.07 11.42
CA PRO A 155 6.73 -16.84 10.92
C PRO A 155 6.80 -16.99 9.39
N PHE A 156 6.04 -16.18 8.67
CA PHE A 156 6.06 -16.27 7.18
C PHE A 156 7.39 -15.72 6.63
N GLN A 157 8.19 -16.57 6.03
CA GLN A 157 9.52 -16.14 5.49
C GLN A 157 9.45 -16.00 3.95
N PRO A 158 10.53 -15.53 3.37
CA PRO A 158 10.58 -15.35 1.89
C PRO A 158 10.66 -16.72 1.18
N TRP A 159 10.31 -16.77 -0.07
CA TRP A 159 10.33 -18.07 -0.82
C TRP A 159 11.47 -18.11 -1.87
N ASP A 160 11.16 -18.03 -3.15
CA ASP A 160 12.23 -18.10 -4.20
C ASP A 160 12.94 -16.75 -4.40
N GLY A 161 13.23 -16.03 -3.33
CA GLY A 161 13.93 -14.72 -3.47
C GLY A 161 12.94 -13.56 -3.44
N LEU A 162 11.90 -13.64 -2.63
CA LEU A 162 10.91 -12.53 -2.55
C LEU A 162 11.61 -11.22 -2.16
N ASP A 163 12.39 -11.24 -1.11
CA ASP A 163 13.11 -9.99 -0.70
C ASP A 163 14.09 -9.60 -1.80
N GLU A 164 14.57 -10.57 -2.55
CA GLU A 164 15.48 -10.27 -3.68
C GLU A 164 14.67 -9.59 -4.78
N HIS A 165 13.41 -9.96 -4.94
CA HIS A 165 12.56 -9.32 -6.00
C HIS A 165 12.06 -7.96 -5.54
N SER A 166 11.79 -7.77 -4.26
CA SER A 166 11.31 -6.43 -3.80
C SER A 166 12.40 -5.39 -4.03
N GLN A 167 13.62 -5.69 -3.65
CA GLN A 167 14.74 -4.74 -3.86
C GLN A 167 15.09 -4.66 -5.35
N ALA A 168 14.85 -5.73 -6.11
CA ALA A 168 15.14 -5.67 -7.57
C ALA A 168 14.13 -4.72 -8.23
N LEU A 169 12.91 -4.73 -7.77
CA LEU A 169 11.88 -3.81 -8.33
C LEU A 169 12.11 -2.40 -7.79
N SER A 170 12.57 -2.28 -6.56
CA SER A 170 12.84 -0.93 -5.99
C SER A 170 13.91 -0.22 -6.84
N GLY A 171 14.86 -0.98 -7.37
CA GLY A 171 15.90 -0.35 -8.25
C GLY A 171 15.22 0.12 -9.53
N ARG A 172 14.20 -0.59 -9.97
CA ARG A 172 13.46 -0.18 -11.20
C ARG A 172 12.56 1.03 -10.90
N LEU A 173 12.18 1.22 -9.65
CA LEU A 173 11.32 2.37 -9.29
C LEU A 173 12.11 3.68 -9.44
N GLY A 174 13.38 3.66 -9.06
CA GLY A 174 14.22 4.87 -9.19
C GLY A 174 14.58 5.09 -10.67
N GLU A 175 14.72 4.02 -11.42
CA GLU A 175 15.05 4.17 -12.87
C GLU A 175 13.82 4.70 -13.62
N ILE A 176 12.63 4.52 -13.08
CA ILE A 176 11.43 5.07 -13.76
C ILE A 176 11.60 6.58 -13.90
N LEU A 177 12.20 7.21 -12.91
CA LEU A 177 12.43 8.68 -12.97
C LEU A 177 13.76 8.97 -13.71
N ARG A 178 14.70 8.05 -13.71
CA ARG A 178 16.00 8.30 -14.43
C ARG A 178 15.77 8.16 -15.94
N HIS A 179 15.14 7.10 -16.35
CA HIS A 179 14.87 6.88 -17.81
C HIS A 179 13.39 7.12 -18.11
N SER A 180 12.96 6.86 -19.32
CA SER A 180 11.53 7.08 -19.68
C SER A 180 10.94 5.83 -20.36
N MET A 1 -5.57 -23.13 4.23
CA MET A 1 -4.48 -22.51 3.44
C MET A 1 -4.28 -21.03 3.86
N ASP A 2 -3.22 -20.75 4.56
CA ASP A 2 -2.96 -19.34 5.01
C ASP A 2 -2.55 -18.46 3.82
N PRO A 3 -1.52 -18.87 3.09
CA PRO A 3 -1.06 -18.09 1.92
C PRO A 3 -2.02 -18.29 0.74
N ASP A 4 -3.16 -17.65 0.77
CA ASP A 4 -4.16 -17.80 -0.31
C ASP A 4 -4.24 -16.52 -1.15
N THR A 5 -4.71 -15.45 -0.56
CA THR A 5 -4.82 -14.16 -1.28
C THR A 5 -3.45 -13.47 -1.38
N PHE A 6 -2.69 -13.49 -0.32
CA PHE A 6 -1.33 -12.84 -0.33
C PHE A 6 -0.41 -13.61 -1.28
N SER A 7 -0.38 -14.92 -1.19
CA SER A 7 0.51 -15.72 -2.10
C SER A 7 0.01 -15.60 -3.56
N TYR A 8 -1.20 -15.14 -3.76
CA TYR A 8 -1.75 -14.99 -5.14
C TYR A 8 -1.24 -13.70 -5.79
N ASN A 9 -1.31 -12.60 -5.09
CA ASN A 9 -0.86 -11.30 -5.68
C ASN A 9 0.38 -10.74 -4.97
N PHE A 10 0.40 -10.72 -3.66
CA PHE A 10 1.57 -10.15 -2.91
C PHE A 10 2.85 -10.98 -3.11
N ASN A 11 2.76 -12.20 -3.59
CA ASN A 11 3.99 -13.02 -3.77
C ASN A 11 4.99 -12.33 -4.72
N ASN A 12 6.24 -12.30 -4.31
CA ASN A 12 7.30 -11.67 -5.14
C ASN A 12 8.30 -12.74 -5.62
N ARG A 13 7.92 -14.00 -5.59
CA ARG A 13 8.85 -15.09 -6.04
C ARG A 13 9.12 -14.98 -7.56
N PRO A 14 10.09 -15.74 -8.02
CA PRO A 14 10.43 -15.75 -9.47
C PRO A 14 9.30 -16.40 -10.29
N ILE A 15 9.53 -16.62 -11.57
CA ILE A 15 8.49 -17.26 -12.44
C ILE A 15 7.16 -16.50 -12.32
N LEU A 16 6.96 -15.49 -13.13
CA LEU A 16 5.69 -14.69 -13.08
C LEU A 16 4.48 -15.58 -13.39
N SER A 17 3.49 -15.57 -12.51
CA SER A 17 2.27 -16.39 -12.74
C SER A 17 1.02 -15.62 -12.31
N ARG A 18 0.89 -14.39 -12.74
CA ARG A 18 -0.31 -13.57 -12.37
C ARG A 18 -1.09 -13.17 -13.63
N ARG A 19 -2.29 -12.67 -13.45
CA ARG A 19 -3.12 -12.25 -14.64
C ARG A 19 -3.37 -10.74 -14.61
N ASN A 20 -4.26 -10.28 -13.77
CA ASN A 20 -4.55 -8.80 -13.71
C ASN A 20 -5.31 -8.45 -12.43
N THR A 21 -5.09 -7.27 -11.89
CA THR A 21 -5.80 -6.85 -10.64
C THR A 21 -6.21 -5.37 -10.73
N VAL A 22 -7.41 -5.05 -10.35
CA VAL A 22 -7.88 -3.63 -10.42
C VAL A 22 -8.24 -3.13 -9.01
N TRP A 23 -7.36 -3.30 -8.05
CA TRP A 23 -7.64 -2.83 -6.66
C TRP A 23 -6.35 -2.68 -5.85
N LEU A 24 -6.45 -2.26 -4.62
CA LEU A 24 -5.23 -2.08 -3.76
C LEU A 24 -5.53 -2.51 -2.32
N CYS A 25 -4.63 -3.22 -1.70
CA CYS A 25 -4.86 -3.67 -0.28
C CYS A 25 -4.42 -2.56 0.67
N TYR A 26 -5.25 -2.16 1.60
CA TYR A 26 -4.85 -1.06 2.53
C TYR A 26 -5.03 -1.46 4.00
N GLU A 27 -4.46 -0.67 4.89
CA GLU A 27 -4.57 -0.95 6.35
C GLU A 27 -4.71 0.38 7.11
N VAL A 28 -5.79 0.56 7.84
CA VAL A 28 -5.98 1.84 8.60
C VAL A 28 -5.63 1.61 10.08
N LYS A 29 -4.50 2.12 10.52
CA LYS A 29 -4.09 1.93 11.93
C LYS A 29 -3.77 3.28 12.58
N THR A 30 -3.28 3.26 13.79
CA THR A 30 -2.94 4.53 14.49
C THR A 30 -1.43 4.79 14.39
N LYS A 31 -1.01 6.02 14.53
CA LYS A 31 0.45 6.35 14.46
C LYS A 31 1.24 5.62 15.55
N GLY A 32 0.60 5.24 16.63
CA GLY A 32 1.31 4.53 17.73
C GLY A 32 0.40 4.43 18.97
N PRO A 33 -0.20 3.27 19.14
CA PRO A 33 -1.11 3.05 20.30
C PRO A 33 -0.29 2.93 21.60
N SER A 34 -0.60 3.74 22.58
CA SER A 34 0.15 3.69 23.87
C SER A 34 -0.43 2.62 24.80
N ARG A 35 -0.05 2.61 26.06
CA ARG A 35 -0.55 1.60 27.03
C ARG A 35 -2.00 1.91 27.51
N PRO A 36 -2.23 3.14 27.95
CA PRO A 36 -3.58 3.51 28.46
C PRO A 36 -4.70 3.46 27.39
N PRO A 37 -4.41 3.85 26.15
CA PRO A 37 -5.47 3.79 25.09
C PRO A 37 -5.78 2.34 24.70
N LEU A 38 -6.49 2.14 23.61
CA LEU A 38 -6.83 0.74 23.18
C LEU A 38 -5.58 0.01 22.69
N ASP A 39 -5.72 -1.23 22.28
CA ASP A 39 -4.55 -2.01 21.79
C ASP A 39 -4.70 -2.33 20.30
N ALA A 40 -5.79 -2.96 19.92
CA ALA A 40 -5.99 -3.32 18.47
C ALA A 40 -7.14 -2.49 17.88
N LYS A 41 -6.83 -1.66 16.91
CA LYS A 41 -7.88 -0.83 16.25
C LYS A 41 -7.50 -0.58 14.78
N ILE A 42 -7.11 -1.62 14.09
CA ILE A 42 -6.70 -1.46 12.66
C ILE A 42 -7.67 -2.23 11.73
N PHE A 43 -8.01 -1.65 10.60
CA PHE A 43 -8.92 -2.34 9.64
C PHE A 43 -8.20 -2.55 8.31
N ARG A 44 -8.35 -3.71 7.72
CA ARG A 44 -7.65 -3.98 6.42
C ARG A 44 -8.67 -4.39 5.34
N GLY A 45 -8.59 -3.77 4.19
CA GLY A 45 -9.54 -4.11 3.09
C GLY A 45 -8.84 -3.93 1.74
N GLN A 46 -9.58 -3.68 0.68
CA GLN A 46 -8.96 -3.50 -0.65
C GLN A 46 -9.70 -2.40 -1.44
N VAL A 47 -10.74 -2.76 -2.15
CA VAL A 47 -11.51 -1.75 -2.94
C VAL A 47 -13.02 -1.98 -2.73
N TYR A 48 -13.42 -2.40 -1.56
CA TYR A 48 -14.88 -2.64 -1.28
C TYR A 48 -15.66 -1.32 -1.31
N SER A 49 -16.98 -1.40 -1.34
CA SER A 49 -17.84 -0.17 -1.38
C SER A 49 -17.70 0.56 -2.72
N GLU A 50 -18.80 0.89 -3.35
CA GLU A 50 -18.75 1.60 -4.66
C GLU A 50 -19.45 2.96 -4.54
N ASP A 51 -18.82 3.89 -3.88
CA ASP A 51 -19.44 5.24 -3.71
C ASP A 51 -19.31 6.06 -5.00
N LYS A 52 -19.94 7.22 -5.04
CA LYS A 52 -19.88 8.08 -6.26
C LYS A 52 -18.45 8.62 -6.48
N TYR A 53 -17.68 8.78 -5.42
CA TYR A 53 -16.29 9.30 -5.57
C TYR A 53 -15.36 8.19 -6.05
N HIS A 54 -14.14 8.53 -6.40
CA HIS A 54 -13.16 7.50 -6.86
C HIS A 54 -12.70 6.66 -5.65
N PRO A 55 -11.90 5.65 -5.90
CA PRO A 55 -11.39 4.78 -4.80
C PRO A 55 -10.41 5.53 -3.88
N GLU A 56 -10.13 6.79 -4.15
CA GLU A 56 -9.17 7.55 -3.30
C GLU A 56 -9.84 8.12 -2.04
N MET A 57 -10.66 9.14 -2.20
CA MET A 57 -11.32 9.81 -1.02
C MET A 57 -12.45 8.96 -0.41
N ARG A 58 -13.08 8.07 -1.14
CA ARG A 58 -14.19 7.26 -0.51
C ARG A 58 -13.63 6.45 0.67
N PHE A 59 -12.42 5.94 0.55
CA PHE A 59 -11.79 5.19 1.67
C PHE A 59 -11.42 6.17 2.78
N LEU A 60 -11.20 7.41 2.43
CA LEU A 60 -10.81 8.45 3.41
C LEU A 60 -12.02 9.00 4.17
N SER A 61 -13.10 9.26 3.48
CA SER A 61 -14.32 9.81 4.16
C SER A 61 -14.86 8.83 5.20
N LEU A 62 -14.79 7.55 4.96
CA LEU A 62 -15.29 6.59 5.99
C LEU A 62 -14.43 6.73 7.25
N VAL A 63 -13.19 7.18 7.12
CA VAL A 63 -12.33 7.38 8.33
C VAL A 63 -12.99 8.44 9.21
N SER A 64 -13.54 9.47 8.58
CA SER A 64 -14.24 10.53 9.37
C SER A 64 -15.61 10.01 9.85
N LYS A 65 -16.25 9.18 9.04
CA LYS A 65 -17.58 8.63 9.40
C LYS A 65 -17.46 7.41 10.35
N TRP A 66 -16.26 6.95 10.64
CA TRP A 66 -16.10 5.78 11.56
C TRP A 66 -16.07 6.26 13.02
N LYS A 67 -15.21 7.21 13.32
CA LYS A 67 -15.13 7.73 14.72
C LYS A 67 -14.73 9.22 14.71
N LEU A 68 -15.00 9.92 15.79
CA LEU A 68 -14.65 11.38 15.84
C LEU A 68 -13.77 11.68 17.08
N HIS A 69 -13.51 12.94 17.33
CA HIS A 69 -12.66 13.34 18.51
C HIS A 69 -11.27 12.67 18.42
N ARG A 70 -10.66 12.69 17.26
CA ARG A 70 -9.31 12.06 17.12
C ARG A 70 -8.23 13.00 17.68
N ASP A 71 -7.59 12.60 18.75
CA ASP A 71 -6.53 13.44 19.36
C ASP A 71 -5.14 13.03 18.83
N GLN A 72 -4.91 11.75 18.69
CA GLN A 72 -3.59 11.27 18.17
C GLN A 72 -3.57 11.29 16.64
N GLU A 73 -2.55 10.71 16.04
CA GLU A 73 -2.47 10.70 14.54
C GLU A 73 -2.89 9.32 14.00
N TYR A 74 -2.96 9.17 12.70
CA TYR A 74 -3.37 7.86 12.12
C TYR A 74 -2.40 7.46 11.00
N GLU A 75 -2.13 6.18 10.86
CA GLU A 75 -1.20 5.71 9.78
C GLU A 75 -1.97 4.81 8.81
N VAL A 76 -1.79 5.01 7.53
CA VAL A 76 -2.52 4.15 6.54
C VAL A 76 -1.53 3.53 5.56
N THR A 77 -1.59 2.22 5.39
CA THR A 77 -0.67 1.55 4.43
C THR A 77 -1.46 1.24 3.17
N TRP A 78 -0.95 1.60 2.02
CA TRP A 78 -1.68 1.35 0.75
C TRP A 78 -0.83 0.48 -0.18
N TYR A 79 -1.20 -0.76 -0.35
CA TYR A 79 -0.45 -1.67 -1.24
C TYR A 79 -1.05 -1.62 -2.65
N ILE A 80 -0.45 -0.86 -3.54
CA ILE A 80 -0.99 -0.74 -4.92
C ILE A 80 -0.07 -1.47 -5.92
N SER A 81 -0.58 -1.81 -7.07
CA SER A 81 0.25 -2.55 -8.07
C SER A 81 0.27 -1.82 -9.43
N TRP A 82 -0.88 -1.45 -9.94
CA TRP A 82 -0.93 -0.76 -11.28
C TRP A 82 -1.28 0.74 -11.16
N SER A 83 -1.23 1.29 -9.96
CA SER A 83 -1.55 2.75 -9.76
C SER A 83 -3.00 3.05 -10.16
N PRO A 84 -3.84 3.26 -9.17
CA PRO A 84 -5.29 3.54 -9.43
C PRO A 84 -5.50 4.93 -10.05
N CYS A 85 -5.87 4.96 -11.32
CA CYS A 85 -6.13 6.26 -12.04
C CYS A 85 -5.00 7.28 -11.84
N THR A 86 -4.45 7.83 -12.89
CA THR A 86 -3.38 8.86 -12.71
C THR A 86 -3.91 9.94 -11.74
N LYS A 87 -5.21 10.17 -11.78
CA LYS A 87 -5.83 11.19 -10.88
C LYS A 87 -6.03 10.66 -9.46
N CYS A 88 -6.12 9.35 -9.23
CA CYS A 88 -6.28 8.90 -7.83
C CYS A 88 -4.90 9.02 -7.15
N ALA A 89 -3.85 8.93 -7.92
CA ALA A 89 -2.48 9.11 -7.36
C ALA A 89 -2.30 10.58 -6.95
N ARG A 90 -2.77 11.51 -7.77
CA ARG A 90 -2.65 12.95 -7.37
C ARG A 90 -3.62 13.21 -6.22
N ASP A 91 -4.80 12.65 -6.32
CA ASP A 91 -5.82 12.83 -5.23
C ASP A 91 -5.26 12.27 -3.89
N MET A 92 -4.35 11.31 -3.95
CA MET A 92 -3.76 10.76 -2.70
C MET A 92 -3.06 11.90 -1.95
N ALA A 93 -2.23 12.64 -2.65
CA ALA A 93 -1.55 13.80 -2.00
C ALA A 93 -2.61 14.80 -1.54
N THR A 94 -3.75 14.82 -2.21
CA THR A 94 -4.84 15.76 -1.81
C THR A 94 -5.45 15.32 -0.47
N PHE A 95 -5.62 14.03 -0.22
CA PHE A 95 -6.17 13.63 1.11
C PHE A 95 -5.07 13.78 2.17
N LEU A 96 -3.86 13.43 1.82
CA LEU A 96 -2.72 13.53 2.77
C LEU A 96 -2.40 15.01 3.07
N GLN A 97 -2.53 15.89 2.10
CA GLN A 97 -2.23 17.33 2.35
C GLN A 97 -3.38 18.00 3.14
N GLU A 98 -4.58 17.49 3.03
CA GLU A 98 -5.72 18.11 3.79
C GLU A 98 -5.82 17.53 5.22
N ASN A 99 -5.30 16.35 5.44
CA ASN A 99 -5.36 15.75 6.81
C ASN A 99 -4.08 16.09 7.58
N THR A 100 -2.92 15.87 6.97
CA THR A 100 -1.58 16.16 7.61
C THR A 100 -1.30 15.26 8.83
N HIS A 101 -2.20 15.17 9.77
CA HIS A 101 -1.96 14.29 10.97
C HIS A 101 -2.00 12.80 10.58
N VAL A 102 -2.21 12.50 9.32
CA VAL A 102 -2.24 11.06 8.89
C VAL A 102 -1.03 10.74 8.01
N THR A 103 -0.52 9.53 8.09
CA THR A 103 0.65 9.14 7.25
C THR A 103 0.19 8.20 6.14
N LEU A 104 0.81 8.27 5.00
CA LEU A 104 0.40 7.41 3.86
C LEU A 104 1.55 6.48 3.48
N THR A 105 1.31 5.20 3.37
CA THR A 105 2.41 4.27 2.96
C THR A 105 1.99 3.55 1.66
N ILE A 106 2.13 4.22 0.54
CA ILE A 106 1.73 3.60 -0.77
C ILE A 106 2.82 2.68 -1.31
N PHE A 107 2.45 1.67 -2.05
CA PHE A 107 3.45 0.71 -2.63
C PHE A 107 3.18 0.48 -4.12
N VAL A 108 4.21 0.11 -4.86
CA VAL A 108 4.04 -0.14 -6.32
C VAL A 108 4.36 -1.61 -6.63
N ALA A 109 3.62 -2.20 -7.55
CA ALA A 109 3.88 -3.64 -7.89
C ALA A 109 3.76 -3.90 -9.41
N ARG A 110 3.69 -2.86 -10.22
CA ARG A 110 3.57 -3.04 -11.71
C ARG A 110 4.56 -4.10 -12.23
N LEU A 111 5.77 -4.11 -11.69
CA LEU A 111 6.81 -5.10 -12.12
C LEU A 111 7.27 -4.84 -13.56
N TYR A 112 8.40 -4.19 -13.72
CA TYR A 112 8.95 -3.90 -15.08
C TYR A 112 7.91 -3.15 -15.94
N TYR A 113 7.74 -1.87 -15.71
CA TYR A 113 6.75 -1.08 -16.51
C TYR A 113 7.24 0.36 -16.66
N ALA A 114 7.72 0.71 -17.83
CA ALA A 114 8.21 2.10 -18.07
C ALA A 114 7.30 2.83 -19.06
N TRP A 115 6.53 3.78 -18.59
CA TRP A 115 5.61 4.53 -19.51
C TRP A 115 5.34 5.94 -18.96
N ASP A 116 5.57 6.95 -19.76
CA ASP A 116 5.33 8.38 -19.33
C ASP A 116 6.09 8.71 -18.03
N PRO A 117 7.22 9.37 -18.19
CA PRO A 117 8.03 9.76 -16.99
C PRO A 117 7.34 10.92 -16.24
N ASP A 118 6.28 10.60 -15.53
CA ASP A 118 5.53 11.66 -14.77
C ASP A 118 4.81 11.06 -13.56
N TYR A 119 4.27 9.86 -13.68
CA TYR A 119 3.56 9.23 -12.53
C TYR A 119 4.53 8.98 -11.36
N GLN A 120 5.72 8.53 -11.65
CA GLN A 120 6.72 8.27 -10.57
C GLN A 120 7.07 9.58 -9.86
N GLU A 121 7.45 10.59 -10.60
CA GLU A 121 7.80 11.90 -9.96
C GLU A 121 6.57 12.50 -9.26
N ALA A 122 5.39 12.29 -9.79
CA ALA A 122 4.17 12.82 -9.12
C ALA A 122 3.99 12.09 -7.79
N LEU A 123 4.35 10.82 -7.74
CA LEU A 123 4.26 10.08 -6.45
C LEU A 123 5.26 10.68 -5.47
N ARG A 124 6.37 11.20 -5.98
CA ARG A 124 7.37 11.85 -5.07
C ARG A 124 6.72 13.08 -4.44
N SER A 125 5.89 13.78 -5.20
CA SER A 125 5.19 14.98 -4.62
C SER A 125 4.14 14.50 -3.61
N LEU A 126 3.46 13.42 -3.90
CA LEU A 126 2.47 12.87 -2.93
C LEU A 126 3.24 12.42 -1.68
N ALA A 127 4.46 11.95 -1.86
CA ALA A 127 5.30 11.53 -0.71
C ALA A 127 5.79 12.78 0.06
N GLN A 128 5.98 13.89 -0.63
CA GLN A 128 6.43 15.13 0.06
C GLN A 128 5.31 15.65 0.98
N ALA A 129 4.07 15.35 0.64
CA ALA A 129 2.93 15.79 1.51
C ALA A 129 2.98 15.05 2.84
N GLY A 130 3.62 13.90 2.87
CA GLY A 130 3.72 13.10 4.13
C GLY A 130 3.39 11.63 3.84
N ALA A 131 3.77 11.13 2.69
CA ALA A 131 3.47 9.70 2.36
C ALA A 131 4.75 8.94 2.01
N THR A 132 4.65 7.64 1.86
CA THR A 132 5.84 6.81 1.53
C THR A 132 5.51 5.93 0.32
N ILE A 133 6.24 6.07 -0.76
CA ILE A 133 5.96 5.22 -1.96
C ILE A 133 7.17 4.34 -2.27
N LYS A 134 7.03 3.06 -2.05
CA LYS A 134 8.16 2.13 -2.32
C LYS A 134 7.64 0.83 -2.95
N ILE A 135 8.41 0.20 -3.80
CA ILE A 135 7.95 -1.08 -4.43
C ILE A 135 7.64 -2.10 -3.33
N MET A 136 6.75 -3.04 -3.62
CA MET A 136 6.40 -4.08 -2.60
C MET A 136 7.68 -4.64 -1.97
N ASN A 137 7.90 -4.39 -0.71
CA ASN A 137 9.14 -4.87 -0.04
C ASN A 137 8.85 -6.02 0.91
N TYR A 138 9.85 -6.80 1.25
CA TYR A 138 9.63 -7.92 2.21
C TYR A 138 8.95 -7.36 3.46
N ASP A 139 9.25 -6.12 3.79
CA ASP A 139 8.61 -5.48 4.98
C ASP A 139 7.13 -5.21 4.71
N GLU A 140 6.74 -4.95 3.47
CA GLU A 140 5.29 -4.71 3.20
C GLU A 140 4.53 -6.01 3.31
N PHE A 141 5.10 -7.10 2.85
CA PHE A 141 4.42 -8.42 2.99
C PHE A 141 4.47 -8.85 4.46
N GLN A 142 5.60 -8.60 5.11
CA GLN A 142 5.73 -8.97 6.55
C GLN A 142 4.54 -8.39 7.33
N HIS A 143 4.13 -7.18 7.01
CA HIS A 143 2.95 -6.58 7.71
C HIS A 143 1.64 -7.10 7.10
N CYS A 144 1.59 -7.23 5.79
CA CYS A 144 0.34 -7.73 5.14
C CYS A 144 0.07 -9.18 5.54
N TRP A 145 1.08 -9.99 5.65
CA TRP A 145 0.85 -11.40 6.07
C TRP A 145 0.20 -11.41 7.46
N SER A 146 0.63 -10.52 8.33
CA SER A 146 0.01 -10.47 9.69
C SER A 146 -1.38 -9.82 9.61
N LYS A 147 -1.53 -8.79 8.79
CA LYS A 147 -2.85 -8.09 8.68
C LYS A 147 -3.87 -8.93 7.88
N PHE A 148 -3.47 -9.39 6.73
CA PHE A 148 -4.42 -10.19 5.87
C PHE A 148 -4.44 -11.68 6.26
N VAL A 149 -3.29 -12.30 6.45
CA VAL A 149 -3.28 -13.75 6.83
C VAL A 149 -3.39 -13.91 8.34
N TYR A 150 -3.82 -15.06 8.80
CA TYR A 150 -3.93 -15.30 10.27
C TYR A 150 -2.74 -16.14 10.75
N SER A 151 -2.68 -17.39 10.35
CA SER A 151 -1.56 -18.30 10.73
C SER A 151 -1.21 -18.17 12.23
N GLN A 152 -2.21 -18.01 13.07
CA GLN A 152 -1.99 -17.87 14.55
C GLN A 152 -0.97 -16.77 14.88
N GLY A 153 -0.77 -15.81 14.00
CA GLY A 153 0.21 -14.71 14.27
C GLY A 153 1.63 -15.25 14.08
N ALA A 154 1.89 -15.88 12.96
CA ALA A 154 3.26 -16.43 12.71
C ALA A 154 4.19 -15.34 12.15
N PRO A 155 5.45 -15.43 12.51
CA PRO A 155 6.44 -14.43 12.03
C PRO A 155 6.76 -14.68 10.55
N PHE A 156 6.04 -14.02 9.66
CA PHE A 156 6.28 -14.21 8.20
C PHE A 156 7.76 -13.98 7.83
N GLN A 157 8.33 -14.89 7.08
CA GLN A 157 9.76 -14.77 6.67
C GLN A 157 9.90 -14.80 5.14
N PRO A 158 11.07 -14.46 4.66
CA PRO A 158 11.33 -14.46 3.19
C PRO A 158 11.46 -15.90 2.67
N TRP A 159 11.06 -16.13 1.44
CA TRP A 159 11.15 -17.51 0.85
C TRP A 159 12.19 -17.59 -0.28
N ASP A 160 11.77 -17.73 -1.53
CA ASP A 160 12.74 -17.84 -2.67
C ASP A 160 13.31 -16.46 -3.05
N GLY A 161 13.90 -15.77 -2.12
CA GLY A 161 14.52 -14.44 -2.42
C GLY A 161 13.45 -13.33 -2.53
N LEU A 162 12.43 -13.35 -1.70
CA LEU A 162 11.39 -12.28 -1.77
C LEU A 162 12.02 -10.90 -1.57
N ASP A 163 12.79 -10.72 -0.53
CA ASP A 163 13.45 -9.38 -0.32
C ASP A 163 14.41 -9.12 -1.49
N GLU A 164 14.94 -10.17 -2.05
CA GLU A 164 15.85 -10.00 -3.24
C GLU A 164 15.02 -9.50 -4.42
N HIS A 165 13.79 -9.97 -4.55
CA HIS A 165 12.93 -9.50 -5.67
C HIS A 165 12.33 -8.13 -5.33
N SER A 166 12.12 -7.85 -4.06
CA SER A 166 11.55 -6.53 -3.67
C SER A 166 12.57 -5.43 -3.99
N GLN A 167 13.83 -5.67 -3.69
CA GLN A 167 14.88 -4.65 -4.01
C GLN A 167 15.17 -4.66 -5.52
N ALA A 168 14.97 -5.78 -6.18
CA ALA A 168 15.22 -5.81 -7.66
C ALA A 168 14.14 -4.96 -8.35
N LEU A 169 12.94 -4.98 -7.83
CA LEU A 169 11.86 -4.15 -8.44
C LEU A 169 12.03 -2.69 -7.99
N SER A 170 12.48 -2.47 -6.78
CA SER A 170 12.70 -1.07 -6.30
C SER A 170 13.75 -0.40 -7.19
N GLY A 171 14.73 -1.16 -7.67
CA GLY A 171 15.75 -0.56 -8.58
C GLY A 171 15.07 -0.22 -9.90
N ARG A 172 14.07 -0.98 -10.30
CA ARG A 172 13.35 -0.68 -11.56
C ARG A 172 12.40 0.51 -11.35
N LEU A 173 11.99 0.77 -10.13
CA LEU A 173 11.08 1.92 -9.86
C LEU A 173 11.86 3.23 -10.05
N GLY A 174 13.10 3.26 -9.63
CA GLY A 174 13.91 4.50 -9.78
C GLY A 174 14.31 4.67 -11.24
N GLU A 175 14.54 3.59 -11.96
CA GLU A 175 14.91 3.70 -13.40
C GLU A 175 13.68 4.09 -14.23
N ILE A 176 12.49 3.81 -13.74
CA ILE A 176 11.28 4.22 -14.50
C ILE A 176 11.30 5.75 -14.62
N LEU A 177 11.67 6.42 -13.56
CA LEU A 177 11.75 7.91 -13.59
C LEU A 177 13.14 8.37 -14.09
N ARG A 178 14.15 7.51 -14.06
CA ARG A 178 15.52 7.94 -14.53
C ARG A 178 15.78 7.48 -15.97
N HIS A 179 15.77 6.20 -16.20
CA HIS A 179 16.04 5.67 -17.57
C HIS A 179 14.82 5.85 -18.50
N SER A 180 13.84 4.99 -18.41
CA SER A 180 12.63 5.11 -19.30
C SER A 180 11.36 5.27 -18.46
N MET A 1 0.76 -20.75 6.74
CA MET A 1 -0.35 -20.72 7.75
C MET A 1 -1.56 -19.97 7.18
N ASP A 2 -2.56 -20.70 6.73
CA ASP A 2 -3.79 -20.07 6.17
C ASP A 2 -3.47 -19.06 5.04
N PRO A 3 -2.71 -19.51 4.06
CA PRO A 3 -2.35 -18.63 2.91
C PRO A 3 -3.49 -18.63 1.88
N ASP A 4 -4.43 -17.72 2.02
CA ASP A 4 -5.59 -17.69 1.07
C ASP A 4 -5.55 -16.42 0.22
N THR A 5 -5.76 -15.29 0.84
CA THR A 5 -5.77 -13.99 0.07
C THR A 5 -4.34 -13.49 -0.18
N PHE A 6 -3.46 -13.63 0.78
CA PHE A 6 -2.06 -13.16 0.57
C PHE A 6 -1.37 -14.05 -0.46
N SER A 7 -1.59 -15.34 -0.38
CA SER A 7 -0.99 -16.26 -1.40
C SER A 7 -1.67 -16.05 -2.76
N TYR A 8 -2.78 -15.33 -2.77
CA TYR A 8 -3.52 -15.07 -4.04
C TYR A 8 -2.84 -13.97 -4.87
N ASN A 9 -2.56 -12.84 -4.28
CA ASN A 9 -1.92 -11.73 -5.07
C ASN A 9 -0.73 -11.09 -4.35
N PHE A 10 -0.46 -11.44 -3.11
CA PHE A 10 0.69 -10.83 -2.39
C PHE A 10 1.97 -11.66 -2.57
N ASN A 11 2.14 -12.26 -3.71
CA ASN A 11 3.36 -13.07 -3.98
C ASN A 11 4.32 -12.30 -4.90
N ASN A 12 5.60 -12.52 -4.76
CA ASN A 12 6.59 -11.79 -5.62
C ASN A 12 7.21 -12.72 -6.68
N ARG A 13 7.24 -14.01 -6.43
CA ARG A 13 7.83 -14.96 -7.44
C ARG A 13 6.81 -16.06 -7.82
N PRO A 14 5.69 -15.64 -8.36
CA PRO A 14 4.63 -16.61 -8.78
C PRO A 14 5.07 -17.37 -10.04
N ILE A 15 5.10 -18.68 -9.97
CA ILE A 15 5.53 -19.50 -11.14
C ILE A 15 4.72 -19.12 -12.39
N LEU A 16 3.41 -19.18 -12.32
CA LEU A 16 2.56 -18.83 -13.50
C LEU A 16 2.01 -17.41 -13.38
N SER A 17 1.78 -16.94 -12.17
CA SER A 17 1.23 -15.55 -11.94
C SER A 17 -0.21 -15.43 -12.46
N ARG A 18 -0.95 -14.45 -11.96
CA ARG A 18 -2.37 -14.27 -12.42
C ARG A 18 -2.48 -13.02 -13.30
N ARG A 19 -1.86 -11.93 -12.91
CA ARG A 19 -1.92 -10.66 -13.72
C ARG A 19 -3.39 -10.26 -13.98
N ASN A 20 -4.21 -10.27 -12.95
CA ASN A 20 -5.65 -9.91 -13.14
C ASN A 20 -6.19 -9.21 -11.88
N THR A 21 -7.50 -9.12 -11.76
CA THR A 21 -8.17 -8.46 -10.57
C THR A 21 -7.80 -6.97 -10.48
N VAL A 22 -8.64 -6.18 -9.84
CA VAL A 22 -8.37 -4.72 -9.70
C VAL A 22 -8.73 -4.26 -8.28
N TRP A 23 -7.76 -4.24 -7.39
CA TRP A 23 -8.05 -3.81 -5.98
C TRP A 23 -6.74 -3.61 -5.20
N LEU A 24 -6.82 -3.05 -4.02
CA LEU A 24 -5.60 -2.85 -3.18
C LEU A 24 -5.90 -3.15 -1.71
N CYS A 25 -5.01 -3.83 -1.05
CA CYS A 25 -5.24 -4.16 0.41
C CYS A 25 -4.75 -2.98 1.26
N TYR A 26 -5.63 -2.38 2.04
CA TYR A 26 -5.19 -1.22 2.88
C TYR A 26 -5.44 -1.48 4.36
N GLU A 27 -4.90 -0.63 5.20
CA GLU A 27 -5.09 -0.78 6.67
C GLU A 27 -5.02 0.60 7.34
N VAL A 28 -5.73 0.79 8.42
CA VAL A 28 -5.70 2.10 9.14
C VAL A 28 -5.19 1.92 10.57
N LYS A 29 -3.98 2.37 10.84
CA LYS A 29 -3.42 2.23 12.21
C LYS A 29 -3.03 3.61 12.77
N THR A 30 -2.24 3.64 13.81
CA THR A 30 -1.80 4.94 14.41
C THR A 30 -0.44 5.35 13.83
N LYS A 31 -0.08 6.61 13.98
CA LYS A 31 1.24 7.09 13.45
C LYS A 31 2.40 6.25 13.99
N GLY A 32 2.23 5.60 15.13
CA GLY A 32 3.32 4.76 15.70
C GLY A 32 3.66 3.62 14.72
N PRO A 33 4.93 3.31 14.63
CA PRO A 33 5.39 2.23 13.71
C PRO A 33 4.95 0.84 14.23
N SER A 34 5.09 0.60 15.52
CA SER A 34 4.68 -0.73 16.08
C SER A 34 3.23 -0.67 16.56
N ARG A 35 2.68 -1.79 16.99
CA ARG A 35 1.27 -1.81 17.48
C ARG A 35 1.18 -1.17 18.88
N PRO A 36 0.02 -0.62 19.18
CA PRO A 36 -0.20 0.04 20.50
C PRO A 36 -0.30 -1.01 21.62
N PRO A 37 -0.23 -0.54 22.85
CA PRO A 37 -0.32 -1.45 24.02
C PRO A 37 -1.76 -1.98 24.19
N LEU A 38 -2.73 -1.32 23.59
CA LEU A 38 -4.15 -1.80 23.70
C LEU A 38 -4.36 -3.05 22.81
N ASP A 39 -5.59 -3.36 22.48
CA ASP A 39 -5.86 -4.55 21.62
C ASP A 39 -5.19 -4.39 20.25
N ALA A 40 -5.59 -3.40 19.48
CA ALA A 40 -4.99 -3.19 18.14
C ALA A 40 -5.43 -1.84 17.55
N LYS A 41 -6.72 -1.57 17.54
CA LYS A 41 -7.26 -0.29 16.98
C LYS A 41 -6.85 -0.11 15.50
N ILE A 42 -6.64 -1.19 14.79
CA ILE A 42 -6.24 -1.08 13.35
C ILE A 42 -7.25 -1.83 12.48
N PHE A 43 -7.73 -1.21 11.43
CA PHE A 43 -8.73 -1.88 10.53
C PHE A 43 -8.09 -2.18 9.17
N ARG A 44 -8.54 -3.20 8.49
CA ARG A 44 -7.95 -3.54 7.16
C ARG A 44 -9.07 -3.83 6.15
N GLY A 45 -8.92 -3.40 4.92
CA GLY A 45 -9.99 -3.66 3.89
C GLY A 45 -9.38 -3.82 2.50
N GLN A 46 -10.20 -3.76 1.49
CA GLN A 46 -9.72 -3.90 0.08
C GLN A 46 -10.63 -3.13 -0.88
N VAL A 47 -10.55 -3.38 -2.17
CA VAL A 47 -11.41 -2.65 -3.14
C VAL A 47 -12.25 -3.66 -3.95
N TYR A 48 -13.47 -3.88 -3.53
CA TYR A 48 -14.36 -4.85 -4.27
C TYR A 48 -15.59 -4.14 -4.83
N SER A 49 -16.17 -3.22 -4.08
CA SER A 49 -17.39 -2.49 -4.58
C SER A 49 -17.04 -1.61 -5.79
N GLU A 50 -18.02 -1.29 -6.60
CA GLU A 50 -17.76 -0.43 -7.80
C GLU A 50 -18.51 0.90 -7.65
N ASP A 51 -18.06 1.74 -6.77
CA ASP A 51 -18.74 3.07 -6.56
C ASP A 51 -18.31 4.07 -7.64
N LYS A 52 -18.72 5.31 -7.53
CA LYS A 52 -18.33 6.35 -8.54
C LYS A 52 -16.82 6.61 -8.49
N TYR A 53 -16.29 6.94 -7.35
CA TYR A 53 -14.82 7.20 -7.23
C TYR A 53 -14.08 5.88 -7.00
N HIS A 54 -12.84 5.81 -7.38
CA HIS A 54 -12.04 4.57 -7.13
C HIS A 54 -11.72 4.53 -5.62
N PRO A 55 -10.78 3.72 -5.20
CA PRO A 55 -10.43 3.67 -3.75
C PRO A 55 -9.60 4.91 -3.33
N GLU A 56 -9.86 6.07 -3.91
CA GLU A 56 -9.09 7.30 -3.54
C GLU A 56 -9.69 7.94 -2.28
N MET A 57 -10.60 8.89 -2.45
CA MET A 57 -11.22 9.58 -1.27
C MET A 57 -12.26 8.69 -0.57
N ARG A 58 -12.82 7.70 -1.26
CA ARG A 58 -13.83 6.80 -0.60
C ARG A 58 -13.31 6.30 0.74
N PHE A 59 -12.24 5.54 0.70
CA PHE A 59 -11.62 5.01 1.97
C PHE A 59 -11.32 6.17 2.94
N LEU A 60 -11.13 7.35 2.42
CA LEU A 60 -10.81 8.54 3.26
C LEU A 60 -12.06 9.12 3.90
N SER A 61 -13.13 9.22 3.15
CA SER A 61 -14.40 9.81 3.69
C SER A 61 -14.92 9.00 4.88
N LEU A 62 -14.78 7.70 4.87
CA LEU A 62 -15.28 6.92 6.03
C LEU A 62 -14.47 7.31 7.28
N VAL A 63 -13.25 7.79 7.10
CA VAL A 63 -12.45 8.23 8.28
C VAL A 63 -13.17 9.42 8.92
N SER A 64 -13.77 10.27 8.11
CA SER A 64 -14.52 11.44 8.67
C SER A 64 -15.86 10.98 9.27
N LYS A 65 -16.42 9.90 8.75
CA LYS A 65 -17.73 9.38 9.31
C LYS A 65 -17.50 8.31 10.40
N TRP A 66 -16.26 7.96 10.68
CA TRP A 66 -15.99 6.92 11.74
C TRP A 66 -15.91 7.58 13.11
N LYS A 67 -15.87 6.81 14.16
CA LYS A 67 -15.77 7.39 15.54
C LYS A 67 -14.31 7.57 15.95
N LEU A 68 -13.56 8.37 15.21
CA LEU A 68 -12.12 8.58 15.56
C LEU A 68 -11.80 10.08 15.58
N HIS A 69 -11.32 10.57 16.71
CA HIS A 69 -10.97 12.02 16.83
C HIS A 69 -9.84 12.20 17.84
N ARG A 70 -8.80 11.40 17.74
CA ARG A 70 -7.65 11.51 18.70
C ARG A 70 -6.74 12.68 18.34
N ASP A 71 -5.98 13.17 19.29
CA ASP A 71 -5.05 14.31 19.03
C ASP A 71 -3.77 13.83 18.33
N GLN A 72 -3.39 12.59 18.52
CA GLN A 72 -2.14 12.06 17.88
C GLN A 72 -2.32 11.95 16.35
N GLU A 73 -1.40 11.30 15.69
CA GLU A 73 -1.50 11.15 14.21
C GLU A 73 -1.92 9.73 13.83
N TYR A 74 -2.32 9.54 12.59
CA TYR A 74 -2.75 8.18 12.14
C TYR A 74 -1.87 7.71 10.98
N GLU A 75 -1.64 6.43 10.86
CA GLU A 75 -0.79 5.91 9.75
C GLU A 75 -1.61 4.95 8.87
N VAL A 76 -1.52 5.10 7.58
CA VAL A 76 -2.30 4.22 6.66
C VAL A 76 -1.38 3.56 5.64
N THR A 77 -1.61 2.30 5.34
CA THR A 77 -0.75 1.60 4.33
C THR A 77 -1.64 1.16 3.16
N TRP A 78 -1.22 1.41 1.95
CA TRP A 78 -2.04 1.04 0.75
C TRP A 78 -1.25 0.08 -0.16
N TYR A 79 -1.61 -1.18 -0.17
CA TYR A 79 -0.89 -2.16 -1.05
C TYR A 79 -1.64 -2.26 -2.40
N ILE A 80 -1.08 -1.71 -3.45
CA ILE A 80 -1.77 -1.79 -4.78
C ILE A 80 -1.02 -2.75 -5.72
N SER A 81 -1.74 -3.50 -6.52
CA SER A 81 -1.08 -4.46 -7.45
C SER A 81 -1.03 -3.88 -8.88
N TRP A 82 -2.17 -3.67 -9.51
CA TRP A 82 -2.16 -3.12 -10.90
C TRP A 82 -3.36 -2.17 -11.13
N SER A 83 -3.63 -1.30 -10.18
CA SER A 83 -4.76 -0.33 -10.34
C SER A 83 -4.45 1.00 -9.63
N PRO A 84 -3.29 1.56 -9.89
CA PRO A 84 -2.91 2.85 -9.26
C PRO A 84 -3.45 4.06 -10.05
N CYS A 85 -3.58 3.92 -11.37
CA CYS A 85 -4.08 5.05 -12.23
C CYS A 85 -3.30 6.36 -11.99
N THR A 86 -2.86 7.02 -13.01
CA THR A 86 -2.13 8.32 -12.78
C THR A 86 -3.01 9.23 -11.90
N LYS A 87 -4.32 9.12 -12.04
CA LYS A 87 -5.25 9.97 -11.25
C LYS A 87 -5.47 9.44 -9.82
N CYS A 88 -5.30 8.15 -9.55
CA CYS A 88 -5.49 7.71 -8.15
C CYS A 88 -4.25 8.13 -7.35
N ALA A 89 -3.13 8.29 -8.02
CA ALA A 89 -1.88 8.76 -7.35
C ALA A 89 -2.02 10.25 -7.02
N ARG A 90 -2.59 11.05 -7.91
CA ARG A 90 -2.77 12.50 -7.60
C ARG A 90 -3.85 12.63 -6.51
N ASP A 91 -4.93 11.90 -6.68
CA ASP A 91 -6.03 11.94 -5.66
C ASP A 91 -5.49 11.57 -4.27
N MET A 92 -4.53 10.67 -4.23
CA MET A 92 -3.93 10.26 -2.91
C MET A 92 -3.18 11.44 -2.31
N ALA A 93 -2.25 12.01 -3.03
CA ALA A 93 -1.50 13.19 -2.51
C ALA A 93 -2.51 14.30 -2.12
N THR A 94 -3.65 14.32 -2.79
CA THR A 94 -4.68 15.34 -2.48
C THR A 94 -5.29 15.05 -1.11
N PHE A 95 -5.56 13.79 -0.78
CA PHE A 95 -6.14 13.51 0.57
C PHE A 95 -5.07 13.77 1.64
N LEU A 96 -3.86 13.31 1.40
CA LEU A 96 -2.76 13.51 2.39
C LEU A 96 -2.48 15.01 2.60
N GLN A 97 -2.59 15.80 1.56
CA GLN A 97 -2.32 17.27 1.71
C GLN A 97 -3.51 17.96 2.39
N GLU A 98 -4.72 17.47 2.18
CA GLU A 98 -5.92 18.11 2.81
C GLU A 98 -6.22 17.52 4.20
N ASN A 99 -5.79 16.30 4.46
CA ASN A 99 -6.07 15.68 5.80
C ASN A 99 -5.03 16.12 6.83
N THR A 100 -3.77 16.06 6.48
CA THR A 100 -2.65 16.45 7.42
C THR A 100 -2.65 15.57 8.67
N HIS A 101 -1.52 15.47 9.35
CA HIS A 101 -1.42 14.62 10.59
C HIS A 101 -1.57 13.11 10.25
N VAL A 102 -1.78 12.77 9.00
CA VAL A 102 -1.92 11.32 8.62
C VAL A 102 -0.74 10.90 7.73
N THR A 103 -0.28 9.69 7.87
CA THR A 103 0.85 9.22 7.01
C THR A 103 0.32 8.24 5.97
N LEU A 104 0.89 8.24 4.80
CA LEU A 104 0.41 7.34 3.73
C LEU A 104 1.52 6.37 3.31
N THR A 105 1.25 5.10 3.29
CA THR A 105 2.31 4.13 2.85
C THR A 105 1.80 3.34 1.64
N ILE A 106 1.85 3.95 0.48
CA ILE A 106 1.34 3.26 -0.76
C ILE A 106 2.39 2.31 -1.35
N PHE A 107 1.96 1.28 -2.03
CA PHE A 107 2.92 0.28 -2.61
C PHE A 107 2.59 0.00 -4.08
N VAL A 108 3.61 -0.24 -4.89
CA VAL A 108 3.39 -0.54 -6.33
C VAL A 108 3.88 -1.96 -6.65
N ALA A 109 3.16 -2.69 -7.45
CA ALA A 109 3.58 -4.09 -7.79
C ALA A 109 3.99 -4.18 -9.27
N ARG A 110 3.11 -3.82 -10.17
CA ARG A 110 3.44 -3.89 -11.62
C ARG A 110 4.30 -2.68 -12.02
N LEU A 111 5.46 -2.93 -12.60
CA LEU A 111 6.34 -1.80 -13.03
C LEU A 111 6.45 -1.75 -14.56
N TYR A 112 5.40 -2.14 -15.26
CA TYR A 112 5.44 -2.11 -16.75
C TYR A 112 4.40 -1.10 -17.29
N TYR A 113 4.60 0.16 -17.01
CA TYR A 113 3.65 1.21 -17.50
C TYR A 113 3.97 1.55 -18.98
N ALA A 114 3.05 2.17 -19.67
CA ALA A 114 3.30 2.53 -21.10
C ALA A 114 4.39 3.61 -21.18
N TRP A 115 4.03 4.86 -20.96
CA TRP A 115 5.05 5.96 -21.02
C TRP A 115 4.66 7.09 -20.06
N ASP A 116 5.06 7.00 -18.82
CA ASP A 116 4.71 8.05 -17.83
C ASP A 116 5.90 8.32 -16.89
N PRO A 117 6.85 9.10 -17.39
CA PRO A 117 8.05 9.44 -16.59
C PRO A 117 7.69 10.42 -15.46
N ASP A 118 6.65 11.21 -15.63
CA ASP A 118 6.25 12.17 -14.57
C ASP A 118 5.52 11.45 -13.43
N TYR A 119 4.96 10.28 -13.69
CA TYR A 119 4.23 9.53 -12.60
C TYR A 119 5.17 9.32 -11.40
N GLN A 120 6.35 8.86 -11.65
CA GLN A 120 7.33 8.63 -10.54
C GLN A 120 7.59 9.95 -9.80
N GLU A 121 7.74 11.04 -10.51
CA GLU A 121 7.97 12.36 -9.84
C GLU A 121 6.72 12.75 -9.06
N ALA A 122 5.55 12.47 -9.59
CA ALA A 122 4.31 12.79 -8.84
C ALA A 122 4.28 11.97 -7.55
N LEU A 123 4.78 10.76 -7.60
CA LEU A 123 4.83 9.93 -6.35
C LEU A 123 5.77 10.63 -5.35
N ARG A 124 6.80 11.30 -5.83
CA ARG A 124 7.68 12.06 -4.89
C ARG A 124 6.85 13.16 -4.23
N SER A 125 5.89 13.72 -4.96
CA SER A 125 5.01 14.78 -4.37
C SER A 125 4.18 14.21 -3.22
N LEU A 126 3.72 12.98 -3.34
CA LEU A 126 2.94 12.37 -2.20
C LEU A 126 3.88 12.29 -1.00
N ALA A 127 5.12 11.95 -1.27
CA ALA A 127 6.15 11.86 -0.18
C ALA A 127 6.37 13.24 0.44
N GLN A 128 6.22 14.29 -0.34
CA GLN A 128 6.40 15.67 0.21
C GLN A 128 5.28 15.97 1.21
N ALA A 129 4.09 15.49 0.92
CA ALA A 129 2.94 15.71 1.85
C ALA A 129 3.07 14.78 3.08
N GLY A 130 3.70 13.65 2.92
CA GLY A 130 3.87 12.70 4.06
C GLY A 130 3.44 11.28 3.64
N ALA A 131 3.79 10.88 2.43
CA ALA A 131 3.40 9.51 1.96
C ALA A 131 4.64 8.69 1.60
N THR A 132 4.47 7.40 1.47
CA THR A 132 5.63 6.52 1.14
C THR A 132 5.23 5.57 0.00
N ILE A 133 5.81 5.73 -1.15
CA ILE A 133 5.47 4.82 -2.28
C ILE A 133 6.68 3.94 -2.62
N LYS A 134 6.60 2.68 -2.31
CA LYS A 134 7.73 1.74 -2.59
C LYS A 134 7.21 0.43 -3.16
N ILE A 135 8.03 -0.29 -3.89
CA ILE A 135 7.59 -1.59 -4.47
C ILE A 135 7.22 -2.57 -3.35
N MET A 136 6.29 -3.46 -3.61
CA MET A 136 5.90 -4.48 -2.58
C MET A 136 7.15 -5.21 -2.08
N ASN A 137 7.54 -4.96 -0.86
CA ASN A 137 8.78 -5.62 -0.32
C ASN A 137 8.42 -6.70 0.69
N TYR A 138 9.35 -7.58 1.01
CA TYR A 138 9.06 -8.63 2.01
C TYR A 138 8.51 -7.96 3.27
N ASP A 139 8.93 -6.75 3.54
CA ASP A 139 8.42 -6.00 4.72
C ASP A 139 6.92 -5.68 4.52
N GLU A 140 6.49 -5.46 3.30
CA GLU A 140 5.04 -5.17 3.07
C GLU A 140 4.23 -6.46 3.21
N PHE A 141 4.76 -7.56 2.74
CA PHE A 141 4.03 -8.86 2.87
C PHE A 141 4.09 -9.32 4.33
N GLN A 142 5.24 -9.20 4.96
CA GLN A 142 5.34 -9.62 6.39
C GLN A 142 4.30 -8.88 7.23
N HIS A 143 3.96 -7.67 6.87
CA HIS A 143 2.92 -6.91 7.63
C HIS A 143 1.52 -7.33 7.17
N CYS A 144 1.30 -7.41 5.88
CA CYS A 144 -0.03 -7.83 5.37
C CYS A 144 -0.29 -9.29 5.76
N TRP A 145 0.74 -10.09 5.86
CA TRP A 145 0.56 -11.50 6.26
C TRP A 145 -0.09 -11.54 7.65
N SER A 146 0.38 -10.71 8.56
CA SER A 146 -0.23 -10.69 9.92
C SER A 146 -1.58 -9.92 9.90
N LYS A 147 -1.68 -8.89 9.08
CA LYS A 147 -2.94 -8.07 9.03
C LYS A 147 -4.08 -8.80 8.28
N PHE A 148 -3.76 -9.53 7.24
CA PHE A 148 -4.85 -10.20 6.45
C PHE A 148 -4.96 -11.71 6.74
N VAL A 149 -3.89 -12.38 7.09
CA VAL A 149 -4.00 -13.86 7.36
C VAL A 149 -4.42 -14.10 8.81
N TYR A 150 -4.89 -15.30 9.10
CA TYR A 150 -5.32 -15.65 10.49
C TYR A 150 -4.09 -15.98 11.37
N SER A 151 -2.91 -16.02 10.79
CA SER A 151 -1.66 -16.33 11.57
C SER A 151 -1.54 -15.40 12.80
N GLN A 152 -2.09 -14.20 12.72
CA GLN A 152 -2.04 -13.25 13.88
C GLN A 152 -0.60 -12.87 14.25
N GLY A 153 0.15 -12.32 13.32
CA GLY A 153 1.56 -11.91 13.63
C GLY A 153 2.48 -13.12 13.62
N ALA A 154 2.37 -13.96 12.61
CA ALA A 154 3.27 -15.15 12.54
C ALA A 154 4.61 -14.76 11.92
N PRO A 155 5.61 -15.56 12.17
CA PRO A 155 6.97 -15.29 11.64
C PRO A 155 7.07 -15.68 10.15
N PHE A 156 6.26 -15.07 9.31
CA PHE A 156 6.33 -15.40 7.85
C PHE A 156 7.63 -14.85 7.26
N GLN A 157 8.55 -15.72 6.92
CA GLN A 157 9.87 -15.29 6.37
C GLN A 157 9.85 -15.25 4.83
N PRO A 158 10.91 -14.71 4.26
CA PRO A 158 11.01 -14.61 2.78
C PRO A 158 11.34 -15.98 2.17
N TRP A 159 11.03 -16.16 0.91
CA TRP A 159 11.30 -17.48 0.24
C TRP A 159 12.47 -17.38 -0.76
N ASP A 160 12.21 -17.39 -2.06
CA ASP A 160 13.32 -17.31 -3.07
C ASP A 160 13.82 -15.87 -3.25
N GLY A 161 14.21 -15.23 -2.18
CA GLY A 161 14.73 -13.83 -2.28
C GLY A 161 13.60 -12.83 -2.58
N LEU A 162 12.47 -12.97 -1.93
CA LEU A 162 11.33 -12.02 -2.19
C LEU A 162 11.78 -10.57 -1.99
N ASP A 163 12.35 -10.24 -0.85
CA ASP A 163 12.80 -8.83 -0.64
C ASP A 163 13.90 -8.50 -1.65
N GLU A 164 14.64 -9.51 -2.05
CA GLU A 164 15.71 -9.28 -3.07
C GLU A 164 15.04 -8.92 -4.40
N HIS A 165 13.93 -9.55 -4.72
CA HIS A 165 13.23 -9.21 -5.99
C HIS A 165 12.42 -7.92 -5.82
N SER A 166 11.93 -7.65 -4.63
CA SER A 166 11.15 -6.40 -4.42
C SER A 166 12.10 -5.20 -4.52
N GLN A 167 13.27 -5.31 -3.93
CA GLN A 167 14.24 -4.18 -4.02
C GLN A 167 14.85 -4.14 -5.42
N ALA A 168 14.85 -5.25 -6.14
CA ALA A 168 15.42 -5.23 -7.52
C ALA A 168 14.48 -4.44 -8.43
N LEU A 169 13.19 -4.62 -8.28
CA LEU A 169 12.24 -3.85 -9.10
C LEU A 169 12.08 -2.45 -8.47
N SER A 170 12.24 -2.33 -7.17
CA SER A 170 12.16 -0.97 -6.53
C SER A 170 13.29 -0.10 -7.07
N GLY A 171 14.43 -0.69 -7.40
CA GLY A 171 15.54 0.12 -7.97
C GLY A 171 15.10 0.60 -9.35
N ARG A 172 14.30 -0.18 -10.05
CA ARG A 172 13.81 0.24 -11.39
C ARG A 172 12.75 1.34 -11.24
N LEU A 173 12.01 1.34 -10.14
CA LEU A 173 10.99 2.39 -9.93
C LEU A 173 11.67 3.75 -9.74
N GLY A 174 12.76 3.77 -9.03
CA GLY A 174 13.51 5.05 -8.81
C GLY A 174 14.24 5.44 -10.09
N GLU A 175 14.63 4.48 -10.89
CA GLU A 175 15.34 4.81 -12.17
C GLU A 175 14.35 5.38 -13.18
N ILE A 176 13.08 5.07 -13.06
CA ILE A 176 12.08 5.64 -14.01
C ILE A 176 12.15 7.17 -13.90
N LEU A 177 12.31 7.68 -12.70
CA LEU A 177 12.41 9.14 -12.51
C LEU A 177 13.87 9.60 -12.74
N ARG A 178 14.85 8.74 -12.51
CA ARG A 178 16.26 9.14 -12.72
C ARG A 178 16.56 9.27 -14.23
N HIS A 179 15.88 8.49 -15.04
CA HIS A 179 16.10 8.56 -16.52
C HIS A 179 14.90 9.25 -17.19
N SER A 180 14.88 10.57 -17.17
CA SER A 180 13.74 11.31 -17.81
C SER A 180 14.28 12.45 -18.69
N MET A 1 4.98 -23.16 7.65
CA MET A 1 3.92 -22.12 7.47
C MET A 1 3.97 -21.54 6.05
N ASP A 2 2.84 -21.43 5.40
CA ASP A 2 2.82 -20.86 4.02
C ASP A 2 1.70 -19.83 3.88
N PRO A 3 1.86 -18.93 2.94
CA PRO A 3 0.84 -17.88 2.70
C PRO A 3 -0.38 -18.46 1.96
N ASP A 4 -1.56 -18.06 2.34
CA ASP A 4 -2.79 -18.58 1.69
C ASP A 4 -3.42 -17.47 0.84
N THR A 5 -3.97 -16.48 1.48
CA THR A 5 -4.62 -15.36 0.74
C THR A 5 -3.56 -14.35 0.26
N PHE A 6 -2.69 -13.94 1.15
CA PHE A 6 -1.62 -12.95 0.76
C PHE A 6 -0.71 -13.55 -0.34
N SER A 7 -0.61 -14.86 -0.42
CA SER A 7 0.24 -15.49 -1.48
C SER A 7 -0.14 -14.97 -2.87
N TYR A 8 -1.40 -15.01 -3.20
CA TYR A 8 -1.85 -14.52 -4.55
C TYR A 8 -1.97 -13.00 -4.53
N ASN A 9 -2.62 -12.46 -3.53
CA ASN A 9 -2.80 -10.98 -3.42
C ASN A 9 -1.47 -10.22 -3.44
N PHE A 10 -0.40 -10.83 -2.98
CA PHE A 10 0.93 -10.13 -2.95
C PHE A 10 2.03 -10.94 -3.64
N ASN A 11 1.68 -11.81 -4.54
CA ASN A 11 2.71 -12.64 -5.25
C ASN A 11 3.76 -11.75 -5.94
N ASN A 12 5.00 -12.16 -5.88
CA ASN A 12 6.11 -11.38 -6.51
C ASN A 12 6.69 -12.16 -7.70
N ARG A 13 6.69 -13.47 -7.63
CA ARG A 13 7.24 -14.29 -8.75
C ARG A 13 6.26 -15.42 -9.12
N PRO A 14 5.01 -15.05 -9.40
CA PRO A 14 3.97 -16.05 -9.76
C PRO A 14 4.23 -16.61 -11.17
N ILE A 15 3.77 -17.82 -11.42
CA ILE A 15 3.97 -18.45 -12.77
C ILE A 15 3.49 -17.51 -13.88
N LEU A 16 2.21 -17.20 -13.91
CA LEU A 16 1.66 -16.30 -14.97
C LEU A 16 0.27 -15.79 -14.56
N SER A 17 0.04 -14.51 -14.66
CA SER A 17 -1.29 -13.94 -14.28
C SER A 17 -1.91 -13.18 -15.46
N ARG A 18 -3.20 -12.97 -15.43
CA ARG A 18 -3.88 -12.23 -16.55
C ARG A 18 -3.70 -10.71 -16.39
N ARG A 19 -4.36 -9.93 -17.21
CA ARG A 19 -4.24 -8.45 -17.11
C ARG A 19 -5.62 -7.81 -16.99
N ASN A 20 -6.41 -8.26 -16.03
CA ASN A 20 -7.78 -7.68 -15.85
C ASN A 20 -8.16 -7.67 -14.36
N THR A 21 -7.32 -7.13 -13.52
CA THR A 21 -7.62 -7.09 -12.05
C THR A 21 -7.07 -5.81 -11.42
N VAL A 22 -7.88 -5.11 -10.66
CA VAL A 22 -7.40 -3.84 -10.00
C VAL A 22 -7.84 -3.81 -8.53
N TRP A 23 -6.90 -3.73 -7.62
CA TRP A 23 -7.25 -3.70 -6.16
C TRP A 23 -6.04 -3.34 -5.29
N LEU A 24 -6.27 -3.07 -4.03
CA LEU A 24 -5.13 -2.73 -3.11
C LEU A 24 -5.48 -3.10 -1.66
N CYS A 25 -4.52 -3.61 -0.94
CA CYS A 25 -4.77 -3.98 0.50
C CYS A 25 -4.30 -2.84 1.39
N TYR A 26 -5.13 -2.37 2.30
CA TYR A 26 -4.70 -1.23 3.16
C TYR A 26 -4.74 -1.57 4.65
N GLU A 27 -4.11 -0.75 5.45
CA GLU A 27 -4.08 -0.95 6.92
C GLU A 27 -4.29 0.39 7.63
N VAL A 28 -5.32 0.51 8.43
CA VAL A 28 -5.57 1.81 9.14
C VAL A 28 -4.98 1.72 10.55
N LYS A 29 -3.95 2.50 10.82
CA LYS A 29 -3.30 2.46 12.17
C LYS A 29 -3.11 3.88 12.71
N THR A 30 -2.40 4.02 13.81
CA THR A 30 -2.15 5.38 14.39
C THR A 30 -0.80 5.90 13.90
N LYS A 31 -0.49 7.15 14.14
CA LYS A 31 0.83 7.72 13.70
C LYS A 31 2.01 6.84 14.17
N GLY A 32 1.83 6.07 15.22
CA GLY A 32 2.94 5.18 15.69
C GLY A 32 2.91 5.11 17.23
N PRO A 33 3.46 6.12 17.86
CA PRO A 33 3.48 6.18 19.35
C PRO A 33 2.08 6.45 19.94
N SER A 34 1.12 6.76 19.10
CA SER A 34 -0.27 7.03 19.61
C SER A 34 -1.13 5.76 19.63
N ARG A 35 -0.51 4.62 19.54
CA ARG A 35 -1.27 3.33 19.55
C ARG A 35 -1.93 3.12 20.94
N PRO A 36 -3.05 2.42 20.93
CA PRO A 36 -3.79 2.16 22.20
C PRO A 36 -3.09 1.05 23.01
N PRO A 37 -3.28 1.11 24.31
CA PRO A 37 -2.68 0.09 25.21
C PRO A 37 -3.44 -1.25 25.14
N LEU A 38 -4.56 -1.30 24.44
CA LEU A 38 -5.34 -2.57 24.33
C LEU A 38 -4.61 -3.57 23.43
N ASP A 39 -5.30 -4.60 22.97
CA ASP A 39 -4.64 -5.63 22.10
C ASP A 39 -4.18 -4.98 20.78
N ALA A 40 -5.09 -4.53 19.97
CA ALA A 40 -4.71 -3.88 18.67
C ALA A 40 -5.92 -3.20 18.02
N LYS A 41 -5.83 -1.92 17.76
CA LYS A 41 -6.96 -1.19 17.11
C LYS A 41 -6.62 -0.91 15.64
N ILE A 42 -6.26 -1.92 14.90
CA ILE A 42 -5.90 -1.73 13.45
C ILE A 42 -6.94 -2.41 12.57
N PHE A 43 -7.33 -1.78 11.48
CA PHE A 43 -8.33 -2.40 10.56
C PHE A 43 -7.68 -2.64 9.19
N ARG A 44 -8.04 -3.73 8.54
CA ARG A 44 -7.46 -4.03 7.19
C ARG A 44 -8.58 -4.37 6.20
N GLY A 45 -8.53 -3.82 5.02
CA GLY A 45 -9.60 -4.12 4.02
C GLY A 45 -9.03 -4.07 2.60
N GLN A 46 -9.90 -3.89 1.62
CA GLN A 46 -9.45 -3.82 0.20
C GLN A 46 -10.41 -2.94 -0.60
N VAL A 47 -10.53 -3.17 -1.89
CA VAL A 47 -11.46 -2.35 -2.72
C VAL A 47 -12.74 -3.16 -3.03
N TYR A 48 -13.48 -3.52 -2.01
CA TYR A 48 -14.73 -4.31 -2.22
C TYR A 48 -15.86 -3.40 -2.75
N SER A 49 -16.96 -3.99 -3.18
CA SER A 49 -18.11 -3.20 -3.71
C SER A 49 -17.71 -2.42 -4.98
N GLU A 50 -18.66 -1.80 -5.64
CA GLU A 50 -18.34 -1.04 -6.88
C GLU A 50 -19.00 0.35 -6.82
N ASP A 51 -18.42 1.25 -6.06
CA ASP A 51 -18.99 2.63 -5.96
C ASP A 51 -18.47 3.52 -7.10
N LYS A 52 -18.83 4.78 -7.10
CA LYS A 52 -18.39 5.70 -8.20
C LYS A 52 -16.88 5.94 -8.16
N TYR A 53 -16.33 6.22 -7.00
CA TYR A 53 -14.86 6.48 -6.90
C TYR A 53 -14.08 5.18 -6.68
N HIS A 54 -12.79 5.19 -6.92
CA HIS A 54 -11.96 3.97 -6.67
C HIS A 54 -11.77 3.85 -5.15
N PRO A 55 -10.93 2.94 -4.71
CA PRO A 55 -10.69 2.80 -3.24
C PRO A 55 -9.81 3.94 -2.69
N GLU A 56 -9.79 5.09 -3.34
CA GLU A 56 -8.95 6.21 -2.87
C GLU A 56 -9.69 7.03 -1.78
N MET A 57 -10.51 7.99 -2.16
CA MET A 57 -11.23 8.82 -1.14
C MET A 57 -12.42 8.08 -0.50
N ARG A 58 -12.96 7.03 -1.12
CA ARG A 58 -14.12 6.33 -0.46
C ARG A 58 -13.69 5.76 0.90
N PHE A 59 -12.48 5.26 1.01
CA PHE A 59 -11.98 4.75 2.32
C PHE A 59 -11.70 5.93 3.26
N LEU A 60 -11.43 7.07 2.68
CA LEU A 60 -11.11 8.30 3.46
C LEU A 60 -12.38 8.97 3.99
N SER A 61 -13.38 9.09 3.17
CA SER A 61 -14.65 9.76 3.60
C SER A 61 -15.29 9.02 4.78
N LEU A 62 -15.24 7.71 4.80
CA LEU A 62 -15.83 6.99 5.97
C LEU A 62 -15.05 7.36 7.24
N VAL A 63 -13.80 7.78 7.11
CA VAL A 63 -13.04 8.21 8.32
C VAL A 63 -13.72 9.45 8.89
N SER A 64 -14.25 10.30 8.04
CA SER A 64 -14.98 11.51 8.54
C SER A 64 -16.31 11.10 9.19
N LYS A 65 -16.89 10.00 8.75
CA LYS A 65 -18.19 9.53 9.36
C LYS A 65 -17.94 8.48 10.46
N TRP A 66 -16.70 8.07 10.68
CA TRP A 66 -16.41 7.04 11.73
C TRP A 66 -16.22 7.72 13.09
N LYS A 67 -16.23 6.96 14.15
CA LYS A 67 -16.06 7.56 15.51
C LYS A 67 -14.89 6.87 16.25
N LEU A 68 -13.68 7.30 15.99
CA LEU A 68 -12.50 6.70 16.65
C LEU A 68 -11.70 7.78 17.40
N HIS A 69 -10.99 8.62 16.67
CA HIS A 69 -10.18 9.71 17.31
C HIS A 69 -9.29 9.13 18.43
N ARG A 70 -8.18 8.54 18.08
CA ARG A 70 -7.27 7.96 19.12
C ARG A 70 -6.46 9.07 19.79
N ASP A 71 -5.36 9.49 19.20
CA ASP A 71 -4.53 10.57 19.83
C ASP A 71 -4.61 11.86 18.99
N GLN A 72 -4.01 11.86 17.82
CA GLN A 72 -4.04 13.09 16.96
C GLN A 72 -3.68 12.76 15.50
N GLU A 73 -2.72 11.89 15.27
CA GLU A 73 -2.34 11.56 13.87
C GLU A 73 -2.62 10.07 13.59
N TYR A 74 -2.97 9.75 12.37
CA TYR A 74 -3.26 8.32 12.01
C TYR A 74 -2.38 7.89 10.84
N GLU A 75 -1.91 6.66 10.85
CA GLU A 75 -1.06 6.17 9.72
C GLU A 75 -1.83 5.16 8.88
N VAL A 76 -1.81 5.30 7.59
CA VAL A 76 -2.56 4.35 6.71
C VAL A 76 -1.61 3.72 5.69
N THR A 77 -1.53 2.41 5.66
CA THR A 77 -0.65 1.72 4.67
C THR A 77 -1.49 1.32 3.47
N TRP A 78 -1.08 1.66 2.28
CA TRP A 78 -1.86 1.30 1.07
C TRP A 78 -1.01 0.45 0.12
N TYR A 79 -1.30 -0.82 0.04
CA TYR A 79 -0.51 -1.73 -0.85
C TYR A 79 -1.18 -1.81 -2.22
N ILE A 80 -0.63 -1.13 -3.21
CA ILE A 80 -1.24 -1.16 -4.57
C ILE A 80 -0.28 -1.82 -5.58
N SER A 81 -0.81 -2.33 -6.67
CA SER A 81 0.05 -2.98 -7.70
C SER A 81 0.18 -2.07 -8.92
N TRP A 82 -0.89 -1.86 -9.66
CA TRP A 82 -0.83 -0.97 -10.86
C TRP A 82 -2.23 -0.40 -11.16
N SER A 83 -2.91 -0.87 -12.20
CA SER A 83 -4.29 -0.36 -12.52
C SER A 83 -4.25 1.18 -12.73
N PRO A 84 -5.42 1.81 -12.79
CA PRO A 84 -5.49 3.28 -12.97
C PRO A 84 -5.25 4.00 -11.62
N CYS A 85 -4.63 3.34 -10.67
CA CYS A 85 -4.39 4.01 -9.36
C CYS A 85 -3.24 5.03 -9.47
N THR A 86 -2.69 5.23 -10.65
CA THR A 86 -1.65 6.29 -10.82
C THR A 86 -2.41 7.62 -10.67
N LYS A 87 -3.53 7.71 -11.33
CA LYS A 87 -4.39 8.91 -11.18
C LYS A 87 -4.96 8.89 -9.76
N CYS A 88 -5.23 7.71 -9.22
CA CYS A 88 -5.70 7.62 -7.83
C CYS A 88 -4.66 8.27 -6.91
N ALA A 89 -3.38 8.07 -7.23
CA ALA A 89 -2.29 8.67 -6.41
C ALA A 89 -2.40 10.21 -6.46
N ARG A 90 -2.80 10.77 -7.58
CA ARG A 90 -2.96 12.26 -7.64
C ARG A 90 -4.09 12.64 -6.68
N ASP A 91 -5.17 11.90 -6.75
CA ASP A 91 -6.33 12.15 -5.83
C ASP A 91 -5.91 11.83 -4.39
N MET A 92 -4.98 10.91 -4.22
CA MET A 92 -4.49 10.54 -2.87
C MET A 92 -3.82 11.75 -2.23
N ALA A 93 -2.94 12.40 -2.96
CA ALA A 93 -2.26 13.62 -2.41
C ALA A 93 -3.33 14.59 -1.94
N THR A 94 -4.46 14.63 -2.61
CA THR A 94 -5.57 15.54 -2.20
C THR A 94 -6.06 15.14 -0.81
N PHE A 95 -6.30 13.86 -0.56
CA PHE A 95 -6.77 13.46 0.80
C PHE A 95 -5.65 13.71 1.81
N LEU A 96 -4.44 13.33 1.47
CA LEU A 96 -3.28 13.52 2.39
C LEU A 96 -3.05 15.02 2.65
N GLN A 97 -3.29 15.86 1.66
CA GLN A 97 -3.09 17.33 1.86
C GLN A 97 -4.22 17.93 2.72
N GLU A 98 -5.43 17.45 2.56
CA GLU A 98 -6.57 17.99 3.37
C GLU A 98 -6.59 17.39 4.78
N ASN A 99 -6.00 16.22 4.96
CA ASN A 99 -5.98 15.60 6.32
C ASN A 99 -4.71 16.02 7.09
N THR A 100 -3.58 16.04 6.40
CA THR A 100 -2.25 16.43 7.01
C THR A 100 -1.86 15.58 8.23
N HIS A 101 -2.67 15.56 9.27
CA HIS A 101 -2.34 14.74 10.48
C HIS A 101 -2.32 13.23 10.15
N VAL A 102 -2.61 12.85 8.92
CA VAL A 102 -2.58 11.40 8.57
C VAL A 102 -1.35 11.07 7.73
N THR A 103 -0.78 9.90 7.91
CA THR A 103 0.41 9.50 7.11
C THR A 103 -0.02 8.45 6.09
N LEU A 104 0.60 8.43 4.95
CA LEU A 104 0.22 7.47 3.89
C LEU A 104 1.39 6.57 3.52
N THR A 105 1.19 5.28 3.46
CA THR A 105 2.32 4.39 3.05
C THR A 105 1.88 3.60 1.81
N ILE A 106 1.93 4.23 0.65
CA ILE A 106 1.49 3.55 -0.60
C ILE A 106 2.61 2.67 -1.18
N PHE A 107 2.22 1.65 -1.93
CA PHE A 107 3.22 0.72 -2.53
C PHE A 107 2.90 0.51 -4.01
N VAL A 108 3.91 0.30 -4.82
CA VAL A 108 3.67 0.09 -6.28
C VAL A 108 4.32 -1.21 -6.76
N ALA A 109 3.67 -1.91 -7.66
CA ALA A 109 4.24 -3.19 -8.19
C ALA A 109 4.69 -3.00 -9.65
N ARG A 110 3.97 -2.18 -10.40
CA ARG A 110 4.31 -1.92 -11.84
C ARG A 110 4.22 -3.20 -12.67
N LEU A 111 5.28 -4.01 -12.70
CA LEU A 111 5.27 -5.29 -13.50
C LEU A 111 5.16 -4.98 -15.01
N TYR A 112 4.00 -4.60 -15.48
CA TYR A 112 3.84 -4.26 -16.92
C TYR A 112 4.40 -2.85 -17.20
N TYR A 113 4.64 -2.53 -18.45
CA TYR A 113 5.18 -1.18 -18.77
C TYR A 113 4.06 -0.13 -18.72
N ALA A 114 3.19 -0.12 -19.71
CA ALA A 114 2.05 0.86 -19.74
C ALA A 114 2.55 2.31 -19.72
N TRP A 115 2.55 2.97 -20.86
CA TRP A 115 3.02 4.40 -20.96
C TRP A 115 4.48 4.54 -20.47
N ASP A 116 4.96 5.75 -20.35
CA ASP A 116 6.36 5.98 -19.89
C ASP A 116 6.42 6.02 -18.36
N PRO A 117 7.42 5.40 -17.80
CA PRO A 117 7.58 5.38 -16.31
C PRO A 117 8.11 6.74 -15.81
N ASP A 118 7.23 7.69 -15.63
CA ASP A 118 7.66 9.04 -15.14
C ASP A 118 6.78 9.53 -13.99
N TYR A 119 5.79 8.76 -13.59
CA TYR A 119 4.90 9.20 -12.46
C TYR A 119 5.62 9.08 -11.11
N GLN A 120 6.46 8.10 -10.97
CA GLN A 120 7.19 7.89 -9.68
C GLN A 120 7.75 9.22 -9.11
N GLU A 121 8.24 10.11 -9.94
CA GLU A 121 8.77 11.42 -9.43
C GLU A 121 7.59 12.26 -8.89
N ALA A 122 6.46 12.23 -9.54
CA ALA A 122 5.29 13.00 -9.02
C ALA A 122 4.84 12.36 -7.71
N LEU A 123 5.00 11.06 -7.58
CA LEU A 123 4.64 10.39 -6.30
C LEU A 123 5.57 10.92 -5.21
N ARG A 124 6.79 11.29 -5.56
CA ARG A 124 7.71 11.87 -4.53
C ARG A 124 7.07 13.15 -3.97
N SER A 125 6.40 13.91 -4.81
CA SER A 125 5.71 15.15 -4.34
C SER A 125 4.52 14.77 -3.45
N LEU A 126 3.77 13.76 -3.85
CA LEU A 126 2.62 13.30 -3.02
C LEU A 126 3.21 12.75 -1.71
N ALA A 127 4.39 12.18 -1.77
CA ALA A 127 5.06 11.66 -0.53
C ALA A 127 5.58 12.84 0.30
N GLN A 128 5.92 13.94 -0.34
CA GLN A 128 6.41 15.13 0.43
C GLN A 128 5.27 15.71 1.26
N ALA A 129 4.04 15.53 0.81
CA ALA A 129 2.87 16.03 1.58
C ALA A 129 2.75 15.26 2.90
N GLY A 130 3.13 14.01 2.88
CA GLY A 130 3.06 13.17 4.11
C GLY A 130 2.76 11.71 3.74
N ALA A 131 3.32 11.23 2.65
CA ALA A 131 3.05 9.82 2.22
C ALA A 131 4.37 9.09 1.90
N THR A 132 4.30 7.79 1.74
CA THR A 132 5.52 6.99 1.43
C THR A 132 5.21 6.02 0.29
N ILE A 133 5.89 6.14 -0.82
CA ILE A 133 5.62 5.22 -1.96
C ILE A 133 6.87 4.39 -2.28
N LYS A 134 6.82 3.11 -2.04
CA LYS A 134 7.99 2.24 -2.33
C LYS A 134 7.54 0.94 -3.00
N ILE A 135 8.39 0.35 -3.80
CA ILE A 135 8.02 -0.93 -4.48
C ILE A 135 7.69 -1.99 -3.43
N MET A 136 6.77 -2.89 -3.74
CA MET A 136 6.42 -3.97 -2.75
C MET A 136 7.70 -4.64 -2.23
N ASN A 137 8.02 -4.42 -0.98
CA ASN A 137 9.27 -5.00 -0.41
C ASN A 137 8.96 -6.10 0.60
N TYR A 138 9.93 -6.94 0.89
CA TYR A 138 9.70 -8.02 1.89
C TYR A 138 9.12 -7.40 3.17
N ASP A 139 9.48 -6.16 3.45
CA ASP A 139 8.94 -5.47 4.65
C ASP A 139 7.46 -5.15 4.45
N GLU A 140 7.02 -4.95 3.22
CA GLU A 140 5.56 -4.67 2.99
C GLU A 140 4.77 -5.97 3.13
N PHE A 141 5.31 -7.06 2.65
CA PHE A 141 4.59 -8.38 2.79
C PHE A 141 4.65 -8.83 4.24
N GLN A 142 5.81 -8.73 4.87
CA GLN A 142 5.92 -9.15 6.30
C GLN A 142 4.94 -8.33 7.15
N HIS A 143 4.72 -7.07 6.79
CA HIS A 143 3.75 -6.24 7.56
C HIS A 143 2.33 -6.69 7.23
N CYS A 144 2.03 -6.89 5.96
CA CYS A 144 0.67 -7.36 5.57
C CYS A 144 0.44 -8.77 6.10
N TRP A 145 1.49 -9.54 6.25
CA TRP A 145 1.35 -10.92 6.78
C TRP A 145 0.82 -10.85 8.23
N SER A 146 1.32 -9.92 9.01
CA SER A 146 0.84 -9.80 10.42
C SER A 146 -0.55 -9.12 10.46
N LYS A 147 -0.88 -8.31 9.48
CA LYS A 147 -2.20 -7.62 9.50
C LYS A 147 -3.29 -8.42 8.76
N PHE A 148 -3.09 -8.72 7.50
CA PHE A 148 -4.13 -9.44 6.71
C PHE A 148 -4.22 -10.94 7.03
N VAL A 149 -3.20 -11.55 7.61
CA VAL A 149 -3.31 -13.02 7.92
C VAL A 149 -3.89 -13.21 9.33
N TYR A 150 -3.33 -14.09 10.14
CA TYR A 150 -3.88 -14.32 11.52
C TYR A 150 -2.76 -14.33 12.56
N SER A 151 -1.63 -14.92 12.25
CA SER A 151 -0.48 -14.98 13.21
C SER A 151 -0.25 -13.61 13.89
N GLN A 152 -0.33 -12.53 13.13
CA GLN A 152 -0.14 -11.16 13.70
C GLN A 152 1.18 -11.05 14.47
N GLY A 153 2.28 -10.92 13.76
CA GLY A 153 3.61 -10.79 14.43
C GLY A 153 4.46 -12.05 14.22
N ALA A 154 4.18 -12.82 13.20
CA ALA A 154 4.99 -14.05 12.95
C ALA A 154 6.20 -13.69 12.07
N PRO A 155 7.25 -14.46 12.21
CA PRO A 155 8.48 -14.23 11.41
C PRO A 155 8.30 -14.77 9.98
N PHE A 156 7.31 -14.29 9.26
CA PHE A 156 7.08 -14.78 7.88
C PHE A 156 8.24 -14.34 6.95
N GLN A 157 8.97 -15.29 6.43
CA GLN A 157 10.12 -14.97 5.54
C GLN A 157 9.69 -15.00 4.06
N PRO A 158 10.61 -14.62 3.18
CA PRO A 158 10.30 -14.61 1.73
C PRO A 158 10.21 -16.04 1.18
N TRP A 159 9.76 -16.19 -0.04
CA TRP A 159 9.64 -17.56 -0.64
C TRP A 159 10.75 -17.79 -1.69
N ASP A 160 10.40 -17.96 -2.95
CA ASP A 160 11.44 -18.21 -4.00
C ASP A 160 12.08 -16.91 -4.47
N GLY A 161 12.82 -16.25 -3.61
CA GLY A 161 13.51 -14.98 -4.02
C GLY A 161 12.60 -13.75 -3.86
N LEU A 162 11.64 -13.77 -2.95
CA LEU A 162 10.76 -12.58 -2.77
C LEU A 162 11.57 -11.34 -2.40
N ASP A 163 12.42 -11.45 -1.40
CA ASP A 163 13.25 -10.28 -1.00
C ASP A 163 14.17 -9.91 -2.17
N GLU A 164 14.56 -10.88 -2.94
CA GLU A 164 15.41 -10.59 -4.12
C GLU A 164 14.55 -9.87 -5.17
N HIS A 165 13.27 -10.20 -5.26
CA HIS A 165 12.38 -9.52 -6.24
C HIS A 165 11.94 -8.15 -5.73
N SER A 166 11.75 -7.99 -4.44
CA SER A 166 11.32 -6.65 -3.92
C SER A 166 12.41 -5.62 -4.21
N GLN A 167 13.64 -5.96 -3.90
CA GLN A 167 14.76 -5.03 -4.18
C GLN A 167 15.03 -4.96 -5.69
N ALA A 168 14.70 -6.01 -6.43
CA ALA A 168 14.92 -5.95 -7.91
C ALA A 168 13.92 -4.96 -8.51
N LEU A 169 12.71 -4.93 -7.99
CA LEU A 169 11.70 -3.96 -8.50
C LEU A 169 11.96 -2.60 -7.89
N SER A 170 12.39 -2.54 -6.64
CA SER A 170 12.70 -1.23 -6.01
C SER A 170 13.87 -0.58 -6.76
N GLY A 171 14.78 -1.39 -7.28
CA GLY A 171 15.92 -0.82 -8.05
C GLY A 171 15.35 -0.25 -9.35
N ARG A 172 14.35 -0.90 -9.90
CA ARG A 172 13.73 -0.38 -11.16
C ARG A 172 12.91 0.88 -10.86
N LEU A 173 12.44 1.05 -9.63
CA LEU A 173 11.65 2.25 -9.28
C LEU A 173 12.56 3.49 -9.28
N GLY A 174 13.77 3.33 -8.80
CA GLY A 174 14.73 4.48 -8.78
C GLY A 174 15.21 4.76 -10.21
N GLU A 175 15.48 3.73 -10.97
CA GLU A 175 15.94 3.94 -12.38
C GLU A 175 14.76 4.43 -13.24
N ILE A 176 13.55 4.08 -12.86
CA ILE A 176 12.37 4.57 -13.63
C ILE A 176 12.39 6.10 -13.60
N LEU A 177 12.79 6.68 -12.49
CA LEU A 177 12.86 8.16 -12.39
C LEU A 177 14.23 8.65 -12.92
N ARG A 178 15.27 7.83 -12.85
CA ARG A 178 16.59 8.26 -13.37
C ARG A 178 16.56 8.32 -14.91
N HIS A 179 15.74 7.50 -15.53
CA HIS A 179 15.66 7.51 -17.03
C HIS A 179 14.61 8.52 -17.50
N SER A 180 14.77 9.04 -18.69
CA SER A 180 13.79 10.05 -19.22
C SER A 180 13.07 9.48 -20.46
N MET A 1 -15.74 -15.85 -0.83
CA MET A 1 -14.32 -16.33 -0.63
C MET A 1 -13.59 -15.42 0.36
N ASP A 2 -12.66 -15.96 1.11
CA ASP A 2 -11.91 -15.14 2.11
C ASP A 2 -10.50 -14.83 1.57
N PRO A 3 -10.24 -13.57 1.32
CA PRO A 3 -8.92 -13.14 0.81
C PRO A 3 -7.88 -13.19 1.95
N ASP A 4 -7.33 -14.35 2.21
CA ASP A 4 -6.33 -14.50 3.28
C ASP A 4 -4.93 -14.57 2.67
N THR A 5 -4.70 -15.56 1.85
CA THR A 5 -3.34 -15.73 1.21
C THR A 5 -2.88 -14.42 0.55
N PHE A 6 -1.93 -13.78 1.17
CA PHE A 6 -1.38 -12.49 0.65
C PHE A 6 -0.31 -12.76 -0.40
N SER A 7 0.73 -13.49 -0.04
CA SER A 7 1.81 -13.81 -1.04
C SER A 7 1.16 -14.39 -2.32
N TYR A 8 0.00 -14.98 -2.17
CA TYR A 8 -0.74 -15.54 -3.33
C TYR A 8 -0.92 -14.47 -4.42
N ASN A 9 -1.60 -13.40 -4.09
CA ASN A 9 -1.82 -12.30 -5.08
C ASN A 9 -0.63 -11.34 -5.09
N PHE A 10 0.07 -11.21 -3.97
CA PHE A 10 1.25 -10.28 -3.91
C PHE A 10 2.56 -10.99 -4.28
N ASN A 11 2.48 -12.02 -5.09
CA ASN A 11 3.72 -12.77 -5.49
C ASN A 11 4.77 -11.84 -6.12
N ASN A 12 6.02 -12.20 -6.02
CA ASN A 12 7.12 -11.36 -6.60
C ASN A 12 7.77 -12.10 -7.78
N ARG A 13 7.81 -13.42 -7.73
CA ARG A 13 8.41 -14.20 -8.84
C ARG A 13 7.45 -15.31 -9.30
N PRO A 14 6.25 -14.92 -9.69
CA PRO A 14 5.22 -15.90 -10.13
C PRO A 14 5.56 -16.46 -11.52
N ILE A 15 5.19 -17.69 -11.77
CA ILE A 15 5.46 -18.31 -13.09
C ILE A 15 4.83 -17.47 -14.21
N LEU A 16 3.59 -17.06 -14.03
CA LEU A 16 2.91 -16.21 -15.05
C LEU A 16 2.49 -14.87 -14.43
N SER A 17 2.24 -13.87 -15.25
CA SER A 17 1.84 -12.53 -14.71
C SER A 17 0.31 -12.41 -14.69
N ARG A 18 -0.20 -11.28 -14.23
CA ARG A 18 -1.69 -11.05 -14.17
C ARG A 18 -2.35 -11.98 -13.14
N ARG A 19 -3.46 -11.55 -12.58
CA ARG A 19 -4.16 -12.40 -11.56
C ARG A 19 -5.66 -12.07 -11.54
N ASN A 20 -6.37 -12.41 -12.61
CA ASN A 20 -7.84 -12.14 -12.68
C ASN A 20 -8.14 -10.64 -12.45
N THR A 21 -8.48 -10.25 -11.24
CA THR A 21 -8.78 -8.81 -10.97
C THR A 21 -7.61 -8.18 -10.19
N VAL A 22 -7.55 -6.87 -10.14
CA VAL A 22 -6.44 -6.18 -9.41
C VAL A 22 -7.01 -5.24 -8.34
N TRP A 23 -6.37 -5.19 -7.19
CA TRP A 23 -6.86 -4.30 -6.09
C TRP A 23 -5.71 -3.98 -5.12
N LEU A 24 -5.89 -3.00 -4.26
CA LEU A 24 -4.82 -2.66 -3.29
C LEU A 24 -5.27 -2.97 -1.86
N CYS A 25 -4.39 -3.55 -1.07
CA CYS A 25 -4.74 -3.87 0.34
C CYS A 25 -4.34 -2.70 1.24
N TYR A 26 -5.22 -2.23 2.09
CA TYR A 26 -4.87 -1.07 2.95
C TYR A 26 -5.16 -1.34 4.43
N GLU A 27 -4.71 -0.46 5.29
CA GLU A 27 -4.96 -0.61 6.75
C GLU A 27 -4.93 0.77 7.43
N VAL A 28 -5.80 0.99 8.39
CA VAL A 28 -5.83 2.32 9.08
C VAL A 28 -5.26 2.17 10.50
N LYS A 29 -4.16 2.81 10.77
CA LYS A 29 -3.54 2.72 12.13
C LYS A 29 -3.18 4.12 12.63
N THR A 30 -2.75 4.23 13.86
CA THR A 30 -2.38 5.57 14.40
C THR A 30 -0.87 5.78 14.27
N LYS A 31 -0.41 7.00 14.35
CA LYS A 31 1.06 7.28 14.23
C LYS A 31 1.87 6.43 15.22
N GLY A 32 1.33 6.12 16.38
CA GLY A 32 2.06 5.29 17.37
C GLY A 32 1.14 4.17 17.87
N PRO A 33 1.66 2.95 17.85
CA PRO A 33 0.87 1.78 18.32
C PRO A 33 0.68 1.84 19.84
N SER A 34 -0.55 1.77 20.29
CA SER A 34 -0.82 1.83 21.76
C SER A 34 -0.50 0.49 22.43
N ARG A 35 0.08 0.52 23.60
CA ARG A 35 0.43 -0.75 24.31
C ARG A 35 -0.82 -1.44 24.94
N PRO A 36 -1.84 -0.69 25.32
CA PRO A 36 -3.05 -1.32 25.91
C PRO A 36 -3.91 -1.95 24.81
N PRO A 37 -4.91 -2.71 25.23
CA PRO A 37 -5.82 -3.37 24.26
C PRO A 37 -6.71 -2.33 23.55
N LEU A 38 -7.00 -1.21 24.20
CA LEU A 38 -7.85 -0.16 23.57
C LEU A 38 -6.98 0.91 22.91
N ASP A 39 -7.60 1.94 22.36
CA ASP A 39 -6.83 3.05 21.69
C ASP A 39 -6.06 2.54 20.45
N ALA A 40 -6.28 1.33 20.04
CA ALA A 40 -5.55 0.78 18.84
C ALA A 40 -6.28 1.19 17.55
N LYS A 41 -7.52 0.78 17.39
CA LYS A 41 -8.31 1.14 16.16
C LYS A 41 -7.53 0.76 14.88
N ILE A 42 -7.36 -0.51 14.65
CA ILE A 42 -6.61 -0.96 13.44
C ILE A 42 -7.53 -1.77 12.52
N PHE A 43 -7.85 -1.25 11.35
CA PHE A 43 -8.75 -2.00 10.41
C PHE A 43 -8.06 -2.18 9.06
N ARG A 44 -8.11 -3.36 8.51
CA ARG A 44 -7.48 -3.62 7.19
C ARG A 44 -8.53 -4.02 6.15
N GLY A 45 -8.41 -3.54 4.94
CA GLY A 45 -9.40 -3.89 3.89
C GLY A 45 -8.72 -3.95 2.52
N GLN A 46 -9.51 -3.89 1.47
CA GLN A 46 -8.93 -3.93 0.08
C GLN A 46 -9.87 -3.18 -0.88
N VAL A 47 -9.69 -3.34 -2.16
CA VAL A 47 -10.59 -2.64 -3.14
C VAL A 47 -11.60 -3.63 -3.73
N TYR A 48 -11.23 -4.88 -3.92
CA TYR A 48 -12.19 -5.88 -4.47
C TYR A 48 -12.80 -6.71 -3.34
N SER A 49 -13.25 -6.05 -2.29
CA SER A 49 -13.86 -6.78 -1.13
C SER A 49 -14.66 -5.82 -0.23
N GLU A 50 -14.08 -4.70 0.14
CA GLU A 50 -14.80 -3.73 1.02
C GLU A 50 -15.12 -2.43 0.25
N ASP A 51 -14.12 -1.66 -0.08
CA ASP A 51 -14.36 -0.39 -0.82
C ASP A 51 -13.98 -0.54 -2.29
N LYS A 52 -14.95 -0.61 -3.16
CA LYS A 52 -14.66 -0.76 -4.63
C LYS A 52 -13.87 0.44 -5.18
N TYR A 53 -13.92 1.58 -4.51
CA TYR A 53 -13.18 2.78 -4.99
C TYR A 53 -11.69 2.66 -4.63
N HIS A 54 -10.82 2.62 -5.62
CA HIS A 54 -9.36 2.52 -5.34
C HIS A 54 -8.70 3.90 -5.05
N PRO A 55 -9.33 5.02 -5.42
CA PRO A 55 -8.69 6.33 -5.14
C PRO A 55 -8.73 6.62 -3.63
N GLU A 56 -8.04 7.66 -3.22
CA GLU A 56 -7.97 8.01 -1.77
C GLU A 56 -9.18 8.83 -1.28
N MET A 57 -10.37 8.57 -1.76
CA MET A 57 -11.54 9.36 -1.28
C MET A 57 -12.48 8.54 -0.38
N ARG A 58 -13.10 7.51 -0.92
CA ARG A 58 -14.08 6.69 -0.11
C ARG A 58 -13.45 6.07 1.13
N PHE A 59 -12.43 5.26 0.95
CA PHE A 59 -11.76 4.61 2.14
C PHE A 59 -11.42 5.65 3.22
N LEU A 60 -11.10 6.84 2.79
CA LEU A 60 -10.71 7.90 3.75
C LEU A 60 -11.91 8.60 4.36
N SER A 61 -12.95 8.80 3.60
CA SER A 61 -14.17 9.48 4.15
C SER A 61 -14.77 8.65 5.29
N LEU A 62 -14.71 7.34 5.22
CA LEU A 62 -15.27 6.55 6.36
C LEU A 62 -14.40 6.80 7.60
N VAL A 63 -13.17 7.28 7.42
CA VAL A 63 -12.30 7.60 8.60
C VAL A 63 -13.00 8.71 9.38
N SER A 64 -13.56 9.68 8.68
CA SER A 64 -14.28 10.79 9.37
C SER A 64 -15.62 10.26 9.92
N LYS A 65 -16.24 9.32 9.23
CA LYS A 65 -17.52 8.75 9.68
C LYS A 65 -17.32 7.68 10.79
N TRP A 66 -16.09 7.26 11.04
CA TRP A 66 -15.86 6.24 12.10
C TRP A 66 -15.69 6.92 13.47
N LYS A 67 -16.68 7.69 13.89
CA LYS A 67 -16.60 8.41 15.20
C LYS A 67 -15.38 9.34 15.24
N LEU A 68 -15.03 9.84 16.40
CA LEU A 68 -13.84 10.76 16.49
C LEU A 68 -12.73 10.11 17.34
N HIS A 69 -12.96 9.96 18.63
CA HIS A 69 -11.94 9.34 19.54
C HIS A 69 -10.59 10.09 19.47
N ARG A 70 -9.60 9.61 20.18
CA ARG A 70 -8.26 10.27 20.16
C ARG A 70 -7.51 9.86 18.88
N ASP A 71 -7.32 10.78 17.97
CA ASP A 71 -6.61 10.45 16.70
C ASP A 71 -5.23 11.12 16.65
N GLN A 72 -5.19 12.43 16.84
CA GLN A 72 -3.88 13.17 16.78
C GLN A 72 -3.21 12.97 15.42
N GLU A 73 -2.37 11.96 15.28
CA GLU A 73 -1.72 11.70 13.97
C GLU A 73 -2.01 10.25 13.56
N TYR A 74 -2.55 10.04 12.40
CA TYR A 74 -2.90 8.66 11.96
C TYR A 74 -1.98 8.21 10.81
N GLU A 75 -1.69 6.93 10.74
CA GLU A 75 -0.81 6.43 9.64
C GLU A 75 -1.56 5.36 8.83
N VAL A 76 -1.64 5.53 7.54
CA VAL A 76 -2.36 4.53 6.70
C VAL A 76 -1.38 3.84 5.74
N THR A 77 -1.53 2.56 5.53
CA THR A 77 -0.61 1.84 4.58
C THR A 77 -1.43 1.41 3.36
N TRP A 78 -0.93 1.69 2.19
CA TRP A 78 -1.68 1.34 0.94
C TRP A 78 -0.83 0.42 0.05
N TYR A 79 -1.15 -0.85 0.01
CA TYR A 79 -0.38 -1.82 -0.83
C TYR A 79 -1.02 -1.94 -2.21
N ILE A 80 -0.47 -1.26 -3.20
CA ILE A 80 -1.05 -1.31 -4.57
C ILE A 80 -0.12 -2.10 -5.51
N SER A 81 -0.66 -2.63 -6.59
CA SER A 81 0.17 -3.41 -7.56
C SER A 81 -0.03 -2.90 -8.99
N TRP A 82 -1.16 -3.22 -9.60
CA TRP A 82 -1.42 -2.75 -11.01
C TRP A 82 -2.88 -2.27 -11.14
N SER A 83 -3.06 -1.03 -11.53
CA SER A 83 -4.43 -0.46 -11.69
C SER A 83 -4.34 1.01 -12.17
N PRO A 84 -5.46 1.70 -12.20
CA PRO A 84 -5.46 3.13 -12.63
C PRO A 84 -4.99 4.04 -11.46
N CYS A 85 -4.10 3.55 -10.62
CA CYS A 85 -3.59 4.37 -9.49
C CYS A 85 -2.61 5.44 -9.98
N THR A 86 -2.49 5.67 -11.28
CA THR A 86 -1.58 6.74 -11.77
C THR A 86 -2.24 8.08 -11.47
N LYS A 87 -3.35 8.37 -12.10
CA LYS A 87 -4.09 9.62 -11.80
C LYS A 87 -4.66 9.50 -10.39
N CYS A 88 -5.03 8.31 -9.98
CA CYS A 88 -5.54 8.09 -8.59
C CYS A 88 -4.46 8.53 -7.61
N ALA A 89 -3.24 8.13 -7.89
CA ALA A 89 -2.08 8.52 -7.02
C ALA A 89 -1.99 10.05 -6.92
N ARG A 90 -2.26 10.77 -7.99
CA ARG A 90 -2.22 12.27 -7.90
C ARG A 90 -3.34 12.70 -6.95
N ASP A 91 -4.48 12.07 -7.08
CA ASP A 91 -5.62 12.38 -6.17
C ASP A 91 -5.26 11.95 -4.74
N MET A 92 -4.43 10.94 -4.60
CA MET A 92 -3.98 10.47 -3.24
C MET A 92 -3.40 11.66 -2.50
N ALA A 93 -2.52 12.40 -3.14
CA ALA A 93 -1.95 13.60 -2.47
C ALA A 93 -3.08 14.56 -2.08
N THR A 94 -4.18 14.53 -2.81
CA THR A 94 -5.33 15.43 -2.47
C THR A 94 -5.91 15.05 -1.10
N PHE A 95 -6.10 13.77 -0.77
CA PHE A 95 -6.63 13.48 0.61
C PHE A 95 -5.55 13.83 1.64
N LEU A 96 -4.34 13.37 1.39
CA LEU A 96 -3.21 13.63 2.33
C LEU A 96 -2.98 15.15 2.51
N GLN A 97 -3.19 15.94 1.48
CA GLN A 97 -2.98 17.41 1.61
C GLN A 97 -4.15 18.06 2.38
N GLU A 98 -5.34 17.53 2.27
CA GLU A 98 -6.50 18.12 3.01
C GLU A 98 -6.56 17.62 4.46
N ASN A 99 -5.95 16.48 4.75
CA ASN A 99 -5.96 15.95 6.14
C ASN A 99 -4.72 16.44 6.91
N THR A 100 -3.55 16.29 6.30
CA THR A 100 -2.24 16.74 6.91
C THR A 100 -1.87 15.95 8.18
N HIS A 101 -2.75 15.86 9.15
CA HIS A 101 -2.40 15.09 10.39
C HIS A 101 -2.32 13.57 10.12
N VAL A 102 -2.55 13.15 8.89
CA VAL A 102 -2.48 11.69 8.59
C VAL A 102 -1.27 11.38 7.68
N THR A 103 -0.69 10.22 7.81
CA THR A 103 0.46 9.83 6.94
C THR A 103 0.01 8.75 5.96
N LEU A 104 0.56 8.76 4.77
CA LEU A 104 0.16 7.76 3.75
C LEU A 104 1.35 6.85 3.44
N THR A 105 1.17 5.56 3.41
CA THR A 105 2.31 4.66 3.05
C THR A 105 1.93 3.82 1.83
N ILE A 106 2.02 4.39 0.66
CA ILE A 106 1.66 3.65 -0.60
C ILE A 106 2.79 2.71 -1.02
N PHE A 107 2.44 1.58 -1.58
CA PHE A 107 3.45 0.59 -2.04
C PHE A 107 3.22 0.25 -3.52
N VAL A 108 4.26 -0.07 -4.25
CA VAL A 108 4.10 -0.41 -5.69
C VAL A 108 4.56 -1.84 -5.95
N ALA A 109 3.75 -2.63 -6.62
CA ALA A 109 4.14 -4.05 -6.91
C ALA A 109 4.45 -4.22 -8.40
N ARG A 110 3.53 -3.84 -9.25
CA ARG A 110 3.77 -3.98 -10.72
C ARG A 110 4.15 -2.63 -11.33
N LEU A 111 5.35 -2.52 -11.84
CA LEU A 111 5.79 -1.24 -12.47
C LEU A 111 5.24 -1.13 -13.89
N TYR A 112 5.21 -2.22 -14.62
CA TYR A 112 4.68 -2.21 -16.02
C TYR A 112 5.42 -1.17 -16.87
N TYR A 113 6.68 -1.42 -17.17
CA TYR A 113 7.50 -0.48 -17.99
C TYR A 113 7.56 0.92 -17.34
N ALA A 114 8.15 1.88 -18.01
CA ALA A 114 8.25 3.26 -17.44
C ALA A 114 7.49 4.24 -18.34
N TRP A 115 6.67 5.09 -17.75
CA TRP A 115 5.90 6.09 -18.57
C TRP A 115 6.67 7.42 -18.65
N ASP A 116 6.03 8.44 -19.17
CA ASP A 116 6.70 9.78 -19.28
C ASP A 116 7.12 10.29 -17.90
N PRO A 117 8.07 11.21 -17.89
CA PRO A 117 8.57 11.79 -16.62
C PRO A 117 7.52 12.71 -16.00
N ASP A 118 6.59 12.16 -15.26
CA ASP A 118 5.52 12.98 -14.62
C ASP A 118 4.88 12.21 -13.46
N TYR A 119 4.47 11.00 -13.68
CA TYR A 119 3.84 10.20 -12.60
C TYR A 119 4.88 9.90 -11.51
N GLN A 120 6.00 9.37 -11.92
CA GLN A 120 7.09 9.04 -10.95
C GLN A 120 7.41 10.25 -10.05
N GLU A 121 7.75 11.39 -10.62
CA GLU A 121 8.05 12.59 -9.78
C GLU A 121 6.78 13.07 -9.07
N ALA A 122 5.63 12.94 -9.68
CA ALA A 122 4.36 13.37 -9.00
C ALA A 122 4.17 12.53 -7.74
N LEU A 123 4.56 11.28 -7.78
CA LEU A 123 4.45 10.43 -6.56
C LEU A 123 5.42 10.98 -5.51
N ARG A 124 6.57 11.46 -5.95
CA ARG A 124 7.54 12.06 -4.98
C ARG A 124 6.87 13.30 -4.35
N SER A 125 6.08 14.02 -5.12
CA SER A 125 5.37 15.22 -4.56
C SER A 125 4.24 14.75 -3.63
N LEU A 126 3.57 13.69 -3.98
CA LEU A 126 2.50 13.15 -3.09
C LEU A 126 3.16 12.68 -1.79
N ALA A 127 4.37 12.17 -1.90
CA ALA A 127 5.13 11.73 -0.69
C ALA A 127 5.60 12.96 0.10
N GLN A 128 5.85 14.07 -0.57
CA GLN A 128 6.30 15.30 0.14
C GLN A 128 5.13 15.86 0.99
N ALA A 129 3.91 15.60 0.59
CA ALA A 129 2.74 16.07 1.38
C ALA A 129 2.66 15.33 2.72
N GLY A 130 3.30 14.18 2.80
CA GLY A 130 3.29 13.38 4.06
C GLY A 130 2.99 11.91 3.74
N ALA A 131 3.43 11.42 2.60
CA ALA A 131 3.17 9.99 2.23
C ALA A 131 4.48 9.25 1.97
N THR A 132 4.39 7.95 1.79
CA THR A 132 5.60 7.12 1.53
C THR A 132 5.32 6.16 0.37
N ILE A 133 6.03 6.29 -0.72
CA ILE A 133 5.79 5.36 -1.86
C ILE A 133 7.03 4.51 -2.12
N LYS A 134 6.93 3.23 -1.86
CA LYS A 134 8.10 2.33 -2.06
C LYS A 134 7.65 0.99 -2.65
N ILE A 135 8.48 0.37 -3.46
CA ILE A 135 8.10 -0.95 -4.06
C ILE A 135 7.85 -1.96 -2.94
N MET A 136 6.92 -2.87 -3.14
CA MET A 136 6.63 -3.89 -2.09
C MET A 136 7.92 -4.59 -1.65
N ASN A 137 8.08 -4.79 -0.38
CA ASN A 137 9.32 -5.46 0.13
C ASN A 137 8.94 -6.78 0.79
N TYR A 138 9.84 -7.74 0.80
CA TYR A 138 9.52 -9.02 1.48
C TYR A 138 9.03 -8.69 2.89
N ASP A 139 9.61 -7.68 3.49
CA ASP A 139 9.19 -7.23 4.85
C ASP A 139 7.75 -6.71 4.84
N GLU A 140 7.28 -6.12 3.74
CA GLU A 140 5.87 -5.63 3.73
C GLU A 140 4.93 -6.83 3.78
N PHE A 141 5.28 -7.90 3.12
CA PHE A 141 4.40 -9.12 3.15
C PHE A 141 4.46 -9.72 4.55
N GLN A 142 5.62 -9.72 5.18
CA GLN A 142 5.70 -10.27 6.58
C GLN A 142 4.66 -9.58 7.46
N HIS A 143 4.63 -8.28 7.41
CA HIS A 143 3.65 -7.51 8.25
C HIS A 143 2.23 -7.69 7.71
N CYS A 144 2.03 -7.48 6.44
CA CYS A 144 0.66 -7.64 5.85
C CYS A 144 0.21 -9.10 5.96
N TRP A 145 1.13 -10.03 6.02
CA TRP A 145 0.70 -11.46 6.17
C TRP A 145 0.12 -11.66 7.57
N SER A 146 0.75 -11.08 8.57
CA SER A 146 0.24 -11.25 9.96
C SER A 146 -0.98 -10.32 10.23
N LYS A 147 -1.08 -9.20 9.53
CA LYS A 147 -2.22 -8.27 9.77
C LYS A 147 -3.38 -8.54 8.80
N PHE A 148 -3.10 -8.72 7.54
CA PHE A 148 -4.19 -8.95 6.54
C PHE A 148 -4.59 -10.44 6.49
N VAL A 149 -3.65 -11.35 6.61
CA VAL A 149 -4.02 -12.82 6.59
C VAL A 149 -4.25 -13.31 8.02
N TYR A 150 -4.71 -14.54 8.16
CA TYR A 150 -4.94 -15.10 9.52
C TYR A 150 -3.79 -16.08 9.85
N SER A 151 -3.86 -17.29 9.35
CA SER A 151 -2.79 -18.32 9.59
C SER A 151 -2.39 -18.38 11.08
N GLN A 152 -3.30 -18.04 11.98
CA GLN A 152 -2.99 -18.08 13.45
C GLN A 152 -1.76 -17.21 13.80
N GLY A 153 -1.35 -16.32 12.94
CA GLY A 153 -0.15 -15.47 13.25
C GLY A 153 1.12 -16.30 13.06
N ALA A 154 1.26 -16.95 11.92
CA ALA A 154 2.48 -17.78 11.68
C ALA A 154 3.61 -16.92 11.09
N PRO A 155 4.83 -17.34 11.34
CA PRO A 155 6.01 -16.59 10.82
C PRO A 155 6.17 -16.82 9.31
N PHE A 156 5.47 -16.05 8.51
CA PHE A 156 5.54 -16.21 7.03
C PHE A 156 6.92 -15.74 6.52
N GLN A 157 7.62 -16.58 5.81
CA GLN A 157 8.97 -16.23 5.27
C GLN A 157 8.93 -16.07 3.74
N PRO A 158 10.08 -15.80 3.15
CA PRO A 158 10.16 -15.62 1.68
C PRO A 158 10.34 -16.97 0.97
N TRP A 159 10.46 -16.95 -0.34
CA TRP A 159 10.62 -18.22 -1.11
C TRP A 159 11.86 -18.17 -2.03
N ASP A 160 11.67 -18.14 -3.34
CA ASP A 160 12.84 -18.12 -4.28
C ASP A 160 13.41 -16.69 -4.44
N GLY A 161 13.89 -16.11 -3.38
CA GLY A 161 14.48 -14.75 -3.47
C GLY A 161 13.40 -13.67 -3.46
N LEU A 162 12.34 -13.84 -2.69
CA LEU A 162 11.25 -12.80 -2.64
C LEU A 162 11.84 -11.43 -2.27
N ASP A 163 12.59 -11.36 -1.19
CA ASP A 163 13.20 -10.05 -0.79
C ASP A 163 14.17 -9.62 -1.89
N GLU A 164 14.77 -10.58 -2.57
CA GLU A 164 15.69 -10.24 -3.69
C GLU A 164 14.87 -9.61 -4.82
N HIS A 165 13.66 -10.08 -5.03
CA HIS A 165 12.81 -9.48 -6.11
C HIS A 165 12.19 -8.17 -5.61
N SER A 166 11.91 -8.08 -4.34
CA SER A 166 11.33 -6.81 -3.79
C SER A 166 12.34 -5.68 -3.95
N GLN A 167 13.58 -5.92 -3.59
CA GLN A 167 14.62 -4.86 -3.75
C GLN A 167 14.99 -4.71 -5.22
N ALA A 168 14.79 -5.73 -6.02
CA ALA A 168 15.11 -5.61 -7.48
C ALA A 168 14.08 -4.67 -8.12
N LEU A 169 12.84 -4.74 -7.69
CA LEU A 169 11.81 -3.82 -8.25
C LEU A 169 11.99 -2.43 -7.67
N SER A 170 12.43 -2.33 -6.43
CA SER A 170 12.66 -0.99 -5.81
C SER A 170 13.73 -0.23 -6.60
N GLY A 171 14.71 -0.93 -7.12
CA GLY A 171 15.75 -0.24 -7.93
C GLY A 171 15.11 0.22 -9.25
N ARG A 172 14.12 -0.51 -9.72
CA ARG A 172 13.43 -0.10 -10.99
C ARG A 172 12.46 1.07 -10.70
N LEU A 173 12.03 1.24 -9.46
CA LEU A 173 11.11 2.36 -9.13
C LEU A 173 11.88 3.68 -9.23
N GLY A 174 13.10 3.70 -8.77
CA GLY A 174 13.90 4.97 -8.84
C GLY A 174 14.38 5.18 -10.28
N GLU A 175 14.58 4.11 -11.02
CA GLU A 175 15.02 4.26 -12.44
C GLU A 175 13.86 4.72 -13.31
N ILE A 176 12.64 4.51 -12.88
CA ILE A 176 11.49 5.00 -13.70
C ILE A 176 11.61 6.53 -13.81
N LEU A 177 11.95 7.18 -12.72
CA LEU A 177 12.12 8.66 -12.74
C LEU A 177 13.56 9.04 -13.16
N ARG A 178 14.53 8.15 -13.01
CA ARG A 178 15.93 8.51 -13.43
C ARG A 178 16.18 8.04 -14.87
N HIS A 179 16.14 6.76 -15.08
CA HIS A 179 16.36 6.19 -16.46
C HIS A 179 15.04 6.17 -17.24
N SER A 180 15.05 5.63 -18.43
CA SER A 180 13.80 5.56 -19.25
C SER A 180 13.56 4.13 -19.75
N MET A 1 -2.18 -22.11 6.31
CA MET A 1 -1.25 -22.67 5.28
C MET A 1 -1.92 -22.69 3.89
N ASP A 2 -2.63 -21.65 3.55
CA ASP A 2 -3.31 -21.60 2.21
C ASP A 2 -3.45 -20.15 1.73
N PRO A 3 -2.44 -19.69 1.01
CA PRO A 3 -2.47 -18.31 0.49
C PRO A 3 -3.43 -18.20 -0.70
N ASP A 4 -4.42 -17.36 -0.60
CA ASP A 4 -5.40 -17.20 -1.71
C ASP A 4 -5.14 -15.92 -2.48
N THR A 5 -5.30 -14.80 -1.82
CA THR A 5 -5.06 -13.47 -2.49
C THR A 5 -3.56 -13.18 -2.61
N PHE A 6 -2.79 -13.58 -1.63
CA PHE A 6 -1.31 -13.34 -1.69
C PHE A 6 -0.70 -14.24 -2.76
N SER A 7 -1.07 -15.49 -2.79
CA SER A 7 -0.52 -16.40 -3.86
C SER A 7 -1.04 -15.95 -5.25
N TYR A 8 -2.10 -15.15 -5.25
CA TYR A 8 -2.67 -14.66 -6.54
C TYR A 8 -1.74 -13.64 -7.22
N ASN A 9 -1.33 -12.63 -6.50
CA ASN A 9 -0.45 -11.59 -7.14
C ASN A 9 0.59 -11.00 -6.17
N PHE A 10 0.54 -11.33 -4.90
CA PHE A 10 1.55 -10.75 -3.95
C PHE A 10 2.92 -11.42 -4.12
N ASN A 11 2.96 -12.63 -4.64
CA ASN A 11 4.28 -13.32 -4.84
C ASN A 11 5.20 -12.47 -5.72
N ASN A 12 6.46 -12.45 -5.41
CA ASN A 12 7.44 -11.65 -6.21
C ASN A 12 7.95 -12.49 -7.40
N ARG A 13 8.34 -13.72 -7.14
CA ARG A 13 8.85 -14.60 -8.23
C ARG A 13 7.72 -14.92 -9.23
N PRO A 14 8.08 -15.06 -10.49
CA PRO A 14 7.08 -15.36 -11.54
C PRO A 14 6.58 -16.81 -11.43
N ILE A 15 5.63 -17.07 -10.57
CA ILE A 15 5.09 -18.44 -10.40
C ILE A 15 4.33 -18.87 -11.67
N LEU A 16 3.30 -18.14 -12.03
CA LEU A 16 2.51 -18.48 -13.25
C LEU A 16 2.20 -17.21 -14.06
N SER A 17 1.57 -17.36 -15.21
CA SER A 17 1.23 -16.17 -16.04
C SER A 17 -0.17 -15.65 -15.68
N ARG A 18 -0.25 -14.72 -14.75
CA ARG A 18 -1.57 -14.17 -14.34
C ARG A 18 -1.39 -12.79 -13.69
N ARG A 19 -1.93 -11.76 -14.30
CA ARG A 19 -1.80 -10.38 -13.73
C ARG A 19 -3.07 -9.58 -14.01
N ASN A 20 -4.01 -9.58 -13.09
CA ASN A 20 -5.28 -8.82 -13.30
C ASN A 20 -5.90 -8.44 -11.94
N THR A 21 -5.54 -7.29 -11.43
CA THR A 21 -6.10 -6.83 -10.11
C THR A 21 -6.30 -5.31 -10.13
N VAL A 22 -7.47 -4.85 -9.74
CA VAL A 22 -7.74 -3.37 -9.74
C VAL A 22 -8.16 -2.91 -8.34
N TRP A 23 -7.32 -3.15 -7.35
CA TRP A 23 -7.65 -2.73 -5.95
C TRP A 23 -6.38 -2.63 -5.10
N LEU A 24 -6.47 -2.07 -3.93
CA LEU A 24 -5.26 -1.95 -3.05
C LEU A 24 -5.59 -2.33 -1.61
N CYS A 25 -4.69 -3.02 -0.95
CA CYS A 25 -4.93 -3.44 0.47
C CYS A 25 -4.42 -2.33 1.40
N TYR A 26 -5.29 -1.69 2.14
CA TYR A 26 -4.81 -0.59 3.04
C TYR A 26 -5.10 -0.90 4.52
N GLU A 27 -4.25 -0.41 5.39
CA GLU A 27 -4.43 -0.63 6.84
C GLU A 27 -4.49 0.74 7.55
N VAL A 28 -5.63 1.09 8.07
CA VAL A 28 -5.76 2.42 8.75
C VAL A 28 -5.41 2.27 10.24
N LYS A 29 -4.30 2.82 10.65
CA LYS A 29 -3.86 2.71 12.07
C LYS A 29 -3.61 4.10 12.67
N THR A 30 -3.08 4.16 13.86
CA THR A 30 -2.79 5.48 14.50
C THR A 30 -1.29 5.78 14.38
N LYS A 31 -0.92 7.03 14.53
CA LYS A 31 0.54 7.39 14.45
C LYS A 31 1.35 6.64 15.53
N GLY A 32 0.72 6.33 16.64
CA GLY A 32 1.43 5.60 17.74
C GLY A 32 0.67 4.32 18.07
N PRO A 33 0.97 3.27 17.33
CA PRO A 33 0.29 1.96 17.56
C PRO A 33 0.79 1.32 18.87
N SER A 34 -0.05 0.56 19.53
CA SER A 34 0.36 -0.09 20.81
C SER A 34 1.24 -1.31 20.53
N ARG A 35 2.42 -1.34 21.10
CA ARG A 35 3.34 -2.50 20.88
C ARG A 35 2.98 -3.72 21.77
N PRO A 36 2.40 -3.50 22.95
CA PRO A 36 2.04 -4.65 23.82
C PRO A 36 0.77 -5.34 23.30
N PRO A 37 0.42 -6.46 23.91
CA PRO A 37 -0.79 -7.22 23.49
C PRO A 37 -2.06 -6.51 23.99
N LEU A 38 -2.35 -5.33 23.46
CA LEU A 38 -3.56 -4.58 23.88
C LEU A 38 -4.69 -4.77 22.86
N ASP A 39 -5.60 -3.83 22.79
CA ASP A 39 -6.73 -3.95 21.81
C ASP A 39 -6.31 -3.39 20.45
N ALA A 40 -5.66 -2.24 20.43
CA ALA A 40 -5.19 -1.62 19.15
C ALA A 40 -6.38 -1.24 18.25
N LYS A 41 -6.13 -0.55 17.16
CA LYS A 41 -7.23 -0.15 16.25
C LYS A 41 -6.75 -0.16 14.79
N ILE A 42 -6.45 -1.31 14.26
CA ILE A 42 -5.97 -1.41 12.84
C ILE A 42 -7.15 -1.75 11.93
N PHE A 43 -7.43 -0.91 10.97
CA PHE A 43 -8.57 -1.18 10.03
C PHE A 43 -8.03 -1.63 8.68
N ARG A 44 -8.27 -2.87 8.31
CA ARG A 44 -7.77 -3.36 6.99
C ARG A 44 -8.92 -3.41 5.98
N GLY A 45 -8.71 -2.91 4.79
CA GLY A 45 -9.79 -2.92 3.76
C GLY A 45 -9.19 -3.13 2.37
N GLN A 46 -10.01 -2.98 1.35
CA GLN A 46 -9.53 -3.16 -0.06
C GLN A 46 -10.35 -2.28 -1.01
N VAL A 47 -10.08 -2.36 -2.29
CA VAL A 47 -10.84 -1.54 -3.28
C VAL A 47 -11.41 -2.47 -4.37
N TYR A 48 -12.06 -3.54 -3.99
CA TYR A 48 -12.62 -4.49 -5.00
C TYR A 48 -14.02 -4.97 -4.55
N SER A 49 -14.83 -4.08 -4.03
CA SER A 49 -16.20 -4.47 -3.59
C SER A 49 -17.19 -3.33 -3.88
N GLU A 50 -16.95 -2.18 -3.31
CA GLU A 50 -17.86 -1.01 -3.54
C GLU A 50 -17.03 0.21 -3.97
N ASP A 51 -16.16 0.03 -4.94
CA ASP A 51 -15.31 1.16 -5.40
C ASP A 51 -16.02 1.96 -6.50
N LYS A 52 -16.94 2.81 -6.13
CA LYS A 52 -17.67 3.62 -7.14
C LYS A 52 -16.80 4.83 -7.55
N TYR A 53 -16.01 5.34 -6.64
CA TYR A 53 -15.13 6.51 -6.95
C TYR A 53 -13.71 6.01 -7.25
N HIS A 54 -13.14 6.41 -8.36
CA HIS A 54 -11.75 5.97 -8.68
C HIS A 54 -10.74 6.67 -7.76
N PRO A 55 -10.91 7.97 -7.53
CA PRO A 55 -9.98 8.69 -6.63
C PRO A 55 -10.11 8.14 -5.19
N GLU A 56 -9.05 8.21 -4.44
CA GLU A 56 -9.08 7.67 -3.04
C GLU A 56 -9.78 8.61 -2.02
N MET A 57 -10.67 9.47 -2.48
CA MET A 57 -11.39 10.37 -1.51
C MET A 57 -12.49 9.58 -0.77
N ARG A 58 -12.90 8.44 -1.28
CA ARG A 58 -13.96 7.63 -0.58
C ARG A 58 -13.41 7.01 0.72
N PHE A 59 -12.10 6.85 0.83
CA PHE A 59 -11.51 6.26 2.08
C PHE A 59 -11.67 7.25 3.25
N LEU A 60 -12.09 8.46 3.00
CA LEU A 60 -12.27 9.44 4.09
C LEU A 60 -13.61 9.22 4.81
N SER A 61 -14.59 8.70 4.11
CA SER A 61 -15.94 8.48 4.74
C SER A 61 -15.87 7.51 5.91
N LEU A 62 -15.44 6.28 5.69
CA LEU A 62 -15.36 5.33 6.84
C LEU A 62 -14.45 5.91 7.92
N VAL A 63 -13.42 6.63 7.53
CA VAL A 63 -12.53 7.29 8.56
C VAL A 63 -13.34 8.37 9.29
N SER A 64 -14.18 9.07 8.57
CA SER A 64 -15.01 10.16 9.20
C SER A 64 -16.10 9.56 10.12
N LYS A 65 -16.50 8.34 9.90
CA LYS A 65 -17.57 7.73 10.77
C LYS A 65 -16.98 7.23 12.11
N TRP A 66 -15.68 7.39 12.34
CA TRP A 66 -15.08 6.93 13.63
C TRP A 66 -15.22 8.04 14.68
N LYS A 67 -14.75 9.24 14.37
CA LYS A 67 -14.85 10.38 15.33
C LYS A 67 -14.27 10.00 16.72
N LEU A 68 -12.97 9.93 16.83
CA LEU A 68 -12.34 9.57 18.13
C LEU A 68 -11.21 10.56 18.48
N HIS A 69 -10.23 10.69 17.63
CA HIS A 69 -9.10 11.63 17.91
C HIS A 69 -8.71 12.38 16.62
N ARG A 70 -9.36 13.47 16.32
CA ARG A 70 -9.02 14.26 15.10
C ARG A 70 -7.76 15.10 15.32
N ASP A 71 -7.46 15.45 16.55
CA ASP A 71 -6.23 16.26 16.84
C ASP A 71 -4.98 15.37 16.81
N GLN A 72 -5.13 14.09 17.13
CA GLN A 72 -3.95 13.17 17.11
C GLN A 72 -3.55 12.87 15.66
N GLU A 73 -2.66 11.92 15.45
CA GLU A 73 -2.24 11.58 14.06
C GLU A 73 -2.59 10.12 13.72
N TYR A 74 -2.78 9.83 12.46
CA TYR A 74 -3.14 8.44 12.04
C TYR A 74 -2.17 7.95 10.95
N GLU A 75 -1.83 6.70 10.95
CA GLU A 75 -0.90 6.17 9.91
C GLU A 75 -1.64 5.18 9.00
N VAL A 76 -1.53 5.33 7.70
CA VAL A 76 -2.24 4.41 6.77
C VAL A 76 -1.26 3.78 5.78
N THR A 77 -1.24 2.47 5.70
CA THR A 77 -0.33 1.78 4.73
C THR A 77 -1.18 1.33 3.54
N TRP A 78 -0.77 1.65 2.33
CA TRP A 78 -1.58 1.27 1.14
C TRP A 78 -0.79 0.37 0.20
N TYR A 79 -1.21 -0.86 0.06
CA TYR A 79 -0.52 -1.81 -0.85
C TYR A 79 -1.18 -1.76 -2.23
N ILE A 80 -0.45 -1.33 -3.22
CA ILE A 80 -1.02 -1.24 -4.60
C ILE A 80 -0.11 -2.00 -5.58
N SER A 81 -0.68 -2.56 -6.63
CA SER A 81 0.15 -3.33 -7.62
C SER A 81 -0.01 -2.76 -9.04
N TRP A 82 -1.22 -2.44 -9.44
CA TRP A 82 -1.42 -1.89 -10.83
C TRP A 82 -1.37 -0.35 -10.85
N SER A 83 -0.96 0.27 -9.75
CA SER A 83 -0.86 1.78 -9.69
C SER A 83 -2.25 2.45 -9.77
N PRO A 84 -2.46 3.45 -8.92
CA PRO A 84 -3.75 4.18 -8.89
C PRO A 84 -3.80 5.26 -9.99
N CYS A 85 -3.67 4.87 -11.24
CA CYS A 85 -3.70 5.85 -12.38
C CYS A 85 -2.81 7.08 -12.11
N THR A 86 -2.72 7.98 -13.05
CA THR A 86 -1.90 9.19 -12.82
C THR A 86 -2.73 10.17 -11.97
N LYS A 87 -4.01 10.25 -12.24
CA LYS A 87 -4.92 11.16 -11.48
C LYS A 87 -5.33 10.59 -10.13
N CYS A 88 -5.44 9.28 -9.99
CA CYS A 88 -5.82 8.74 -8.67
C CYS A 88 -4.58 8.85 -7.77
N ALA A 89 -3.39 8.78 -8.37
CA ALA A 89 -2.14 8.96 -7.58
C ALA A 89 -2.07 10.40 -7.05
N ARG A 90 -2.48 11.38 -7.85
CA ARG A 90 -2.46 12.80 -7.34
C ARG A 90 -3.51 12.94 -6.24
N ASP A 91 -4.65 12.31 -6.44
CA ASP A 91 -5.75 12.36 -5.42
C ASP A 91 -5.22 11.93 -4.05
N MET A 92 -4.34 10.96 -4.00
CA MET A 92 -3.78 10.51 -2.69
C MET A 92 -3.09 11.69 -2.00
N ALA A 93 -2.20 12.36 -2.70
CA ALA A 93 -1.52 13.55 -2.11
C ALA A 93 -2.59 14.57 -1.68
N THR A 94 -3.71 14.59 -2.36
CA THR A 94 -4.81 15.53 -2.00
C THR A 94 -5.41 15.12 -0.64
N PHE A 95 -5.59 13.83 -0.38
CA PHE A 95 -6.14 13.41 0.94
C PHE A 95 -5.11 13.67 2.04
N LEU A 96 -3.87 13.40 1.75
CA LEU A 96 -2.78 13.63 2.75
C LEU A 96 -2.59 15.14 3.00
N GLN A 97 -2.77 15.94 1.97
CA GLN A 97 -2.61 17.43 2.13
C GLN A 97 -3.80 18.03 2.90
N GLU A 98 -4.98 17.48 2.73
CA GLU A 98 -6.17 18.01 3.47
C GLU A 98 -6.21 17.48 4.91
N ASN A 99 -5.57 16.36 5.17
CA ASN A 99 -5.58 15.80 6.56
C ASN A 99 -4.35 16.30 7.33
N THR A 100 -3.17 16.16 6.75
CA THR A 100 -1.87 16.62 7.40
C THR A 100 -1.52 15.77 8.64
N HIS A 101 -2.45 15.57 9.54
CA HIS A 101 -2.15 14.75 10.76
C HIS A 101 -2.10 13.25 10.39
N VAL A 102 -2.24 12.90 9.13
CA VAL A 102 -2.19 11.46 8.76
C VAL A 102 -0.93 11.15 7.94
N THR A 103 -0.40 9.96 8.09
CA THR A 103 0.82 9.55 7.32
C THR A 103 0.38 8.56 6.24
N LEU A 104 1.04 8.57 5.12
CA LEU A 104 0.65 7.65 4.01
C LEU A 104 1.80 6.72 3.65
N THR A 105 1.55 5.44 3.57
CA THR A 105 2.63 4.49 3.16
C THR A 105 2.18 3.73 1.91
N ILE A 106 2.27 4.36 0.76
CA ILE A 106 1.82 3.69 -0.51
C ILE A 106 2.90 2.73 -1.04
N PHE A 107 2.47 1.60 -1.56
CA PHE A 107 3.43 0.60 -2.11
C PHE A 107 3.16 0.37 -3.60
N VAL A 108 4.19 0.20 -4.39
CA VAL A 108 4.00 -0.02 -5.85
C VAL A 108 4.61 -1.36 -6.27
N ALA A 109 3.98 -2.04 -7.21
CA ALA A 109 4.53 -3.35 -7.67
C ALA A 109 5.06 -3.22 -9.10
N ARG A 110 4.21 -2.82 -10.02
CA ARG A 110 4.62 -2.65 -11.46
C ARG A 110 5.20 -3.96 -12.04
N LEU A 111 6.49 -4.22 -11.84
CA LEU A 111 7.10 -5.47 -12.38
C LEU A 111 6.87 -5.58 -13.90
N TYR A 112 7.00 -4.48 -14.61
CA TYR A 112 6.80 -4.50 -16.09
C TYR A 112 7.66 -3.43 -16.76
N TYR A 113 8.08 -3.68 -17.97
CA TYR A 113 8.92 -2.67 -18.70
C TYR A 113 8.03 -1.60 -19.33
N ALA A 114 8.21 -0.36 -18.93
CA ALA A 114 7.37 0.75 -19.50
C ALA A 114 8.20 2.04 -19.61
N TRP A 115 7.57 3.13 -19.98
CA TRP A 115 8.30 4.43 -20.10
C TRP A 115 7.43 5.57 -19.56
N ASP A 116 7.10 5.51 -18.29
CA ASP A 116 6.24 6.58 -17.68
C ASP A 116 7.02 7.34 -16.59
N PRO A 117 7.78 8.32 -17.03
CA PRO A 117 8.58 9.15 -16.08
C PRO A 117 7.67 10.12 -15.31
N ASP A 118 6.53 10.47 -15.87
CA ASP A 118 5.60 11.41 -15.16
C ASP A 118 4.89 10.71 -14.01
N TYR A 119 4.73 9.40 -14.09
CA TYR A 119 4.05 8.66 -12.99
C TYR A 119 4.99 8.59 -11.77
N GLN A 120 6.24 8.30 -11.99
CA GLN A 120 7.21 8.22 -10.85
C GLN A 120 7.28 9.56 -10.12
N GLU A 121 7.52 10.64 -10.84
CA GLU A 121 7.58 11.99 -10.18
C GLU A 121 6.24 12.32 -9.51
N ALA A 122 5.14 11.90 -10.08
CA ALA A 122 3.82 12.17 -9.44
C ALA A 122 3.78 11.47 -8.08
N LEU A 123 4.29 10.25 -8.01
CA LEU A 123 4.33 9.54 -6.71
C LEU A 123 5.22 10.34 -5.75
N ARG A 124 6.22 11.02 -6.25
CA ARG A 124 7.07 11.86 -5.36
C ARG A 124 6.20 13.00 -4.80
N SER A 125 5.21 13.44 -5.57
CA SER A 125 4.29 14.51 -5.06
C SER A 125 3.49 13.96 -3.87
N LEU A 126 3.11 12.70 -3.92
CA LEU A 126 2.38 12.10 -2.75
C LEU A 126 3.32 12.12 -1.56
N ALA A 127 4.56 11.79 -1.81
CA ALA A 127 5.60 11.80 -0.74
C ALA A 127 5.86 13.24 -0.27
N GLN A 128 5.66 14.20 -1.15
CA GLN A 128 5.88 15.63 -0.75
C GLN A 128 4.78 16.06 0.24
N ALA A 129 3.62 15.47 0.14
CA ALA A 129 2.50 15.81 1.08
C ALA A 129 2.72 15.11 2.43
N GLY A 130 3.63 14.15 2.49
CA GLY A 130 3.90 13.42 3.77
C GLY A 130 3.59 11.94 3.59
N ALA A 131 3.82 11.38 2.42
CA ALA A 131 3.53 9.94 2.18
C ALA A 131 4.83 9.16 1.89
N THR A 132 4.75 7.87 1.86
CA THR A 132 5.94 7.02 1.58
C THR A 132 5.64 6.08 0.42
N ILE A 133 6.25 6.30 -0.70
CA ILE A 133 6.00 5.41 -1.87
C ILE A 133 7.21 4.50 -2.09
N LYS A 134 7.05 3.23 -1.83
CA LYS A 134 8.19 2.28 -2.00
C LYS A 134 7.69 0.97 -2.64
N ILE A 135 8.55 0.29 -3.35
CA ILE A 135 8.13 -1.00 -3.98
C ILE A 135 7.85 -2.04 -2.89
N MET A 136 6.96 -2.97 -3.17
CA MET A 136 6.62 -4.03 -2.16
C MET A 136 7.89 -4.61 -1.53
N ASN A 137 7.87 -4.87 -0.25
CA ASN A 137 9.08 -5.43 0.44
C ASN A 137 8.74 -6.71 1.18
N TYR A 138 9.71 -7.55 1.43
CA TYR A 138 9.43 -8.81 2.18
C TYR A 138 8.67 -8.46 3.46
N ASP A 139 8.94 -7.31 4.01
CA ASP A 139 8.24 -6.88 5.25
C ASP A 139 6.76 -6.62 4.94
N GLU A 140 6.41 -6.20 3.74
CA GLU A 140 4.98 -5.97 3.43
C GLU A 140 4.27 -7.33 3.27
N PHE A 141 4.92 -8.29 2.64
CA PHE A 141 4.28 -9.64 2.47
C PHE A 141 4.16 -10.30 3.83
N GLN A 142 5.20 -10.21 4.64
CA GLN A 142 5.14 -10.83 6.01
C GLN A 142 3.89 -10.31 6.75
N HIS A 143 3.54 -9.05 6.56
CA HIS A 143 2.33 -8.49 7.24
C HIS A 143 1.06 -8.86 6.47
N CYS A 144 1.06 -8.68 5.17
CA CYS A 144 -0.15 -9.04 4.37
C CYS A 144 -0.36 -10.56 4.41
N TRP A 145 0.68 -11.32 4.68
CA TRP A 145 0.52 -12.80 4.76
C TRP A 145 -0.39 -13.13 5.94
N SER A 146 -0.22 -12.47 7.06
CA SER A 146 -1.11 -12.77 8.23
C SER A 146 -2.52 -12.18 8.02
N LYS A 147 -2.67 -11.19 7.16
CA LYS A 147 -4.02 -10.58 6.95
C LYS A 147 -4.74 -11.17 5.71
N PHE A 148 -4.05 -11.29 4.61
CA PHE A 148 -4.70 -11.80 3.35
C PHE A 148 -4.60 -13.33 3.19
N VAL A 149 -4.00 -14.05 4.12
CA VAL A 149 -3.91 -15.54 3.96
C VAL A 149 -4.72 -16.24 5.06
N TYR A 150 -4.96 -17.52 4.89
CA TYR A 150 -5.76 -18.29 5.91
C TYR A 150 -4.90 -18.56 7.15
N SER A 151 -3.63 -18.76 6.97
CA SER A 151 -2.72 -19.03 8.14
C SER A 151 -2.95 -17.99 9.25
N GLN A 152 -2.95 -16.72 8.91
CA GLN A 152 -3.19 -15.62 9.91
C GLN A 152 -2.23 -15.73 11.11
N GLY A 153 -1.08 -15.10 11.01
CA GLY A 153 -0.10 -15.12 12.13
C GLY A 153 0.95 -16.23 11.92
N ALA A 154 1.17 -16.65 10.70
CA ALA A 154 2.19 -17.72 10.45
C ALA A 154 3.55 -17.06 10.22
N PRO A 155 4.60 -17.79 10.55
CA PRO A 155 5.97 -17.27 10.36
C PRO A 155 6.39 -17.35 8.89
N PHE A 156 5.69 -16.68 8.01
CA PHE A 156 6.03 -16.72 6.56
C PHE A 156 7.35 -15.97 6.30
N GLN A 157 8.38 -16.68 5.91
CA GLN A 157 9.71 -16.06 5.64
C GLN A 157 9.94 -15.89 4.13
N PRO A 158 11.08 -15.36 3.77
CA PRO A 158 11.42 -15.16 2.34
C PRO A 158 11.76 -16.51 1.69
N TRP A 159 11.45 -16.67 0.43
CA TRP A 159 11.73 -17.96 -0.27
C TRP A 159 12.99 -17.87 -1.16
N ASP A 160 12.85 -17.87 -2.47
CA ASP A 160 14.04 -17.80 -3.37
C ASP A 160 14.57 -16.36 -3.53
N GLY A 161 14.60 -15.59 -2.48
CA GLY A 161 15.11 -14.20 -2.58
C GLY A 161 13.95 -13.21 -2.74
N LEU A 162 12.86 -13.42 -2.05
CA LEU A 162 11.69 -12.47 -2.16
C LEU A 162 12.13 -11.05 -1.80
N ASP A 163 12.78 -10.87 -0.67
CA ASP A 163 13.25 -9.51 -0.29
C ASP A 163 14.27 -9.05 -1.33
N GLU A 164 15.00 -9.98 -1.89
CA GLU A 164 16.00 -9.63 -2.94
C GLU A 164 15.23 -9.15 -4.19
N HIS A 165 14.08 -9.72 -4.46
CA HIS A 165 13.28 -9.28 -5.64
C HIS A 165 12.52 -7.99 -5.29
N SER A 166 12.18 -7.79 -4.03
CA SER A 166 11.48 -6.54 -3.63
C SER A 166 12.42 -5.36 -3.80
N GLN A 167 13.65 -5.50 -3.38
CA GLN A 167 14.64 -4.39 -3.55
C GLN A 167 15.07 -4.31 -5.02
N ALA A 168 14.98 -5.40 -5.77
CA ALA A 168 15.34 -5.34 -7.21
C ALA A 168 14.31 -4.49 -7.94
N LEU A 169 13.06 -4.59 -7.55
CA LEU A 169 12.00 -3.75 -8.19
C LEU A 169 12.12 -2.31 -7.70
N SER A 170 12.53 -2.11 -6.47
CA SER A 170 12.70 -0.72 -5.95
C SER A 170 13.76 -0.01 -6.78
N GLY A 171 14.78 -0.71 -7.23
CA GLY A 171 15.81 -0.06 -8.08
C GLY A 171 15.17 0.30 -9.42
N ARG A 172 14.23 -0.51 -9.88
CA ARG A 172 13.52 -0.21 -11.16
C ARG A 172 12.54 0.95 -10.96
N LEU A 173 12.09 1.18 -9.73
CA LEU A 173 11.14 2.28 -9.48
C LEU A 173 11.87 3.63 -9.65
N GLY A 174 13.10 3.69 -9.22
CA GLY A 174 13.89 4.96 -9.38
C GLY A 174 14.31 5.12 -10.85
N GLU A 175 14.58 4.03 -11.53
CA GLU A 175 14.98 4.13 -12.97
C GLU A 175 13.75 4.51 -13.81
N ILE A 176 12.56 4.20 -13.34
CA ILE A 176 11.34 4.59 -14.11
C ILE A 176 11.36 6.11 -14.30
N LEU A 177 11.82 6.83 -13.29
CA LEU A 177 11.90 8.31 -13.39
C LEU A 177 13.21 8.72 -14.10
N ARG A 178 14.27 7.93 -13.99
CA ARG A 178 15.55 8.29 -14.64
C ARG A 178 15.43 8.08 -16.17
N HIS A 179 14.64 7.13 -16.58
CA HIS A 179 14.47 6.87 -18.05
C HIS A 179 13.11 7.39 -18.52
N SER A 180 13.09 8.17 -19.58
CA SER A 180 11.80 8.72 -20.10
C SER A 180 11.08 7.68 -20.98
N MET A 1 -5.96 -19.51 10.00
CA MET A 1 -4.54 -19.50 10.47
C MET A 1 -3.57 -19.67 9.29
N ASP A 2 -3.92 -19.16 8.13
CA ASP A 2 -3.02 -19.29 6.94
C ASP A 2 -3.19 -18.09 6.00
N PRO A 3 -2.25 -17.94 5.09
CA PRO A 3 -2.30 -16.82 4.12
C PRO A 3 -3.42 -17.05 3.10
N ASP A 4 -4.43 -16.21 3.13
CA ASP A 4 -5.57 -16.36 2.17
C ASP A 4 -5.41 -15.35 1.03
N THR A 5 -5.50 -14.09 1.35
CA THR A 5 -5.36 -13.03 0.30
C THR A 5 -3.88 -12.74 0.02
N PHE A 6 -3.02 -12.93 0.99
CA PHE A 6 -1.56 -12.68 0.76
C PHE A 6 -1.00 -13.74 -0.20
N SER A 7 -1.31 -15.00 0.03
CA SER A 7 -0.83 -16.06 -0.90
C SER A 7 -1.57 -15.92 -2.25
N TYR A 8 -2.60 -15.10 -2.31
CA TYR A 8 -3.37 -14.89 -3.57
C TYR A 8 -2.62 -13.94 -4.51
N ASN A 9 -2.18 -12.81 -4.03
CA ASN A 9 -1.47 -11.83 -4.94
C ASN A 9 -0.25 -11.16 -4.29
N PHE A 10 -0.04 -11.30 -3.00
CA PHE A 10 1.14 -10.65 -2.36
C PHE A 10 2.44 -11.45 -2.58
N ASN A 11 2.42 -12.46 -3.42
CA ASN A 11 3.66 -13.26 -3.67
C ASN A 11 4.59 -12.52 -4.64
N ASN A 12 5.87 -12.64 -4.45
CA ASN A 12 6.85 -11.97 -5.35
C ASN A 12 7.67 -12.99 -6.17
N ARG A 13 7.40 -14.27 -6.00
CA ARG A 13 8.18 -15.30 -6.76
C ARG A 13 7.79 -15.31 -8.25
N PRO A 14 6.49 -15.39 -8.54
CA PRO A 14 6.03 -15.42 -9.96
C PRO A 14 6.18 -14.05 -10.63
N ILE A 15 5.51 -13.04 -10.11
CA ILE A 15 5.59 -11.66 -10.71
C ILE A 15 5.51 -11.72 -12.26
N LEU A 16 4.33 -11.87 -12.79
CA LEU A 16 4.16 -11.94 -14.27
C LEU A 16 2.93 -11.16 -14.73
N SER A 17 2.83 -10.87 -16.00
CA SER A 17 1.66 -10.11 -16.52
C SER A 17 0.54 -11.08 -16.94
N ARG A 18 -0.39 -11.34 -16.05
CA ARG A 18 -1.51 -12.28 -16.38
C ARG A 18 -2.87 -11.57 -16.20
N ARG A 19 -3.95 -12.27 -16.43
CA ARG A 19 -5.31 -11.65 -16.28
C ARG A 19 -5.54 -11.22 -14.82
N ASN A 20 -5.78 -9.95 -14.60
CA ASN A 20 -6.02 -9.46 -13.20
C ASN A 20 -6.86 -8.17 -13.21
N THR A 21 -7.34 -7.77 -12.06
CA THR A 21 -8.18 -6.52 -11.99
C THR A 21 -7.43 -5.41 -11.22
N VAL A 22 -8.07 -4.29 -11.02
CA VAL A 22 -7.41 -3.16 -10.28
C VAL A 22 -7.91 -3.11 -8.83
N TRP A 23 -7.01 -3.22 -7.89
CA TRP A 23 -7.40 -3.18 -6.44
C TRP A 23 -6.16 -3.04 -5.55
N LEU A 24 -6.35 -2.70 -4.30
CA LEU A 24 -5.18 -2.54 -3.38
C LEU A 24 -5.59 -2.86 -1.93
N CYS A 25 -4.76 -3.60 -1.22
CA CYS A 25 -5.09 -3.95 0.20
C CYS A 25 -4.61 -2.81 1.11
N TYR A 26 -5.51 -2.19 1.84
CA TYR A 26 -5.09 -1.06 2.73
C TYR A 26 -5.41 -1.35 4.20
N GLU A 27 -4.95 -0.50 5.08
CA GLU A 27 -5.22 -0.68 6.55
C GLU A 27 -5.15 0.67 7.26
N VAL A 28 -6.04 0.91 8.20
CA VAL A 28 -6.02 2.22 8.95
C VAL A 28 -5.59 1.97 10.39
N LYS A 29 -4.41 2.42 10.76
CA LYS A 29 -3.92 2.24 12.14
C LYS A 29 -3.50 3.60 12.73
N THR A 30 -2.70 3.59 13.77
CA THR A 30 -2.27 4.90 14.37
C THR A 30 -0.75 4.99 14.47
N LYS A 31 -0.27 6.19 14.69
CA LYS A 31 1.20 6.44 14.84
C LYS A 31 2.01 5.85 13.68
N GLY A 32 2.51 4.64 13.81
CA GLY A 32 3.31 4.03 12.70
C GLY A 32 4.68 3.59 13.23
N PRO A 33 5.56 4.55 13.39
CA PRO A 33 6.94 4.26 13.89
C PRO A 33 6.91 3.89 15.38
N SER A 34 6.28 4.69 16.20
CA SER A 34 6.22 4.38 17.67
C SER A 34 5.17 3.29 17.93
N ARG A 35 5.45 2.37 18.81
CA ARG A 35 4.48 1.27 19.12
C ARG A 35 3.72 1.55 20.43
N PRO A 36 2.61 2.27 20.34
CA PRO A 36 1.80 2.57 21.55
C PRO A 36 1.00 1.33 21.97
N PRO A 37 0.33 1.42 23.11
CA PRO A 37 -0.51 0.29 23.59
C PRO A 37 -1.75 0.16 22.70
N LEU A 38 -1.61 -0.53 21.59
CA LEU A 38 -2.77 -0.70 20.65
C LEU A 38 -3.75 -1.76 21.15
N ASP A 39 -4.87 -1.87 20.47
CA ASP A 39 -5.91 -2.88 20.85
C ASP A 39 -6.96 -2.98 19.74
N ALA A 40 -7.46 -1.85 19.28
CA ALA A 40 -8.48 -1.84 18.19
C ALA A 40 -8.21 -0.69 17.22
N LYS A 41 -9.26 -0.13 16.63
CA LYS A 41 -9.08 1.02 15.67
C LYS A 41 -8.20 0.62 14.47
N ILE A 42 -8.07 -0.65 14.21
CA ILE A 42 -7.22 -1.10 13.05
C ILE A 42 -8.08 -1.93 12.09
N PHE A 43 -8.34 -1.42 10.91
CA PHE A 43 -9.19 -2.17 9.93
C PHE A 43 -8.57 -2.13 8.53
N ARG A 44 -8.69 -3.20 7.79
CA ARG A 44 -8.12 -3.24 6.41
C ARG A 44 -9.21 -3.58 5.39
N GLY A 45 -9.00 -3.19 4.17
CA GLY A 45 -10.01 -3.49 3.11
C GLY A 45 -9.32 -3.66 1.75
N GLN A 46 -10.05 -3.41 0.68
CA GLN A 46 -9.49 -3.54 -0.69
C GLN A 46 -10.21 -2.57 -1.64
N VAL A 47 -9.94 -2.66 -2.92
CA VAL A 47 -10.62 -1.75 -3.89
C VAL A 47 -11.24 -2.56 -5.04
N TYR A 48 -12.53 -2.77 -5.00
CA TYR A 48 -13.22 -3.56 -6.07
C TYR A 48 -14.72 -3.22 -6.13
N SER A 49 -15.08 -2.00 -5.83
CA SER A 49 -16.53 -1.60 -5.87
C SER A 49 -16.73 -0.39 -6.79
N GLU A 50 -17.95 0.05 -6.94
CA GLU A 50 -18.24 1.23 -7.82
C GLU A 50 -18.84 2.37 -6.99
N ASP A 51 -18.04 3.01 -6.17
CA ASP A 51 -18.55 4.13 -5.32
C ASP A 51 -18.67 5.42 -6.15
N LYS A 52 -19.20 6.47 -5.56
CA LYS A 52 -19.35 7.76 -6.31
C LYS A 52 -17.97 8.32 -6.67
N TYR A 53 -17.07 8.40 -5.71
CA TYR A 53 -15.70 8.92 -5.98
C TYR A 53 -14.78 7.77 -6.42
N HIS A 54 -13.54 8.05 -6.71
CA HIS A 54 -12.60 6.96 -7.10
C HIS A 54 -12.25 6.13 -5.85
N PRO A 55 -11.49 5.07 -6.04
CA PRO A 55 -11.10 4.20 -4.90
C PRO A 55 -10.15 4.91 -3.92
N GLU A 56 -9.71 6.11 -4.22
CA GLU A 56 -8.76 6.81 -3.31
C GLU A 56 -9.47 7.56 -2.17
N MET A 57 -10.26 8.57 -2.48
CA MET A 57 -10.95 9.36 -1.41
C MET A 57 -12.13 8.61 -0.76
N ARG A 58 -12.72 7.62 -1.42
CA ARG A 58 -13.88 6.91 -0.76
C ARG A 58 -13.41 6.24 0.54
N PHE A 59 -12.20 5.72 0.55
CA PHE A 59 -11.65 5.10 1.80
C PHE A 59 -11.30 6.20 2.80
N LEU A 60 -11.04 7.39 2.30
CA LEU A 60 -10.66 8.53 3.16
C LEU A 60 -11.88 9.20 3.81
N SER A 61 -12.93 9.38 3.07
CA SER A 61 -14.16 10.03 3.65
C SER A 61 -14.73 9.22 4.81
N LEU A 62 -14.70 7.90 4.74
CA LEU A 62 -15.22 7.11 5.89
C LEU A 62 -14.36 7.39 7.12
N VAL A 63 -13.11 7.78 6.93
CA VAL A 63 -12.24 8.10 8.11
C VAL A 63 -12.84 9.30 8.82
N SER A 64 -13.36 10.25 8.08
CA SER A 64 -14.00 11.44 8.72
C SER A 64 -15.38 11.04 9.28
N LYS A 65 -16.06 10.13 8.61
CA LYS A 65 -17.40 9.68 9.06
C LYS A 65 -17.31 8.52 10.08
N TRP A 66 -16.13 8.05 10.40
CA TRP A 66 -16.01 6.92 11.39
C TRP A 66 -15.97 7.47 12.83
N LYS A 67 -14.88 8.08 13.22
CA LYS A 67 -14.77 8.63 14.61
C LYS A 67 -13.67 9.70 14.69
N LEU A 68 -13.52 10.52 13.66
CA LEU A 68 -12.47 11.59 13.66
C LEU A 68 -11.08 11.00 13.95
N HIS A 69 -10.13 11.82 14.37
CA HIS A 69 -8.76 11.31 14.66
C HIS A 69 -8.41 11.56 16.13
N ARG A 70 -8.97 10.79 17.03
CA ARG A 70 -8.67 10.96 18.49
C ARG A 70 -7.32 10.34 18.87
N ASP A 71 -6.62 9.72 17.94
CA ASP A 71 -5.31 9.08 18.28
C ASP A 71 -4.13 10.05 18.11
N GLN A 72 -4.40 11.33 17.85
CA GLN A 72 -3.30 12.34 17.66
C GLN A 72 -2.59 12.14 16.31
N GLU A 73 -2.08 10.97 16.06
CA GLU A 73 -1.40 10.70 14.76
C GLU A 73 -1.93 9.38 14.19
N TYR A 74 -2.36 9.38 12.94
CA TYR A 74 -2.89 8.12 12.34
C TYR A 74 -2.01 7.67 11.18
N GLU A 75 -1.82 6.38 11.04
CA GLU A 75 -0.96 5.87 9.93
C GLU A 75 -1.77 4.92 9.04
N VAL A 76 -1.65 5.06 7.75
CA VAL A 76 -2.41 4.16 6.82
C VAL A 76 -1.45 3.49 5.84
N THR A 77 -1.65 2.22 5.57
CA THR A 77 -0.76 1.53 4.60
C THR A 77 -1.57 1.18 3.35
N TRP A 78 -1.06 1.50 2.18
CA TRP A 78 -1.82 1.22 0.93
C TRP A 78 -1.00 0.31 0.00
N TYR A 79 -1.32 -0.96 -0.04
CA TYR A 79 -0.57 -1.90 -0.95
C TYR A 79 -1.29 -1.93 -2.30
N ILE A 80 -0.74 -1.31 -3.31
CA ILE A 80 -1.42 -1.27 -4.64
C ILE A 80 -0.68 -2.15 -5.67
N SER A 81 -1.38 -2.53 -6.71
CA SER A 81 -0.76 -3.40 -7.77
C SER A 81 0.15 -2.56 -8.70
N TRP A 82 -0.40 -1.61 -9.42
CA TRP A 82 0.47 -0.79 -10.33
C TRP A 82 -0.18 0.56 -10.69
N SER A 83 0.08 1.59 -9.91
CA SER A 83 -0.48 2.96 -10.18
C SER A 83 -2.00 2.94 -10.41
N PRO A 84 -2.75 3.26 -9.38
CA PRO A 84 -4.23 3.29 -9.49
C PRO A 84 -4.69 4.60 -10.14
N CYS A 85 -5.05 4.55 -11.41
CA CYS A 85 -5.52 5.77 -12.16
C CYS A 85 -4.52 6.94 -12.00
N THR A 86 -4.05 7.50 -13.07
CA THR A 86 -3.10 8.66 -12.92
C THR A 86 -3.73 9.70 -11.97
N LYS A 87 -5.04 9.80 -12.01
CA LYS A 87 -5.77 10.76 -11.13
C LYS A 87 -5.92 10.22 -9.71
N CYS A 88 -5.86 8.91 -9.47
CA CYS A 88 -5.99 8.46 -8.06
C CYS A 88 -4.65 8.73 -7.37
N ALA A 89 -3.58 8.76 -8.14
CA ALA A 89 -2.24 9.09 -7.56
C ALA A 89 -2.23 10.56 -7.16
N ARG A 90 -2.76 11.44 -8.00
CA ARG A 90 -2.80 12.89 -7.62
C ARG A 90 -3.85 13.07 -6.52
N ASP A 91 -4.99 12.43 -6.69
CA ASP A 91 -6.07 12.51 -5.66
C ASP A 91 -5.57 11.97 -4.30
N MET A 92 -4.61 11.06 -4.33
CA MET A 92 -4.04 10.51 -3.06
C MET A 92 -3.28 11.61 -2.33
N ALA A 93 -2.33 12.23 -2.99
CA ALA A 93 -1.58 13.33 -2.33
C ALA A 93 -2.57 14.43 -1.94
N THR A 94 -3.67 14.52 -2.66
CA THR A 94 -4.71 15.53 -2.35
C THR A 94 -5.34 15.21 -0.98
N PHE A 95 -5.60 13.94 -0.67
CA PHE A 95 -6.19 13.63 0.68
C PHE A 95 -5.13 13.91 1.76
N LEU A 96 -3.93 13.41 1.56
CA LEU A 96 -2.85 13.62 2.56
C LEU A 96 -2.54 15.12 2.73
N GLN A 97 -2.65 15.89 1.68
CA GLN A 97 -2.36 17.36 1.79
C GLN A 97 -3.52 18.10 2.47
N GLU A 98 -4.73 17.61 2.32
CA GLU A 98 -5.90 18.30 2.96
C GLU A 98 -6.17 17.74 4.37
N ASN A 99 -5.64 16.58 4.70
CA ASN A 99 -5.89 16.00 6.06
C ASN A 99 -4.82 16.45 7.06
N THR A 100 -3.56 16.47 6.65
CA THR A 100 -2.43 16.88 7.56
C THR A 100 -2.69 16.42 9.00
N HIS A 101 -2.44 15.16 9.21
CA HIS A 101 -2.66 14.50 10.54
C HIS A 101 -2.45 12.98 10.38
N VAL A 102 -2.65 12.48 9.18
CA VAL A 102 -2.50 11.01 8.90
C VAL A 102 -1.26 10.76 8.01
N THR A 103 -0.64 9.62 8.16
CA THR A 103 0.56 9.30 7.31
C THR A 103 0.15 8.24 6.28
N LEU A 104 0.79 8.24 5.14
CA LEU A 104 0.41 7.28 4.07
C LEU A 104 1.59 6.35 3.72
N THR A 105 1.34 5.07 3.65
CA THR A 105 2.45 4.13 3.26
C THR A 105 2.01 3.34 2.02
N ILE A 106 2.09 3.96 0.86
CA ILE A 106 1.65 3.27 -0.40
C ILE A 106 2.74 2.35 -0.95
N PHE A 107 2.35 1.33 -1.69
CA PHE A 107 3.34 0.38 -2.27
C PHE A 107 3.02 0.09 -3.75
N VAL A 108 4.02 -0.15 -4.54
CA VAL A 108 3.79 -0.46 -5.98
C VAL A 108 4.30 -1.87 -6.30
N ALA A 109 3.55 -2.64 -7.04
CA ALA A 109 3.99 -4.03 -7.36
C ALA A 109 4.53 -4.12 -8.79
N ARG A 110 3.74 -3.80 -9.78
CA ARG A 110 4.21 -3.88 -11.20
C ARG A 110 4.49 -2.47 -11.74
N LEU A 111 5.63 -2.29 -12.36
CA LEU A 111 5.97 -0.94 -12.92
C LEU A 111 6.64 -1.09 -14.30
N TYR A 112 6.09 -0.45 -15.31
CA TYR A 112 6.68 -0.55 -16.68
C TYR A 112 6.34 0.70 -17.51
N TYR A 113 6.40 1.86 -16.91
CA TYR A 113 6.08 3.12 -17.65
C TYR A 113 7.31 3.62 -18.43
N ALA A 114 7.11 4.24 -19.56
CA ALA A 114 8.26 4.75 -20.38
C ALA A 114 7.92 6.13 -20.98
N TRP A 115 8.68 6.56 -21.96
CA TRP A 115 8.45 7.89 -22.62
C TRP A 115 8.54 9.04 -21.58
N ASP A 116 7.42 9.44 -21.02
CA ASP A 116 7.45 10.55 -20.01
C ASP A 116 7.05 10.01 -18.63
N PRO A 117 8.04 9.75 -17.80
CA PRO A 117 7.78 9.22 -16.44
C PRO A 117 7.23 10.33 -15.52
N ASP A 118 5.96 10.64 -15.64
CA ASP A 118 5.36 11.69 -14.77
C ASP A 118 4.68 11.07 -13.55
N TYR A 119 4.52 9.77 -13.51
CA TYR A 119 3.87 9.12 -12.34
C TYR A 119 4.86 9.02 -11.17
N GLN A 120 6.09 8.67 -11.45
CA GLN A 120 7.12 8.57 -10.37
C GLN A 120 7.26 9.91 -9.66
N GLU A 121 7.52 10.97 -10.40
CA GLU A 121 7.65 12.33 -9.77
C GLU A 121 6.35 12.71 -9.05
N ALA A 122 5.22 12.29 -9.56
CA ALA A 122 3.94 12.61 -8.86
C ALA A 122 3.92 11.86 -7.53
N LEU A 123 4.37 10.61 -7.52
CA LEU A 123 4.43 9.85 -6.24
C LEU A 123 5.35 10.60 -5.28
N ARG A 124 6.36 11.29 -5.80
CA ARG A 124 7.25 12.09 -4.93
C ARG A 124 6.39 13.14 -4.23
N SER A 125 5.50 13.75 -4.96
CA SER A 125 4.58 14.78 -4.37
C SER A 125 3.77 14.17 -3.22
N LEU A 126 3.34 12.93 -3.35
CA LEU A 126 2.58 12.28 -2.22
C LEU A 126 3.53 12.19 -1.03
N ALA A 127 4.76 11.82 -1.30
CA ALA A 127 5.79 11.73 -0.23
C ALA A 127 6.08 13.13 0.34
N GLN A 128 5.92 14.15 -0.46
CA GLN A 128 6.17 15.55 0.02
C GLN A 128 5.07 15.94 1.04
N ALA A 129 3.88 15.41 0.86
CA ALA A 129 2.77 15.72 1.81
C ALA A 129 2.92 14.89 3.10
N GLY A 130 3.54 13.74 3.00
CA GLY A 130 3.74 12.87 4.21
C GLY A 130 3.36 11.42 3.88
N ALA A 131 3.69 10.97 2.68
CA ALA A 131 3.35 9.56 2.29
C ALA A 131 4.62 8.77 2.00
N THR A 132 4.52 7.47 1.92
CA THR A 132 5.70 6.62 1.63
C THR A 132 5.39 5.66 0.48
N ILE A 133 6.01 5.83 -0.65
CA ILE A 133 5.74 4.94 -1.81
C ILE A 133 6.97 4.09 -2.11
N LYS A 134 6.91 2.81 -1.86
CA LYS A 134 8.08 1.92 -2.13
C LYS A 134 7.61 0.60 -2.77
N ILE A 135 8.43 -0.02 -3.57
CA ILE A 135 8.03 -1.31 -4.19
C ILE A 135 7.77 -2.33 -3.08
N MET A 136 6.79 -3.19 -3.25
CA MET A 136 6.48 -4.22 -2.20
C MET A 136 7.77 -4.85 -1.67
N ASN A 137 8.06 -4.64 -0.41
CA ASN A 137 9.32 -5.19 0.19
C ASN A 137 9.01 -6.35 1.11
N TYR A 138 9.99 -7.19 1.38
CA TYR A 138 9.77 -8.33 2.32
C TYR A 138 9.16 -7.78 3.62
N ASP A 139 9.49 -6.56 3.96
CA ASP A 139 8.92 -5.93 5.18
C ASP A 139 7.44 -5.57 4.97
N GLU A 140 7.02 -5.29 3.75
CA GLU A 140 5.58 -4.98 3.53
C GLU A 140 4.77 -6.28 3.63
N PHE A 141 5.32 -7.37 3.14
CA PHE A 141 4.60 -8.68 3.25
C PHE A 141 4.59 -9.13 4.70
N GLN A 142 5.73 -9.19 5.34
CA GLN A 142 5.77 -9.61 6.77
C GLN A 142 4.79 -8.75 7.60
N HIS A 143 4.63 -7.50 7.24
CA HIS A 143 3.67 -6.62 7.97
C HIS A 143 2.24 -7.01 7.58
N CYS A 144 1.98 -7.09 6.29
CA CYS A 144 0.61 -7.50 5.82
C CYS A 144 0.33 -8.93 6.30
N TRP A 145 1.36 -9.73 6.43
CA TRP A 145 1.17 -11.12 6.91
C TRP A 145 0.56 -11.09 8.31
N SER A 146 1.08 -10.25 9.18
CA SER A 146 0.49 -10.15 10.55
C SER A 146 -0.92 -9.55 10.48
N LYS A 147 -1.18 -8.71 9.49
CA LYS A 147 -2.54 -8.08 9.38
C LYS A 147 -3.49 -8.98 8.57
N PHE A 148 -3.25 -9.11 7.29
CA PHE A 148 -4.14 -9.96 6.41
C PHE A 148 -4.05 -11.44 6.77
N VAL A 149 -2.88 -11.98 7.00
CA VAL A 149 -2.80 -13.45 7.36
C VAL A 149 -2.99 -13.61 8.87
N TYR A 150 -3.27 -14.81 9.32
CA TYR A 150 -3.46 -15.04 10.78
C TYR A 150 -2.14 -15.57 11.39
N SER A 151 -1.96 -16.87 11.46
CA SER A 151 -0.70 -17.46 12.03
C SER A 151 -0.31 -16.75 13.34
N GLN A 152 -1.28 -16.32 14.12
CA GLN A 152 -0.99 -15.61 15.42
C GLN A 152 -0.08 -14.38 15.21
N GLY A 153 0.00 -13.86 14.01
CA GLY A 153 0.88 -12.68 13.77
C GLY A 153 2.34 -13.10 13.77
N ALA A 154 2.66 -14.17 13.09
CA ALA A 154 4.08 -14.65 13.06
C ALA A 154 4.85 -13.96 11.93
N PRO A 155 6.08 -13.60 12.21
CA PRO A 155 6.92 -12.94 11.18
C PRO A 155 7.34 -13.94 10.11
N PHE A 156 6.56 -14.07 9.06
CA PHE A 156 6.90 -15.04 7.97
C PHE A 156 8.21 -14.64 7.28
N GLN A 157 9.06 -15.60 6.99
CA GLN A 157 10.39 -15.31 6.35
C GLN A 157 10.27 -15.30 4.81
N PRO A 158 11.31 -14.82 4.17
CA PRO A 158 11.34 -14.76 2.68
C PRO A 158 11.42 -16.17 2.08
N TRP A 159 11.05 -16.32 0.84
CA TRP A 159 11.09 -17.68 0.20
C TRP A 159 12.03 -17.69 -1.02
N ASP A 160 11.52 -17.82 -2.23
CA ASP A 160 12.40 -17.88 -3.45
C ASP A 160 12.94 -16.49 -3.83
N GLY A 161 13.71 -15.89 -2.96
CA GLY A 161 14.32 -14.55 -3.25
C GLY A 161 13.28 -13.43 -3.27
N LEU A 162 12.28 -13.47 -2.42
CA LEU A 162 11.25 -12.37 -2.41
C LEU A 162 11.93 -11.00 -2.20
N ASP A 163 12.77 -10.88 -1.19
CA ASP A 163 13.46 -9.58 -0.97
C ASP A 163 14.36 -9.29 -2.16
N GLU A 164 14.85 -10.33 -2.81
CA GLU A 164 15.70 -10.13 -4.01
C GLU A 164 14.82 -9.58 -5.14
N HIS A 165 13.58 -10.00 -5.22
CA HIS A 165 12.68 -9.47 -6.28
C HIS A 165 12.15 -8.09 -5.86
N SER A 166 11.98 -7.86 -4.57
CA SER A 166 11.50 -6.53 -4.12
C SER A 166 12.55 -5.47 -4.43
N GLN A 167 13.81 -5.79 -4.20
CA GLN A 167 14.88 -4.80 -4.51
C GLN A 167 15.09 -4.70 -6.03
N ALA A 168 14.79 -5.75 -6.76
CA ALA A 168 14.95 -5.68 -8.24
C ALA A 168 13.89 -4.72 -8.80
N LEU A 169 12.70 -4.77 -8.26
CA LEU A 169 11.63 -3.83 -8.73
C LEU A 169 11.84 -2.46 -8.11
N SER A 170 12.37 -2.40 -6.90
CA SER A 170 12.64 -1.08 -6.27
C SER A 170 13.70 -0.33 -7.07
N GLY A 171 14.65 -1.04 -7.65
CA GLY A 171 15.67 -0.37 -8.49
C GLY A 171 14.99 0.11 -9.77
N ARG A 172 13.99 -0.61 -10.23
CA ARG A 172 13.26 -0.18 -11.46
C ARG A 172 12.31 0.99 -11.12
N LEU A 173 11.92 1.13 -9.87
CA LEU A 173 11.02 2.25 -9.48
C LEU A 173 11.80 3.57 -9.57
N GLY A 174 13.04 3.57 -9.15
CA GLY A 174 13.86 4.82 -9.24
C GLY A 174 14.29 5.03 -10.69
N GLU A 175 14.44 3.97 -11.44
CA GLU A 175 14.84 4.12 -12.88
C GLU A 175 13.66 4.66 -13.68
N ILE A 176 12.45 4.49 -13.20
CA ILE A 176 11.28 5.04 -13.96
C ILE A 176 11.48 6.56 -14.08
N LEU A 177 11.89 7.20 -13.01
CA LEU A 177 12.13 8.66 -13.03
C LEU A 177 13.57 8.97 -13.54
N ARG A 178 14.50 8.03 -13.44
CA ARG A 178 15.88 8.31 -13.92
C ARG A 178 16.02 7.87 -15.39
N HIS A 179 15.88 6.60 -15.64
CA HIS A 179 15.97 6.07 -17.03
C HIS A 179 14.57 6.07 -17.68
N SER A 180 14.39 5.35 -18.76
CA SER A 180 13.06 5.30 -19.44
C SER A 180 12.58 3.85 -19.57
#